data_6GN2
# 
_entry.id   6GN2 
# 
_audit_conform.dict_name       mmcif_pdbx.dic 
_audit_conform.dict_version    5.393 
_audit_conform.dict_location   http://mmcif.pdb.org/dictionaries/ascii/mmcif_pdbx.dic 
# 
loop_
_database_2.database_id 
_database_2.database_code 
_database_2.pdbx_database_accession 
_database_2.pdbx_DOI 
PDB   6GN2         pdb_00006gn2 10.2210/pdb6gn2/pdb 
WWPDB D_1200010268 ?            ?                   
# 
loop_
_pdbx_audit_revision_history.ordinal 
_pdbx_audit_revision_history.data_content_type 
_pdbx_audit_revision_history.major_revision 
_pdbx_audit_revision_history.minor_revision 
_pdbx_audit_revision_history.revision_date 
1 'Structure model' 1 0 2019-09-11 
2 'Structure model' 1 1 2024-01-17 
3 'Structure model' 1 2 2024-06-12 
# 
_pdbx_audit_revision_details.ordinal             1 
_pdbx_audit_revision_details.revision_ordinal    1 
_pdbx_audit_revision_details.data_content_type   'Structure model' 
_pdbx_audit_revision_details.provider            repository 
_pdbx_audit_revision_details.type                'Initial release' 
_pdbx_audit_revision_details.description         ? 
_pdbx_audit_revision_details.details             ? 
# 
loop_
_pdbx_audit_revision_group.ordinal 
_pdbx_audit_revision_group.revision_ordinal 
_pdbx_audit_revision_group.data_content_type 
_pdbx_audit_revision_group.group 
1 2 'Structure model' 'Data collection'        
2 2 'Structure model' 'Database references'    
3 2 'Structure model' 'Refinement description' 
4 3 'Structure model' 'Database references'    
# 
loop_
_pdbx_audit_revision_category.ordinal 
_pdbx_audit_revision_category.revision_ordinal 
_pdbx_audit_revision_category.data_content_type 
_pdbx_audit_revision_category.category 
1 2 'Structure model' chem_comp_atom                
2 2 'Structure model' chem_comp_bond                
3 2 'Structure model' database_2                    
4 2 'Structure model' pdbx_initial_refinement_model 
5 3 'Structure model' citation                      
6 3 'Structure model' citation_author               
# 
loop_
_pdbx_audit_revision_item.ordinal 
_pdbx_audit_revision_item.revision_ordinal 
_pdbx_audit_revision_item.data_content_type 
_pdbx_audit_revision_item.item 
1  2 'Structure model' '_database_2.pdbx_DOI'                
2  2 'Structure model' '_database_2.pdbx_database_accession' 
3  3 'Structure model' '_citation.journal_abbrev'            
4  3 'Structure model' '_citation.journal_id_CSD'            
5  3 'Structure model' '_citation.journal_id_ISSN'           
6  3 'Structure model' '_citation.journal_volume'            
7  3 'Structure model' '_citation.page_first'                
8  3 'Structure model' '_citation.page_last'                 
9  3 'Structure model' '_citation.pdbx_database_id_DOI'      
10 3 'Structure model' '_citation.pdbx_database_id_PubMed'   
11 3 'Structure model' '_citation.title'                     
12 3 'Structure model' '_citation.year'                      
13 3 'Structure model' '_citation_author.identifier_ORCID'   
# 
_pdbx_database_status.status_code                     REL 
_pdbx_database_status.status_code_sf                  REL 
_pdbx_database_status.status_code_mr                  ? 
_pdbx_database_status.entry_id                        6GN2 
_pdbx_database_status.recvd_initial_deposition_date   2018-05-29 
_pdbx_database_status.SG_entry                        N 
_pdbx_database_status.deposit_site                    PDBE 
_pdbx_database_status.process_site                    PDBE 
_pdbx_database_status.status_code_cs                  ? 
_pdbx_database_status.methods_development_category    ? 
_pdbx_database_status.pdb_format_compatible           Y 
_pdbx_database_status.status_code_nmr_data            ? 
# 
loop_
_audit_author.name 
_audit_author.pdbx_ordinal 
_audit_author.identifier_ORCID 
'Mandal, P.K.'  1 0000-0001-5996-956X 
'Collie, G.W.'  2 ?                   
'Kauffmann, B.' 3 ?                   
'Huc, I.'       4 ?                   
# 
loop_
_citation.abstract 
_citation.abstract_id_CAS 
_citation.book_id_ISBN 
_citation.book_publisher 
_citation.book_publisher_city 
_citation.book_title 
_citation.coordinate_linkage 
_citation.country 
_citation.database_id_Medline 
_citation.details 
_citation.id 
_citation.journal_abbrev 
_citation.journal_id_ASTM 
_citation.journal_id_CSD 
_citation.journal_id_ISSN 
_citation.journal_full 
_citation.journal_issue 
_citation.journal_volume 
_citation.language 
_citation.page_first 
_citation.page_last 
_citation.title 
_citation.year 
_citation.database_id_CSD 
_citation.pdbx_database_id_DOI 
_citation.pdbx_database_id_PubMed 
_citation.unpublished_flag 
? ? ? ? ? ? ? ?  ? ? primary 'Acta Crystallogr D Struct Biol' ? ?    2059-7983 ? ? 78 ? 709   715   
'Racemic crystal structures of A-DNA duplexes.' 2022 ? 10.1107/S2059798322003928 35647918 ? 
? ? ? ? ? ? ? GE ? ? 1       'Angew. Chem. Int. Ed.'          ? 9999 1433-7851 ? ? 53 ? 14424 14427 'Racemic DNA crystallography' 
2014 ? 10.1002/anie.201409014    25358289 ? 
# 
loop_
_citation_author.citation_id 
_citation_author.name 
_citation_author.ordinal 
_citation_author.identifier_ORCID 
primary 'Mandal, P.K.'  1 0000-0001-5996-956X 
primary 'Collie, G.W.'  2 ?                   
primary 'Kauffmann, B.' 3 0000-0002-2932-3255 
primary 'Huc, I.'       4 0000-0001-7036-9696 
1       'Mandal, P.K.'  5 ?                   
1       'Collie, G.W.'  6 ?                   
1       'Kauffmann, B.' 7 ?                   
1       'Huc, I.'       8 ?                   
# 
loop_
_entity.id 
_entity.type 
_entity.src_method 
_entity.pdbx_description 
_entity.formula_weight 
_entity.pdbx_number_of_molecules 
_entity.pdbx_ec 
_entity.pdbx_mutation 
_entity.pdbx_fragment 
_entity.details 
1 polymer     syn 
;DNA (5'-D(*CP*CP*CP*GP*GP*G)-3')
;
1810.205 4  ? ? ? ? 
2 non-polymer syn 'trimethylamine oxide'             75.110   2  ? ? ? ? 
3 water       nat water                              18.015   49 ? ? ? ? 
# 
_entity_poly.entity_id                      1 
_entity_poly.type                           polydeoxyribonucleotide 
_entity_poly.nstd_linkage                   no 
_entity_poly.nstd_monomer                   no 
_entity_poly.pdbx_seq_one_letter_code       '(DC)(DC)(DC)(DG)(DG)(DG)' 
_entity_poly.pdbx_seq_one_letter_code_can   CCCGGG 
_entity_poly.pdbx_strand_id                 A,B,C,D 
_entity_poly.pdbx_target_identifier         ? 
# 
loop_
_pdbx_entity_nonpoly.entity_id 
_pdbx_entity_nonpoly.name 
_pdbx_entity_nonpoly.comp_id 
2 'trimethylamine oxide' TMO 
3 water                  HOH 
# 
loop_
_entity_poly_seq.entity_id 
_entity_poly_seq.num 
_entity_poly_seq.mon_id 
_entity_poly_seq.hetero 
1 1 DC n 
1 2 DC n 
1 3 DC n 
1 4 DG n 
1 5 DG n 
1 6 DG n 
# 
_pdbx_entity_src_syn.entity_id              1 
_pdbx_entity_src_syn.pdbx_src_id            1 
_pdbx_entity_src_syn.pdbx_alt_source_flag   sample 
_pdbx_entity_src_syn.pdbx_beg_seq_num       ? 
_pdbx_entity_src_syn.pdbx_end_seq_num       ? 
_pdbx_entity_src_syn.organism_scientific    'synthetic construct' 
_pdbx_entity_src_syn.organism_common_name   ? 
_pdbx_entity_src_syn.ncbi_taxonomy_id       32630 
_pdbx_entity_src_syn.details                ? 
# 
loop_
_chem_comp.id 
_chem_comp.type 
_chem_comp.mon_nstd_flag 
_chem_comp.name 
_chem_comp.pdbx_synonyms 
_chem_comp.formula 
_chem_comp.formula_weight 
DC  'DNA linking' y "2'-DEOXYCYTIDINE-5'-MONOPHOSPHATE"  ? 'C9 H14 N3 O7 P'  307.197 
DG  'DNA linking' y "2'-DEOXYGUANOSINE-5'-MONOPHOSPHATE" ? 'C10 H14 N5 O7 P' 347.221 
HOH non-polymer   . WATER                                ? 'H2 O'            18.015  
TMO non-polymer   . 'trimethylamine oxide'               ? 'C3 H9 N O'       75.110  
# 
loop_
_pdbx_poly_seq_scheme.asym_id 
_pdbx_poly_seq_scheme.entity_id 
_pdbx_poly_seq_scheme.seq_id 
_pdbx_poly_seq_scheme.mon_id 
_pdbx_poly_seq_scheme.ndb_seq_num 
_pdbx_poly_seq_scheme.pdb_seq_num 
_pdbx_poly_seq_scheme.auth_seq_num 
_pdbx_poly_seq_scheme.pdb_mon_id 
_pdbx_poly_seq_scheme.auth_mon_id 
_pdbx_poly_seq_scheme.pdb_strand_id 
_pdbx_poly_seq_scheme.pdb_ins_code 
_pdbx_poly_seq_scheme.hetero 
A 1 1 DC 1 1  1  DC DC A . n 
A 1 2 DC 2 2  2  DC DC A . n 
A 1 3 DC 3 3  3  DC DC A . n 
A 1 4 DG 4 4  4  DG DG A . n 
A 1 5 DG 5 5  5  DG DG A . n 
A 1 6 DG 6 6  6  DG DG A . n 
B 1 1 DC 1 7  7  DC DC B . n 
B 1 2 DC 2 8  8  DC DC B . n 
B 1 3 DC 3 9  9  DC DC B . n 
B 1 4 DG 4 10 10 DG DG B . n 
B 1 5 DG 5 11 11 DG DG B . n 
B 1 6 DG 6 12 12 DG DG B . n 
C 1 1 DC 1 1  1  DC DC C . n 
C 1 2 DC 2 2  2  DC DC C . n 
C 1 3 DC 3 3  3  DC DC C . n 
C 1 4 DG 4 4  4  DG DG C . n 
C 1 5 DG 5 5  5  DG DG C . n 
C 1 6 DG 6 6  6  DG DG C . n 
D 1 1 DC 1 7  7  DC DC D . n 
D 1 2 DC 2 8  8  DC DC D . n 
D 1 3 DC 3 9  9  DC DC D . n 
D 1 4 DG 4 10 10 DG DG D . n 
D 1 5 DG 5 11 11 DG DG D . n 
D 1 6 DG 6 12 12 DG DG D . n 
# 
loop_
_pdbx_nonpoly_scheme.asym_id 
_pdbx_nonpoly_scheme.entity_id 
_pdbx_nonpoly_scheme.mon_id 
_pdbx_nonpoly_scheme.ndb_seq_num 
_pdbx_nonpoly_scheme.pdb_seq_num 
_pdbx_nonpoly_scheme.auth_seq_num 
_pdbx_nonpoly_scheme.pdb_mon_id 
_pdbx_nonpoly_scheme.auth_mon_id 
_pdbx_nonpoly_scheme.pdb_strand_id 
_pdbx_nonpoly_scheme.pdb_ins_code 
E 2 TMO 1  101 1  TMO TMO B . 
F 2 TMO 1  102 2  TMO TMO B . 
G 3 HOH 1  101 41 HOH HOH A . 
G 3 HOH 2  102 28 HOH HOH A . 
G 3 HOH 3  103 17 HOH HOH A . 
G 3 HOH 4  104 20 HOH HOH A . 
G 3 HOH 5  105 25 HOH HOH A . 
G 3 HOH 6  106 37 HOH HOH A . 
G 3 HOH 7  107 49 HOH HOH A . 
G 3 HOH 8  108 44 HOH HOH A . 
G 3 HOH 9  109 14 HOH HOH A . 
G 3 HOH 10 110 16 HOH HOH A . 
G 3 HOH 11 111 6  HOH HOH A . 
G 3 HOH 12 112 36 HOH HOH A . 
G 3 HOH 13 113 19 HOH HOH A . 
G 3 HOH 14 114 24 HOH HOH A . 
H 3 HOH 1  201 38 HOH HOH B . 
H 3 HOH 2  202 5  HOH HOH B . 
H 3 HOH 3  203 7  HOH HOH B . 
H 3 HOH 4  204 1  HOH HOH B . 
H 3 HOH 5  205 3  HOH HOH B . 
H 3 HOH 6  206 8  HOH HOH B . 
H 3 HOH 7  207 39 HOH HOH B . 
H 3 HOH 8  208 23 HOH HOH B . 
H 3 HOH 9  209 31 HOH HOH B . 
H 3 HOH 10 210 40 HOH HOH B . 
H 3 HOH 11 211 21 HOH HOH B . 
H 3 HOH 12 212 22 HOH HOH B . 
I 3 HOH 1  101 9  HOH HOH C . 
I 3 HOH 2  102 4  HOH HOH C . 
I 3 HOH 3  103 42 HOH HOH C . 
I 3 HOH 4  104 11 HOH HOH C . 
I 3 HOH 5  105 13 HOH HOH C . 
I 3 HOH 6  106 32 HOH HOH C . 
I 3 HOH 7  107 46 HOH HOH C . 
I 3 HOH 8  108 43 HOH HOH C . 
I 3 HOH 9  109 18 HOH HOH C . 
J 3 HOH 1  101 27 HOH HOH D . 
J 3 HOH 2  102 45 HOH HOH D . 
J 3 HOH 3  103 12 HOH HOH D . 
J 3 HOH 4  104 2  HOH HOH D . 
J 3 HOH 5  105 15 HOH HOH D . 
J 3 HOH 6  106 10 HOH HOH D . 
J 3 HOH 7  107 47 HOH HOH D . 
J 3 HOH 8  108 35 HOH HOH D . 
J 3 HOH 9  109 26 HOH HOH D . 
J 3 HOH 10 110 30 HOH HOH D . 
J 3 HOH 11 111 29 HOH HOH D . 
J 3 HOH 12 112 34 HOH HOH D . 
J 3 HOH 13 113 33 HOH HOH D . 
J 3 HOH 14 114 48 HOH HOH D . 
# 
loop_
_software.citation_id 
_software.classification 
_software.compiler_name 
_software.compiler_version 
_software.contact_author 
_software.contact_author_email 
_software.date 
_software.description 
_software.dependencies 
_software.hardware 
_software.language 
_software.location 
_software.mods 
_software.name 
_software.os 
_software.os_version 
_software.type 
_software.version 
_software.pdbx_ordinal 
? refinement       ? ? ? ? ? ? ? ? ? ? ? PHENIX ? ? ? '(1.10.1_2155: ???)' 1 
? 'data reduction' ? ? ? ? ? ? ? ? ? ? ? XDS    ? ? ? .                    2 
? 'data scaling'   ? ? ? ? ? ? ? ? ? ? ? XDS    ? ? ? .                    3 
? phasing          ? ? ? ? ? ? ? ? ? ? ? PHASER ? ? ? .                    4 
# 
_cell.angle_alpha                  90.00 
_cell.angle_alpha_esd              ? 
_cell.angle_beta                   90.00 
_cell.angle_beta_esd               ? 
_cell.angle_gamma                  120.00 
_cell.angle_gamma_esd              ? 
_cell.entry_id                     6GN2 
_cell.details                      ? 
_cell.formula_units_Z              ? 
_cell.length_a                     105.413 
_cell.length_a_esd                 ? 
_cell.length_b                     105.413 
_cell.length_b_esd                 ? 
_cell.length_c                     56.131 
_cell.length_c_esd                 ? 
_cell.volume                       ? 
_cell.volume_esd                   ? 
_cell.Z_PDB                        72 
_cell.reciprocal_angle_alpha       ? 
_cell.reciprocal_angle_beta        ? 
_cell.reciprocal_angle_gamma       ? 
_cell.reciprocal_angle_alpha_esd   ? 
_cell.reciprocal_angle_beta_esd    ? 
_cell.reciprocal_angle_gamma_esd   ? 
_cell.reciprocal_length_a          ? 
_cell.reciprocal_length_b          ? 
_cell.reciprocal_length_c          ? 
_cell.reciprocal_length_a_esd      ? 
_cell.reciprocal_length_b_esd      ? 
_cell.reciprocal_length_c_esd      ? 
_cell.pdbx_unique_axis             ? 
# 
_symmetry.entry_id                         6GN2 
_symmetry.cell_setting                     ? 
_symmetry.Int_Tables_number                148 
_symmetry.space_group_name_Hall            ? 
_symmetry.space_group_name_H-M             'H -3' 
_symmetry.pdbx_full_space_group_name_H-M   ? 
# 
_exptl.absorpt_coefficient_mu     ? 
_exptl.absorpt_correction_T_max   ? 
_exptl.absorpt_correction_T_min   ? 
_exptl.absorpt_correction_type    ? 
_exptl.absorpt_process_details    ? 
_exptl.entry_id                   6GN2 
_exptl.crystals_number            1 
_exptl.details                    ? 
_exptl.method                     'X-RAY DIFFRACTION' 
_exptl.method_details             ? 
# 
_exptl_crystal.colour                      ? 
_exptl_crystal.density_diffrn              ? 
_exptl_crystal.density_Matthews            4.14 
_exptl_crystal.density_method              ? 
_exptl_crystal.density_percent_sol         70.32 
_exptl_crystal.description                 ? 
_exptl_crystal.F_000                       ? 
_exptl_crystal.id                          1 
_exptl_crystal.preparation                 ? 
_exptl_crystal.size_max                    ? 
_exptl_crystal.size_mid                    ? 
_exptl_crystal.size_min                    ? 
_exptl_crystal.size_rad                    ? 
_exptl_crystal.colour_lustre               ? 
_exptl_crystal.colour_modifier             ? 
_exptl_crystal.colour_primary              ? 
_exptl_crystal.density_meas                ? 
_exptl_crystal.density_meas_esd            ? 
_exptl_crystal.density_meas_gt             ? 
_exptl_crystal.density_meas_lt             ? 
_exptl_crystal.density_meas_temp           ? 
_exptl_crystal.density_meas_temp_esd       ? 
_exptl_crystal.density_meas_temp_gt        ? 
_exptl_crystal.density_meas_temp_lt        ? 
_exptl_crystal.pdbx_crystal_image_url      ? 
_exptl_crystal.pdbx_crystal_image_format   ? 
_exptl_crystal.pdbx_mosaicity              ? 
_exptl_crystal.pdbx_mosaicity_esd          ? 
# 
_exptl_crystal_grow.apparatus       ? 
_exptl_crystal_grow.atmosphere      ? 
_exptl_crystal_grow.crystal_id      1 
_exptl_crystal_grow.details         ? 
_exptl_crystal_grow.method          'VAPOR DIFFUSION, HANGING DROP' 
_exptl_crystal_grow.method_ref      ? 
_exptl_crystal_grow.pH              8.5 
_exptl_crystal_grow.pressure        ? 
_exptl_crystal_grow.pressure_esd    ? 
_exptl_crystal_grow.seeding         ? 
_exptl_crystal_grow.seeding_ref     ? 
_exptl_crystal_grow.temp            293 
_exptl_crystal_grow.temp_details    ? 
_exptl_crystal_grow.temp_esd        ? 
_exptl_crystal_grow.time            ? 
_exptl_crystal_grow.pdbx_details    'Ammonium sulfate, Tris' 
_exptl_crystal_grow.pdbx_pH_range   8.5 
# 
_diffrn.ambient_environment    ? 
_diffrn.ambient_temp           150 
_diffrn.ambient_temp_details   ? 
_diffrn.ambient_temp_esd       ? 
_diffrn.crystal_id             1 
_diffrn.crystal_support        ? 
_diffrn.crystal_treatment      ? 
_diffrn.details                ? 
_diffrn.id                     1 
_diffrn.ambient_pressure       ? 
_diffrn.ambient_pressure_esd   ? 
_diffrn.ambient_pressure_gt    ? 
_diffrn.ambient_pressure_lt    ? 
_diffrn.ambient_temp_gt        ? 
_diffrn.ambient_temp_lt        ? 
# 
_diffrn_detector.details                      ? 
_diffrn_detector.detector                     PIXEL 
_diffrn_detector.diffrn_id                    1 
_diffrn_detector.type                         'DECTRIS PILATUS 200K' 
_diffrn_detector.area_resol_mean              ? 
_diffrn_detector.dtime                        ? 
_diffrn_detector.pdbx_frames_total            ? 
_diffrn_detector.pdbx_collection_time_total   ? 
_diffrn_detector.pdbx_collection_date         2015-07-02 
# 
_diffrn_radiation.collimation                      ? 
_diffrn_radiation.diffrn_id                        1 
_diffrn_radiation.filter_edge                      ? 
_diffrn_radiation.inhomogeneity                    ? 
_diffrn_radiation.monochromator                    ? 
_diffrn_radiation.polarisn_norm                    ? 
_diffrn_radiation.polarisn_ratio                   ? 
_diffrn_radiation.probe                            ? 
_diffrn_radiation.type                             ? 
_diffrn_radiation.xray_symbol                      ? 
_diffrn_radiation.wavelength_id                    1 
_diffrn_radiation.pdbx_monochromatic_or_laue_m_l   M 
_diffrn_radiation.pdbx_wavelength_list             ? 
_diffrn_radiation.pdbx_wavelength                  ? 
_diffrn_radiation.pdbx_diffrn_protocol             'SINGLE WAVELENGTH' 
_diffrn_radiation.pdbx_analyzer                    ? 
_diffrn_radiation.pdbx_scattering_type             x-ray 
# 
_diffrn_radiation_wavelength.id           1 
_diffrn_radiation_wavelength.wavelength   1.5417 
_diffrn_radiation_wavelength.wt           1.0 
# 
_diffrn_source.current                     ? 
_diffrn_source.details                     ? 
_diffrn_source.diffrn_id                   1 
_diffrn_source.power                       ? 
_diffrn_source.size                        ? 
_diffrn_source.source                      'ROTATING ANODE' 
_diffrn_source.target                      ? 
_diffrn_source.type                        'RIGAKU FR-X' 
_diffrn_source.voltage                     ? 
_diffrn_source.take-off_angle              ? 
_diffrn_source.pdbx_wavelength_list        1.5417 
_diffrn_source.pdbx_wavelength             ? 
_diffrn_source.pdbx_synchrotron_beamline   ? 
_diffrn_source.pdbx_synchrotron_site       ? 
# 
_reflns.B_iso_Wilson_estimate            49.67 
_reflns.entry_id                         6GN2 
_reflns.data_reduction_details           ? 
_reflns.data_reduction_method            ? 
_reflns.d_resolution_high                2.48 
_reflns.d_resolution_low                 23.91 
_reflns.details                          ? 
_reflns.limit_h_max                      ? 
_reflns.limit_h_min                      ? 
_reflns.limit_k_max                      ? 
_reflns.limit_k_min                      ? 
_reflns.limit_l_max                      ? 
_reflns.limit_l_min                      ? 
_reflns.number_all                       ? 
_reflns.number_obs                       8101 
_reflns.observed_criterion               ? 
_reflns.observed_criterion_F_max         ? 
_reflns.observed_criterion_F_min         ? 
_reflns.observed_criterion_I_max         ? 
_reflns.observed_criterion_I_min         ? 
_reflns.observed_criterion_sigma_F       ? 
_reflns.observed_criterion_sigma_I       ? 
_reflns.percent_possible_obs             97 
_reflns.R_free_details                   ? 
_reflns.Rmerge_F_all                     ? 
_reflns.Rmerge_F_obs                     ? 
_reflns.Friedel_coverage                 ? 
_reflns.number_gt                        ? 
_reflns.threshold_expression             ? 
_reflns.pdbx_redundancy                  1.9 
_reflns.pdbx_Rmerge_I_obs                0.0574 
_reflns.pdbx_Rmerge_I_all                ? 
_reflns.pdbx_Rsym_value                  ? 
_reflns.pdbx_netI_over_av_sigmaI         ? 
_reflns.pdbx_netI_over_sigmaI            10.71 
_reflns.pdbx_res_netI_over_av_sigmaI_2   ? 
_reflns.pdbx_res_netI_over_sigmaI_2      ? 
_reflns.pdbx_chi_squared                 ? 
_reflns.pdbx_scaling_rejects             ? 
_reflns.pdbx_d_res_high_opt              ? 
_reflns.pdbx_d_res_low_opt               ? 
_reflns.pdbx_d_res_opt_method            ? 
_reflns.phase_calculation_details        ? 
_reflns.pdbx_Rrim_I_all                  0.08117 
_reflns.pdbx_Rpim_I_all                  ? 
_reflns.pdbx_d_opt                       ? 
_reflns.pdbx_number_measured_all         ? 
_reflns.pdbx_diffrn_id                   1 
_reflns.pdbx_ordinal                     1 
_reflns.pdbx_CC_half                     0.997 
_reflns.pdbx_R_split                     ? 
# 
_reflns_shell.d_res_high                  2.48 
_reflns_shell.d_res_low                   2.57 
_reflns_shell.meanI_over_sigI_all         ? 
_reflns_shell.meanI_over_sigI_obs         2.02 
_reflns_shell.number_measured_all         ? 
_reflns_shell.number_measured_obs         ? 
_reflns_shell.number_possible             ? 
_reflns_shell.number_unique_all           ? 
_reflns_shell.number_unique_obs           729 
_reflns_shell.percent_possible_all        89 
_reflns_shell.percent_possible_obs        ? 
_reflns_shell.Rmerge_F_all                ? 
_reflns_shell.Rmerge_F_obs                ? 
_reflns_shell.Rmerge_I_all                ? 
_reflns_shell.Rmerge_I_obs                0.4249 
_reflns_shell.meanI_over_sigI_gt          ? 
_reflns_shell.meanI_over_uI_all           ? 
_reflns_shell.meanI_over_uI_gt            ? 
_reflns_shell.number_measured_gt          ? 
_reflns_shell.number_unique_gt            ? 
_reflns_shell.percent_possible_gt         ? 
_reflns_shell.Rmerge_F_gt                 ? 
_reflns_shell.Rmerge_I_gt                 ? 
_reflns_shell.pdbx_redundancy             1.8 
_reflns_shell.pdbx_Rsym_value             ? 
_reflns_shell.pdbx_chi_squared            ? 
_reflns_shell.pdbx_netI_over_sigmaI_all   ? 
_reflns_shell.pdbx_netI_over_sigmaI_obs   ? 
_reflns_shell.pdbx_Rrim_I_all             0.6009 
_reflns_shell.pdbx_Rpim_I_all             ? 
_reflns_shell.pdbx_rejects                ? 
_reflns_shell.pdbx_ordinal                1 
_reflns_shell.pdbx_diffrn_id              1 
_reflns_shell.pdbx_CC_half                0.926 
_reflns_shell.pdbx_R_split                ? 
# 
_refine.aniso_B[1][1]                            ? 
_refine.aniso_B[1][2]                            ? 
_refine.aniso_B[1][3]                            ? 
_refine.aniso_B[2][2]                            ? 
_refine.aniso_B[2][3]                            ? 
_refine.aniso_B[3][3]                            ? 
_refine.B_iso_max                                ? 
_refine.B_iso_mean                               34.27 
_refine.B_iso_min                                ? 
_refine.correlation_coeff_Fo_to_Fc               ? 
_refine.correlation_coeff_Fo_to_Fc_free          ? 
_refine.details                                  ? 
_refine.diff_density_max                         ? 
_refine.diff_density_max_esd                     ? 
_refine.diff_density_min                         ? 
_refine.diff_density_min_esd                     ? 
_refine.diff_density_rms                         ? 
_refine.diff_density_rms_esd                     ? 
_refine.entry_id                                 6GN2 
_refine.pdbx_refine_id                           'X-RAY DIFFRACTION' 
_refine.ls_abs_structure_details                 ? 
_refine.ls_abs_structure_Flack                   ? 
_refine.ls_abs_structure_Flack_esd               ? 
_refine.ls_abs_structure_Rogers                  ? 
_refine.ls_abs_structure_Rogers_esd              ? 
_refine.ls_d_res_high                            2.480 
_refine.ls_d_res_low                             23.91 
_refine.ls_extinction_coef                       ? 
_refine.ls_extinction_coef_esd                   ? 
_refine.ls_extinction_expression                 ? 
_refine.ls_extinction_method                     ? 
_refine.ls_goodness_of_fit_all                   ? 
_refine.ls_goodness_of_fit_all_esd               ? 
_refine.ls_goodness_of_fit_obs                   ? 
_refine.ls_goodness_of_fit_obs_esd               ? 
_refine.ls_hydrogen_treatment                    ? 
_refine.ls_matrix_type                           ? 
_refine.ls_number_constraints                    ? 
_refine.ls_number_parameters                     ? 
_refine.ls_number_reflns_all                     ? 
_refine.ls_number_reflns_obs                     7997 
_refine.ls_number_reflns_R_free                  809 
_refine.ls_number_reflns_R_work                  ? 
_refine.ls_number_restraints                     ? 
_refine.ls_percent_reflns_obs                    97.11 
_refine.ls_percent_reflns_R_free                 10.12 
_refine.ls_R_factor_all                          ? 
_refine.ls_R_factor_obs                          0.2601 
_refine.ls_R_factor_R_free                       0.2723 
_refine.ls_R_factor_R_free_error                 ? 
_refine.ls_R_factor_R_free_error_details         ? 
_refine.ls_R_factor_R_work                       0.2586 
_refine.ls_R_Fsqd_factor_obs                     ? 
_refine.ls_R_I_factor_obs                        ? 
_refine.ls_redundancy_reflns_all                 ? 
_refine.ls_redundancy_reflns_obs                 ? 
_refine.ls_restrained_S_all                      ? 
_refine.ls_restrained_S_obs                      ? 
_refine.ls_shift_over_esd_max                    ? 
_refine.ls_shift_over_esd_mean                   ? 
_refine.ls_structure_factor_coef                 ? 
_refine.ls_weighting_details                     ? 
_refine.ls_weighting_scheme                      ? 
_refine.ls_wR_factor_all                         ? 
_refine.ls_wR_factor_obs                         ? 
_refine.ls_wR_factor_R_free                      ? 
_refine.ls_wR_factor_R_work                      ? 
_refine.occupancy_max                            ? 
_refine.occupancy_min                            ? 
_refine.solvent_model_details                    ? 
_refine.solvent_model_param_bsol                 ? 
_refine.solvent_model_param_ksol                 ? 
_refine.ls_R_factor_gt                           ? 
_refine.ls_goodness_of_fit_gt                    ? 
_refine.ls_goodness_of_fit_ref                   ? 
_refine.ls_shift_over_su_max                     ? 
_refine.ls_shift_over_su_max_lt                  ? 
_refine.ls_shift_over_su_mean                    ? 
_refine.ls_shift_over_su_mean_lt                 ? 
_refine.pdbx_ls_sigma_I                          ? 
_refine.pdbx_ls_sigma_F                          1.33 
_refine.pdbx_ls_sigma_Fsqd                       ? 
_refine.pdbx_data_cutoff_high_absF               ? 
_refine.pdbx_data_cutoff_high_rms_absF           ? 
_refine.pdbx_data_cutoff_low_absF                ? 
_refine.pdbx_isotropic_thermal_model             ? 
_refine.pdbx_ls_cross_valid_method               'FREE R-VALUE' 
_refine.pdbx_method_to_determine_struct          'MOLECULAR REPLACEMENT' 
_refine.pdbx_starting_model                      1VT5 
_refine.pdbx_stereochemistry_target_values       ? 
_refine.pdbx_R_Free_selection_details            ? 
_refine.pdbx_stereochem_target_val_spec_case     ? 
_refine.pdbx_overall_ESU_R                       ? 
_refine.pdbx_overall_ESU_R_Free                  ? 
_refine.pdbx_solvent_vdw_probe_radii             1.11 
_refine.pdbx_solvent_ion_probe_radii             ? 
_refine.pdbx_solvent_shrinkage_radii             0.90 
_refine.pdbx_real_space_R                        ? 
_refine.pdbx_density_correlation                 ? 
_refine.pdbx_pd_number_of_powder_patterns        ? 
_refine.pdbx_pd_number_of_points                 ? 
_refine.pdbx_pd_meas_number_of_points            ? 
_refine.pdbx_pd_proc_ls_prof_R_factor            ? 
_refine.pdbx_pd_proc_ls_prof_wR_factor           ? 
_refine.pdbx_pd_Marquardt_correlation_coeff      ? 
_refine.pdbx_pd_Fsqrd_R_factor                   ? 
_refine.pdbx_pd_ls_matrix_band_width             ? 
_refine.pdbx_overall_phase_error                 24.67 
_refine.pdbx_overall_SU_R_free_Cruickshank_DPI   ? 
_refine.pdbx_overall_SU_R_free_Blow_DPI          ? 
_refine.pdbx_overall_SU_R_Blow_DPI               ? 
_refine.pdbx_TLS_residual_ADP_flag               ? 
_refine.pdbx_diffrn_id                           1 
_refine.overall_SU_B                             ? 
_refine.overall_SU_ML                            0.12 
_refine.overall_SU_R_Cruickshank_DPI             ? 
_refine.overall_SU_R_free                        ? 
_refine.overall_FOM_free_R_set                   ? 
_refine.overall_FOM_work_R_set                   ? 
_refine.pdbx_average_fsc_overall                 ? 
_refine.pdbx_average_fsc_work                    ? 
_refine.pdbx_average_fsc_free                    ? 
# 
_refine_hist.pdbx_refine_id                   'X-RAY DIFFRACTION' 
_refine_hist.cycle_id                         LAST 
_refine_hist.pdbx_number_atoms_protein        0 
_refine_hist.pdbx_number_atoms_nucleic_acid   480 
_refine_hist.pdbx_number_atoms_ligand         10 
_refine_hist.number_atoms_solvent             49 
_refine_hist.number_atoms_total               539 
_refine_hist.d_res_high                       2.480 
_refine_hist.d_res_low                        23.91 
# 
loop_
_refine_ls_restr.pdbx_refine_id 
_refine_ls_restr.criterion 
_refine_ls_restr.dev_ideal 
_refine_ls_restr.dev_ideal_target 
_refine_ls_restr.number 
_refine_ls_restr.rejects 
_refine_ls_restr.type 
_refine_ls_restr.weight 
_refine_ls_restr.pdbx_restraint_function 
'X-RAY DIFFRACTION' ? 0.003  ? 544 ? f_bond_d           ? ? 
'X-RAY DIFFRACTION' ? 0.392  ? 832 ? f_angle_d          ? ? 
'X-RAY DIFFRACTION' ? 12.629 ? 224 ? f_dihedral_angle_d ? ? 
'X-RAY DIFFRACTION' ? 0.014  ? 92  ? f_chiral_restr     ? ? 
'X-RAY DIFFRACTION' ? 0.001  ? 24  ? f_plane_restr      ? ? 
# 
loop_
_refine_ls_shell.pdbx_refine_id 
_refine_ls_shell.d_res_high 
_refine_ls_shell.d_res_low 
_refine_ls_shell.number_reflns_all 
_refine_ls_shell.number_reflns_obs 
_refine_ls_shell.number_reflns_R_free 
_refine_ls_shell.number_reflns_R_work 
_refine_ls_shell.percent_reflns_obs 
_refine_ls_shell.percent_reflns_R_free 
_refine_ls_shell.R_factor_all 
_refine_ls_shell.R_factor_obs 
_refine_ls_shell.R_factor_R_free 
_refine_ls_shell.R_factor_R_free_error 
_refine_ls_shell.R_factor_R_work 
_refine_ls_shell.redundancy_reflns_all 
_refine_ls_shell.redundancy_reflns_obs 
_refine_ls_shell.wR_factor_all 
_refine_ls_shell.wR_factor_obs 
_refine_ls_shell.wR_factor_R_free 
_refine_ls_shell.wR_factor_R_work 
_refine_ls_shell.pdbx_total_number_of_bins_used 
_refine_ls_shell.pdbx_phase_error 
_refine_ls_shell.pdbx_fsc_work 
_refine_ls_shell.pdbx_fsc_free 
'X-RAY DIFFRACTION' 2.4801 2.6354  . . 125 1126 92.00 . . . 0.4340 . 0.3732 . . . . . . . . . . 
'X-RAY DIFFRACTION' 2.6354 2.8386  . . 142 1232 99.00 . . . 0.3384 . 0.3964 . . . . . . . . . . 
'X-RAY DIFFRACTION' 2.8386 3.1239  . . 132 1220 99.00 . . . 0.3638 . 0.3139 . . . . . . . . . . 
'X-RAY DIFFRACTION' 3.1239 3.5750  . . 141 1203 97.00 . . . 0.3056 . 0.2407 . . . . . . . . . . 
'X-RAY DIFFRACTION' 3.5750 4.5004  . . 136 1204 98.00 . . . 0.2127 . 0.2174 . . . . . . . . . . 
'X-RAY DIFFRACTION' 4.5004 26.3547 . . 133 1203 97.00 . . . 0.2006 . 0.2142 . . . . . . . . . . 
# 
_struct.entry_id                     6GN2 
_struct.title                        'Racemic crystal structure of A-DNA duplex formed from d(CCCGGG) in space group R3' 
_struct.pdbx_model_details           ? 
_struct.pdbx_formula_weight          ? 
_struct.pdbx_formula_weight_method   ? 
_struct.pdbx_model_type_details      ? 
_struct.pdbx_CASP_flag               N 
# 
_struct_keywords.entry_id        6GN2 
_struct_keywords.text            'Racemate, DNA' 
_struct_keywords.pdbx_keywords   DNA 
# 
loop_
_struct_asym.id 
_struct_asym.pdbx_blank_PDB_chainid_flag 
_struct_asym.pdbx_modified 
_struct_asym.entity_id 
_struct_asym.details 
A N N 1 ? 
B N N 1 ? 
C N N 1 ? 
D N N 1 ? 
E N N 2 ? 
F N N 2 ? 
G N N 3 ? 
H N N 3 ? 
I N N 3 ? 
J N N 3 ? 
# 
_struct_ref.id                         1 
_struct_ref.db_name                    PDB 
_struct_ref.db_code                    6GN2 
_struct_ref.pdbx_db_accession          6GN2 
_struct_ref.pdbx_db_isoform            ? 
_struct_ref.entity_id                  1 
_struct_ref.pdbx_seq_one_letter_code   ? 
_struct_ref.pdbx_align_begin           1 
# 
loop_
_struct_ref_seq.align_id 
_struct_ref_seq.ref_id 
_struct_ref_seq.pdbx_PDB_id_code 
_struct_ref_seq.pdbx_strand_id 
_struct_ref_seq.seq_align_beg 
_struct_ref_seq.pdbx_seq_align_beg_ins_code 
_struct_ref_seq.seq_align_end 
_struct_ref_seq.pdbx_seq_align_end_ins_code 
_struct_ref_seq.pdbx_db_accession 
_struct_ref_seq.db_align_beg 
_struct_ref_seq.pdbx_db_align_beg_ins_code 
_struct_ref_seq.db_align_end 
_struct_ref_seq.pdbx_db_align_end_ins_code 
_struct_ref_seq.pdbx_auth_seq_align_beg 
_struct_ref_seq.pdbx_auth_seq_align_end 
1 1 6GN2 A 1 ? 6 ? 6GN2 1 ? 6  ? 1 6  
2 1 6GN2 B 1 ? 6 ? 6GN2 7 ? 12 ? 7 12 
3 1 6GN2 C 1 ? 6 ? 6GN2 1 ? 6  ? 1 6  
4 1 6GN2 D 1 ? 6 ? 6GN2 7 ? 12 ? 7 12 
# 
loop_
_pdbx_struct_assembly.id 
_pdbx_struct_assembly.details 
_pdbx_struct_assembly.method_details 
_pdbx_struct_assembly.oligomeric_details 
_pdbx_struct_assembly.oligomeric_count 
1 author_defined_assembly ? dimeric 2 
2 author_defined_assembly ? dimeric 2 
# 
loop_
_pdbx_struct_assembly_gen.assembly_id 
_pdbx_struct_assembly_gen.oper_expression 
_pdbx_struct_assembly_gen.asym_id_list 
1 1 A,B,E,F,G,H 
2 1 C,D,I,J     
# 
_pdbx_struct_assembly_auth_evidence.id                     1 
_pdbx_struct_assembly_auth_evidence.assembly_id            1 
_pdbx_struct_assembly_auth_evidence.experimental_support   none 
_pdbx_struct_assembly_auth_evidence.details                ? 
# 
_pdbx_struct_oper_list.id                   1 
_pdbx_struct_oper_list.type                 'identity operation' 
_pdbx_struct_oper_list.name                 1_555 
_pdbx_struct_oper_list.symmetry_operation   x,y,z 
_pdbx_struct_oper_list.matrix[1][1]         1.0000000000 
_pdbx_struct_oper_list.matrix[1][2]         0.0000000000 
_pdbx_struct_oper_list.matrix[1][3]         0.0000000000 
_pdbx_struct_oper_list.vector[1]            0.0000000000 
_pdbx_struct_oper_list.matrix[2][1]         0.0000000000 
_pdbx_struct_oper_list.matrix[2][2]         1.0000000000 
_pdbx_struct_oper_list.matrix[2][3]         0.0000000000 
_pdbx_struct_oper_list.vector[2]            0.0000000000 
_pdbx_struct_oper_list.matrix[3][1]         0.0000000000 
_pdbx_struct_oper_list.matrix[3][2]         0.0000000000 
_pdbx_struct_oper_list.matrix[3][3]         1.0000000000 
_pdbx_struct_oper_list.vector[3]            0.0000000000 
# 
loop_
_struct_conn.id 
_struct_conn.conn_type_id 
_struct_conn.pdbx_leaving_atom_flag 
_struct_conn.pdbx_PDB_id 
_struct_conn.ptnr1_label_asym_id 
_struct_conn.ptnr1_label_comp_id 
_struct_conn.ptnr1_label_seq_id 
_struct_conn.ptnr1_label_atom_id 
_struct_conn.pdbx_ptnr1_label_alt_id 
_struct_conn.pdbx_ptnr1_PDB_ins_code 
_struct_conn.pdbx_ptnr1_standard_comp_id 
_struct_conn.ptnr1_symmetry 
_struct_conn.ptnr2_label_asym_id 
_struct_conn.ptnr2_label_comp_id 
_struct_conn.ptnr2_label_seq_id 
_struct_conn.ptnr2_label_atom_id 
_struct_conn.pdbx_ptnr2_label_alt_id 
_struct_conn.pdbx_ptnr2_PDB_ins_code 
_struct_conn.ptnr1_auth_asym_id 
_struct_conn.ptnr1_auth_comp_id 
_struct_conn.ptnr1_auth_seq_id 
_struct_conn.ptnr2_auth_asym_id 
_struct_conn.ptnr2_auth_comp_id 
_struct_conn.ptnr2_auth_seq_id 
_struct_conn.ptnr2_symmetry 
_struct_conn.pdbx_ptnr3_label_atom_id 
_struct_conn.pdbx_ptnr3_label_seq_id 
_struct_conn.pdbx_ptnr3_label_comp_id 
_struct_conn.pdbx_ptnr3_label_asym_id 
_struct_conn.pdbx_ptnr3_label_alt_id 
_struct_conn.pdbx_ptnr3_PDB_ins_code 
_struct_conn.details 
_struct_conn.pdbx_dist_value 
_struct_conn.pdbx_value_order 
_struct_conn.pdbx_role 
hydrog1  hydrog ? ? A DC 1 N3 ? ? ? 1_555 B DG 6 N1 ? ? A DC 1  B DG 12 1_555 ? ? ? ? ? ? WATSON-CRICK    ? ? ? 
hydrog2  hydrog ? ? A DC 1 N4 ? ? ? 1_555 B DG 6 O6 ? ? A DC 1  B DG 12 1_555 ? ? ? ? ? ? WATSON-CRICK    ? ? ? 
hydrog3  hydrog ? ? A DC 1 O2 ? ? ? 1_555 B DG 6 N2 ? ? A DC 1  B DG 12 1_555 ? ? ? ? ? ? WATSON-CRICK    ? ? ? 
hydrog4  hydrog ? ? A DC 1 O2 ? ? ? 1_555 D DG 5 N2 ? ? A DC 1  D DG 11 1_555 ? ? ? ? ? ? 'DC-DG PAIR'    ? ? ? 
hydrog5  hydrog ? ? A DC 2 N3 ? ? ? 1_555 B DG 5 N1 ? ? A DC 2  B DG 11 1_555 ? ? ? ? ? ? WATSON-CRICK    ? ? ? 
hydrog6  hydrog ? ? A DC 2 N4 ? ? ? 1_555 B DG 5 O6 ? ? A DC 2  B DG 11 1_555 ? ? ? ? ? ? WATSON-CRICK    ? ? ? 
hydrog7  hydrog ? ? A DC 2 O2 ? ? ? 1_555 B DG 5 N2 ? ? A DC 2  B DG 11 1_555 ? ? ? ? ? ? WATSON-CRICK    ? ? ? 
hydrog8  hydrog ? ? A DC 3 N3 ? ? ? 1_555 B DG 4 N1 ? ? A DC 3  B DG 10 1_555 ? ? ? ? ? ? WATSON-CRICK    ? ? ? 
hydrog9  hydrog ? ? A DC 3 N4 ? ? ? 1_555 B DG 4 O6 ? ? A DC 3  B DG 10 1_555 ? ? ? ? ? ? WATSON-CRICK    ? ? ? 
hydrog10 hydrog ? ? A DC 3 O2 ? ? ? 1_555 B DG 4 N2 ? ? A DC 3  B DG 10 1_555 ? ? ? ? ? ? WATSON-CRICK    ? ? ? 
hydrog11 hydrog ? ? A DG 4 N1 ? ? ? 1_555 B DC 3 N3 ? ? A DG 4  B DC 9  1_555 ? ? ? ? ? ? WATSON-CRICK    ? ? ? 
hydrog12 hydrog ? ? A DG 4 N2 ? ? ? 1_555 B DC 3 O2 ? ? A DG 4  B DC 9  1_555 ? ? ? ? ? ? WATSON-CRICK    ? ? ? 
hydrog13 hydrog ? ? A DG 4 O6 ? ? ? 1_555 B DC 3 N4 ? ? A DG 4  B DC 9  1_555 ? ? ? ? ? ? WATSON-CRICK    ? ? ? 
hydrog14 hydrog ? ? A DG 5 N1 ? ? ? 1_555 B DC 2 N3 ? ? A DG 5  B DC 8  1_555 ? ? ? ? ? ? WATSON-CRICK    ? ? ? 
hydrog15 hydrog ? ? A DG 5 N2 ? ? ? 1_555 B DC 2 O2 ? ? A DG 5  B DC 8  1_555 ? ? ? ? ? ? WATSON-CRICK    ? ? ? 
hydrog16 hydrog ? ? A DG 5 O6 ? ? ? 1_555 B DC 2 N4 ? ? A DG 5  B DC 8  1_555 ? ? ? ? ? ? WATSON-CRICK    ? ? ? 
hydrog17 hydrog ? ? A DG 6 N1 ? ? ? 1_555 B DC 1 N3 ? ? A DG 6  B DC 7  1_555 ? ? ? ? ? ? WATSON-CRICK    ? ? ? 
hydrog18 hydrog ? ? A DG 6 N2 ? ? ? 1_555 B DC 1 O2 ? ? A DG 6  B DC 7  1_555 ? ? ? ? ? ? WATSON-CRICK    ? ? ? 
hydrog19 hydrog ? ? A DG 6 O6 ? ? ? 1_555 B DC 1 N4 ? ? A DG 6  B DC 7  1_555 ? ? ? ? ? ? WATSON-CRICK    ? ? ? 
hydrog20 hydrog ? ? B DG 6 N2 ? ? ? 1_555 C DC 3 O2 ? ? B DG 12 C DC 3  1_555 ? ? ? ? ? ? 'DG-DC PAIR'    ? ? ? 
hydrog21 hydrog ? ? B DG 6 N3 ? ? ? 1_555 D DG 4 N2 ? ? B DG 12 D DG 10 1_555 ? ? ? ? ? ? 'DG-DG MISPAIR' ? ? ? 
hydrog22 hydrog ? ? B DG 6 N2 ? ? ? 1_555 D DG 5 N3 ? ? B DG 12 D DG 11 1_555 ? ? ? ? ? ? 'DG-DG MISPAIR' ? ? ? 
hydrog23 hydrog ? ? C DC 1 N3 ? ? ? 1_555 D DG 6 N1 ? ? C DC 1  D DG 12 1_555 ? ? ? ? ? ? WATSON-CRICK    ? ? ? 
hydrog24 hydrog ? ? C DC 1 N4 ? ? ? 1_555 D DG 6 O6 ? ? C DC 1  D DG 12 1_555 ? ? ? ? ? ? WATSON-CRICK    ? ? ? 
hydrog25 hydrog ? ? C DC 1 O2 ? ? ? 1_555 D DG 6 N2 ? ? C DC 1  D DG 12 1_555 ? ? ? ? ? ? WATSON-CRICK    ? ? ? 
hydrog26 hydrog ? ? C DC 2 N3 ? ? ? 1_555 D DG 5 N1 ? ? C DC 2  D DG 11 1_555 ? ? ? ? ? ? WATSON-CRICK    ? ? ? 
hydrog27 hydrog ? ? C DC 2 N4 ? ? ? 1_555 D DG 5 O6 ? ? C DC 2  D DG 11 1_555 ? ? ? ? ? ? WATSON-CRICK    ? ? ? 
hydrog28 hydrog ? ? C DC 2 O2 ? ? ? 1_555 D DG 5 N2 ? ? C DC 2  D DG 11 1_555 ? ? ? ? ? ? WATSON-CRICK    ? ? ? 
hydrog29 hydrog ? ? C DC 3 N3 ? ? ? 1_555 D DG 4 N1 ? ? C DC 3  D DG 10 1_555 ? ? ? ? ? ? WATSON-CRICK    ? ? ? 
hydrog30 hydrog ? ? C DC 3 N4 ? ? ? 1_555 D DG 4 O6 ? ? C DC 3  D DG 10 1_555 ? ? ? ? ? ? WATSON-CRICK    ? ? ? 
hydrog31 hydrog ? ? C DC 3 O2 ? ? ? 1_555 D DG 4 N2 ? ? C DC 3  D DG 10 1_555 ? ? ? ? ? ? WATSON-CRICK    ? ? ? 
hydrog32 hydrog ? ? C DG 4 N1 ? ? ? 1_555 D DC 3 N3 ? ? C DG 4  D DC 9  1_555 ? ? ? ? ? ? WATSON-CRICK    ? ? ? 
hydrog33 hydrog ? ? C DG 4 N2 ? ? ? 1_555 D DC 3 O2 ? ? C DG 4  D DC 9  1_555 ? ? ? ? ? ? WATSON-CRICK    ? ? ? 
hydrog34 hydrog ? ? C DG 4 O6 ? ? ? 1_555 D DC 3 N4 ? ? C DG 4  D DC 9  1_555 ? ? ? ? ? ? WATSON-CRICK    ? ? ? 
hydrog35 hydrog ? ? C DG 5 N1 ? ? ? 1_555 D DC 2 N3 ? ? C DG 5  D DC 8  1_555 ? ? ? ? ? ? WATSON-CRICK    ? ? ? 
hydrog36 hydrog ? ? C DG 5 N2 ? ? ? 1_555 D DC 2 O2 ? ? C DG 5  D DC 8  1_555 ? ? ? ? ? ? WATSON-CRICK    ? ? ? 
hydrog37 hydrog ? ? C DG 5 O6 ? ? ? 1_555 D DC 2 N4 ? ? C DG 5  D DC 8  1_555 ? ? ? ? ? ? WATSON-CRICK    ? ? ? 
hydrog38 hydrog ? ? C DG 6 N1 ? ? ? 1_555 D DC 1 N3 ? ? C DG 6  D DC 7  1_555 ? ? ? ? ? ? WATSON-CRICK    ? ? ? 
hydrog39 hydrog ? ? C DG 6 N2 ? ? ? 1_555 D DC 1 O2 ? ? C DG 6  D DC 7  1_555 ? ? ? ? ? ? WATSON-CRICK    ? ? ? 
hydrog40 hydrog ? ? C DG 6 O6 ? ? ? 1_555 D DC 1 N4 ? ? C DG 6  D DC 7  1_555 ? ? ? ? ? ? WATSON-CRICK    ? ? ? 
# 
_struct_conn_type.id          hydrog 
_struct_conn_type.criteria    ? 
_struct_conn_type.reference   ? 
# 
loop_
_pdbx_refine_tls.pdbx_refine_id 
_pdbx_refine_tls.id 
_pdbx_refine_tls.details 
_pdbx_refine_tls.method 
_pdbx_refine_tls.origin_x 
_pdbx_refine_tls.origin_y 
_pdbx_refine_tls.origin_z 
_pdbx_refine_tls.T[1][1] 
_pdbx_refine_tls.T[2][2] 
_pdbx_refine_tls.T[3][3] 
_pdbx_refine_tls.T[1][2] 
_pdbx_refine_tls.T[1][3] 
_pdbx_refine_tls.T[2][3] 
_pdbx_refine_tls.L[1][1] 
_pdbx_refine_tls.L[2][2] 
_pdbx_refine_tls.L[3][3] 
_pdbx_refine_tls.L[1][2] 
_pdbx_refine_tls.L[1][3] 
_pdbx_refine_tls.L[2][3] 
_pdbx_refine_tls.S[1][1] 
_pdbx_refine_tls.S[1][2] 
_pdbx_refine_tls.S[1][3] 
_pdbx_refine_tls.S[2][1] 
_pdbx_refine_tls.S[2][2] 
_pdbx_refine_tls.S[2][3] 
_pdbx_refine_tls.S[3][1] 
_pdbx_refine_tls.S[3][2] 
_pdbx_refine_tls.S[3][3] 
'X-RAY DIFFRACTION' 1 ? refined -0.0549 -8.6845 2.3958  0.3683 0.2919 0.3602 -0.0455 0.1127  0.1090  13.9302 1.7162  3.4737 -4.3856 -2.3525 1.7570  -0.1314 -0.4755 -0.6746 0.3326  0.5415  0.9246 0.1156  -0.4435 -0.5057 
'X-RAY DIFFRACTION' 2 ? refined 6.4296  -4.7247 2.7055  0.3123 0.3039 0.3151 -0.0630 0.0996  0.0511  3.7969  2.7196  5.0655 -2.7572 4.1333  -2.3549 -0.0633 -0.1321 -0.1694 0.4689  -0.0310 0.0303 -0.3913 0.1441  0.0194  
'X-RAY DIFFRACTION' 3 ? refined -1.9453 7.5691  0.1964  0.2758 0.2635 0.3356 -0.0573 -0.0297 -0.0640 7.2308  1.6500  5.2455 -0.2234 -3.6362 0.1316  -0.0054 -0.6407 0.2123  0.0007  -0.1634 0.1848 -0.3615 0.1458  0.1302  
'X-RAY DIFFRACTION' 4 ? refined -4.8588 6.5837  -6.2246 0.1803 0.2517 0.3652 -0.0484 -0.0069 -0.0017 0.6270  14.8764 3.1559 2.4483  -1.0522 -3.9812 -0.0871 0.1157  0.0740  -0.1292 0.3522  1.1761 0.0730  -0.4262 -0.2386 
# 
loop_
_pdbx_refine_tls_group.pdbx_refine_id 
_pdbx_refine_tls_group.id 
_pdbx_refine_tls_group.refine_tls_id 
_pdbx_refine_tls_group.beg_auth_asym_id 
_pdbx_refine_tls_group.beg_auth_seq_id 
_pdbx_refine_tls_group.beg_label_asym_id 
_pdbx_refine_tls_group.beg_label_seq_id 
_pdbx_refine_tls_group.end_auth_asym_id 
_pdbx_refine_tls_group.end_auth_seq_id 
_pdbx_refine_tls_group.end_label_asym_id 
_pdbx_refine_tls_group.end_label_seq_id 
_pdbx_refine_tls_group.selection 
_pdbx_refine_tls_group.selection_details 
'X-RAY DIFFRACTION' 1 1 ? ? ? ? ? ? ? ? ? 
;chain 'A' and (resid 1 through 6 )
;
'X-RAY DIFFRACTION' 2 2 ? ? ? ? ? ? ? ? ? 
;chain 'B' and (resid 7 through 12 )
;
'X-RAY DIFFRACTION' 3 3 ? ? ? ? ? ? ? ? ? 
;chain 'C' and (resid 1 through 6 )
;
'X-RAY DIFFRACTION' 4 4 ? ? ? ? ? ? ? ? ? 
;chain 'D' and (resid 7 through 12 )
;
# 
loop_
_chem_comp_atom.comp_id 
_chem_comp_atom.atom_id 
_chem_comp_atom.type_symbol 
_chem_comp_atom.pdbx_aromatic_flag 
_chem_comp_atom.pdbx_stereo_config 
_chem_comp_atom.pdbx_ordinal 
DC  OP3    O N N 1  
DC  P      P N N 2  
DC  OP1    O N N 3  
DC  OP2    O N N 4  
DC  "O5'"  O N N 5  
DC  "C5'"  C N N 6  
DC  "C4'"  C N R 7  
DC  "O4'"  O N N 8  
DC  "C3'"  C N S 9  
DC  "O3'"  O N N 10 
DC  "C2'"  C N N 11 
DC  "C1'"  C N R 12 
DC  N1     N N N 13 
DC  C2     C N N 14 
DC  O2     O N N 15 
DC  N3     N N N 16 
DC  C4     C N N 17 
DC  N4     N N N 18 
DC  C5     C N N 19 
DC  C6     C N N 20 
DC  HOP3   H N N 21 
DC  HOP2   H N N 22 
DC  "H5'"  H N N 23 
DC  "H5''" H N N 24 
DC  "H4'"  H N N 25 
DC  "H3'"  H N N 26 
DC  "HO3'" H N N 27 
DC  "H2'"  H N N 28 
DC  "H2''" H N N 29 
DC  "H1'"  H N N 30 
DC  H41    H N N 31 
DC  H42    H N N 32 
DC  H5     H N N 33 
DC  H6     H N N 34 
DG  OP3    O N N 35 
DG  P      P N N 36 
DG  OP1    O N N 37 
DG  OP2    O N N 38 
DG  "O5'"  O N N 39 
DG  "C5'"  C N N 40 
DG  "C4'"  C N R 41 
DG  "O4'"  O N N 42 
DG  "C3'"  C N S 43 
DG  "O3'"  O N N 44 
DG  "C2'"  C N N 45 
DG  "C1'"  C N R 46 
DG  N9     N Y N 47 
DG  C8     C Y N 48 
DG  N7     N Y N 49 
DG  C5     C Y N 50 
DG  C6     C N N 51 
DG  O6     O N N 52 
DG  N1     N N N 53 
DG  C2     C N N 54 
DG  N2     N N N 55 
DG  N3     N N N 56 
DG  C4     C Y N 57 
DG  HOP3   H N N 58 
DG  HOP2   H N N 59 
DG  "H5'"  H N N 60 
DG  "H5''" H N N 61 
DG  "H4'"  H N N 62 
DG  "H3'"  H N N 63 
DG  "HO3'" H N N 64 
DG  "H2'"  H N N 65 
DG  "H2''" H N N 66 
DG  "H1'"  H N N 67 
DG  H8     H N N 68 
DG  H1     H N N 69 
DG  H21    H N N 70 
DG  H22    H N N 71 
HOH O      O N N 72 
HOH H1     H N N 73 
HOH H2     H N N 74 
TMO CAA    C N N 75 
TMO NAC    N N N 76 
TMO CAD    C N N 77 
TMO CAB    C N N 78 
TMO OAE    O N N 79 
TMO HAA    H N N 80 
TMO HAAA   H N N 81 
TMO HAAB   H N N 82 
TMO HAD    H N N 83 
TMO HADA   H N N 84 
TMO HADB   H N N 85 
TMO HAB    H N N 86 
TMO HABA   H N N 87 
TMO HABB   H N N 88 
# 
loop_
_chem_comp_bond.comp_id 
_chem_comp_bond.atom_id_1 
_chem_comp_bond.atom_id_2 
_chem_comp_bond.value_order 
_chem_comp_bond.pdbx_aromatic_flag 
_chem_comp_bond.pdbx_stereo_config 
_chem_comp_bond.pdbx_ordinal 
DC  OP3   P      sing N N 1  
DC  OP3   HOP3   sing N N 2  
DC  P     OP1    doub N N 3  
DC  P     OP2    sing N N 4  
DC  P     "O5'"  sing N N 5  
DC  OP2   HOP2   sing N N 6  
DC  "O5'" "C5'"  sing N N 7  
DC  "C5'" "C4'"  sing N N 8  
DC  "C5'" "H5'"  sing N N 9  
DC  "C5'" "H5''" sing N N 10 
DC  "C4'" "O4'"  sing N N 11 
DC  "C4'" "C3'"  sing N N 12 
DC  "C4'" "H4'"  sing N N 13 
DC  "O4'" "C1'"  sing N N 14 
DC  "C3'" "O3'"  sing N N 15 
DC  "C3'" "C2'"  sing N N 16 
DC  "C3'" "H3'"  sing N N 17 
DC  "O3'" "HO3'" sing N N 18 
DC  "C2'" "C1'"  sing N N 19 
DC  "C2'" "H2'"  sing N N 20 
DC  "C2'" "H2''" sing N N 21 
DC  "C1'" N1     sing N N 22 
DC  "C1'" "H1'"  sing N N 23 
DC  N1    C2     sing N N 24 
DC  N1    C6     sing N N 25 
DC  C2    O2     doub N N 26 
DC  C2    N3     sing N N 27 
DC  N3    C4     doub N N 28 
DC  C4    N4     sing N N 29 
DC  C4    C5     sing N N 30 
DC  N4    H41    sing N N 31 
DC  N4    H42    sing N N 32 
DC  C5    C6     doub N N 33 
DC  C5    H5     sing N N 34 
DC  C6    H6     sing N N 35 
DG  OP3   P      sing N N 36 
DG  OP3   HOP3   sing N N 37 
DG  P     OP1    doub N N 38 
DG  P     OP2    sing N N 39 
DG  P     "O5'"  sing N N 40 
DG  OP2   HOP2   sing N N 41 
DG  "O5'" "C5'"  sing N N 42 
DG  "C5'" "C4'"  sing N N 43 
DG  "C5'" "H5'"  sing N N 44 
DG  "C5'" "H5''" sing N N 45 
DG  "C4'" "O4'"  sing N N 46 
DG  "C4'" "C3'"  sing N N 47 
DG  "C4'" "H4'"  sing N N 48 
DG  "O4'" "C1'"  sing N N 49 
DG  "C3'" "O3'"  sing N N 50 
DG  "C3'" "C2'"  sing N N 51 
DG  "C3'" "H3'"  sing N N 52 
DG  "O3'" "HO3'" sing N N 53 
DG  "C2'" "C1'"  sing N N 54 
DG  "C2'" "H2'"  sing N N 55 
DG  "C2'" "H2''" sing N N 56 
DG  "C1'" N9     sing N N 57 
DG  "C1'" "H1'"  sing N N 58 
DG  N9    C8     sing Y N 59 
DG  N9    C4     sing Y N 60 
DG  C8    N7     doub Y N 61 
DG  C8    H8     sing N N 62 
DG  N7    C5     sing Y N 63 
DG  C5    C6     sing N N 64 
DG  C5    C4     doub Y N 65 
DG  C6    O6     doub N N 66 
DG  C6    N1     sing N N 67 
DG  N1    C2     sing N N 68 
DG  N1    H1     sing N N 69 
DG  C2    N2     sing N N 70 
DG  C2    N3     doub N N 71 
DG  N2    H21    sing N N 72 
DG  N2    H22    sing N N 73 
DG  N3    C4     sing N N 74 
HOH O     H1     sing N N 75 
HOH O     H2     sing N N 76 
TMO CAA   NAC    sing N N 77 
TMO CAA   HAA    sing N N 78 
TMO CAA   HAAA   sing N N 79 
TMO CAA   HAAB   sing N N 80 
TMO NAC   CAD    sing N N 81 
TMO NAC   CAB    sing N N 82 
TMO NAC   OAE    sing N N 83 
TMO CAD   HAD    sing N N 84 
TMO CAD   HADA   sing N N 85 
TMO CAD   HADB   sing N N 86 
TMO CAB   HAB    sing N N 87 
TMO CAB   HABA   sing N N 88 
TMO CAB   HABB   sing N N 89 
# 
_ndb_struct_conf_na.entry_id   6GN2 
_ndb_struct_conf_na.feature    'a-form double helix' 
# 
loop_
_ndb_struct_na_base_pair.model_number 
_ndb_struct_na_base_pair.i_label_asym_id 
_ndb_struct_na_base_pair.i_label_comp_id 
_ndb_struct_na_base_pair.i_label_seq_id 
_ndb_struct_na_base_pair.i_symmetry 
_ndb_struct_na_base_pair.j_label_asym_id 
_ndb_struct_na_base_pair.j_label_comp_id 
_ndb_struct_na_base_pair.j_label_seq_id 
_ndb_struct_na_base_pair.j_symmetry 
_ndb_struct_na_base_pair.shear 
_ndb_struct_na_base_pair.stretch 
_ndb_struct_na_base_pair.stagger 
_ndb_struct_na_base_pair.buckle 
_ndb_struct_na_base_pair.propeller 
_ndb_struct_na_base_pair.opening 
_ndb_struct_na_base_pair.pair_number 
_ndb_struct_na_base_pair.pair_name 
_ndb_struct_na_base_pair.i_auth_asym_id 
_ndb_struct_na_base_pair.i_auth_seq_id 
_ndb_struct_na_base_pair.i_PDB_ins_code 
_ndb_struct_na_base_pair.j_auth_asym_id 
_ndb_struct_na_base_pair.j_auth_seq_id 
_ndb_struct_na_base_pair.j_PDB_ins_code 
_ndb_struct_na_base_pair.hbond_type_28 
_ndb_struct_na_base_pair.hbond_type_12 
1 A DC 1 1_555 B DG 6 1_555 0.410  -0.100 0.040  -1.690  -0.537  2.174  1  A_DC1:DG12_B A 1 ? B 12 ? 19 1 
1 A DC 2 1_555 B DG 5 1_555 0.199  -0.221 0.078  6.689   -7.641  0.333  2  A_DC2:DG11_B A 2 ? B 11 ? 19 1 
1 A DC 3 1_555 B DG 4 1_555 0.481  -0.106 -0.298 10.686  -11.316 2.550  3  A_DC3:DG10_B A 3 ? B 10 ? 19 1 
1 A DG 4 1_555 B DC 3 1_555 -0.404 -0.111 -0.032 -1.662  -9.046  7.035  4  A_DG4:DC9_B  A 4 ? B 9  ? 19 1 
1 A DG 5 1_555 B DC 2 1_555 -0.300 -0.099 -0.055 -12.861 -12.379 3.773  5  A_DG5:DC8_B  A 5 ? B 8  ? 19 1 
1 A DG 6 1_555 B DC 1 1_555 -0.268 -0.213 -0.016 -11.206 -5.849  0.189  6  A_DG6:DC7_B  A 6 ? B 7  ? 19 1 
1 C DC 1 1_555 D DG 6 1_555 0.108  -0.225 0.004  3.642   -3.412  0.541  7  C_DC1:DG12_D C 1 ? D 12 ? 19 1 
1 C DC 2 1_555 D DG 5 1_555 0.415  -0.122 -0.090 11.714  -8.432  -0.469 8  C_DC2:DG11_D C 2 ? D 11 ? 19 1 
1 C DC 3 1_555 D DG 4 1_555 0.332  -0.156 -0.092 12.192  -12.194 3.357  9  C_DC3:DG10_D C 3 ? D 10 ? 19 1 
1 C DG 4 1_555 D DC 3 1_555 -0.232 -0.038 -0.106 -4.314  -9.933  4.337  10 C_DG4:DC9_D  C 4 ? D 9  ? 19 1 
1 C DG 5 1_555 D DC 2 1_555 -0.217 -0.163 0.108  -9.425  -10.270 0.988  11 C_DG5:DC8_D  C 5 ? D 8  ? 19 1 
1 C DG 6 1_555 D DC 1 1_555 -0.072 -0.200 0.213  0.075   -4.203  -0.521 12 C_DG6:DC7_D  C 6 ? D 7  ? 19 1 
# 
loop_
_ndb_struct_na_base_pair_step.model_number 
_ndb_struct_na_base_pair_step.i_label_asym_id_1 
_ndb_struct_na_base_pair_step.i_label_comp_id_1 
_ndb_struct_na_base_pair_step.i_label_seq_id_1 
_ndb_struct_na_base_pair_step.i_symmetry_1 
_ndb_struct_na_base_pair_step.j_label_asym_id_1 
_ndb_struct_na_base_pair_step.j_label_comp_id_1 
_ndb_struct_na_base_pair_step.j_label_seq_id_1 
_ndb_struct_na_base_pair_step.j_symmetry_1 
_ndb_struct_na_base_pair_step.i_label_asym_id_2 
_ndb_struct_na_base_pair_step.i_label_comp_id_2 
_ndb_struct_na_base_pair_step.i_label_seq_id_2 
_ndb_struct_na_base_pair_step.i_symmetry_2 
_ndb_struct_na_base_pair_step.j_label_asym_id_2 
_ndb_struct_na_base_pair_step.j_label_comp_id_2 
_ndb_struct_na_base_pair_step.j_label_seq_id_2 
_ndb_struct_na_base_pair_step.j_symmetry_2 
_ndb_struct_na_base_pair_step.shift 
_ndb_struct_na_base_pair_step.slide 
_ndb_struct_na_base_pair_step.rise 
_ndb_struct_na_base_pair_step.tilt 
_ndb_struct_na_base_pair_step.roll 
_ndb_struct_na_base_pair_step.twist 
_ndb_struct_na_base_pair_step.x_displacement 
_ndb_struct_na_base_pair_step.y_displacement 
_ndb_struct_na_base_pair_step.helical_rise 
_ndb_struct_na_base_pair_step.inclination 
_ndb_struct_na_base_pair_step.tip 
_ndb_struct_na_base_pair_step.helical_twist 
_ndb_struct_na_base_pair_step.step_number 
_ndb_struct_na_base_pair_step.step_name 
_ndb_struct_na_base_pair_step.i_auth_asym_id_1 
_ndb_struct_na_base_pair_step.i_auth_seq_id_1 
_ndb_struct_na_base_pair_step.i_PDB_ins_code_1 
_ndb_struct_na_base_pair_step.j_auth_asym_id_1 
_ndb_struct_na_base_pair_step.j_auth_seq_id_1 
_ndb_struct_na_base_pair_step.j_PDB_ins_code_1 
_ndb_struct_na_base_pair_step.i_auth_asym_id_2 
_ndb_struct_na_base_pair_step.i_auth_seq_id_2 
_ndb_struct_na_base_pair_step.i_PDB_ins_code_2 
_ndb_struct_na_base_pair_step.j_auth_asym_id_2 
_ndb_struct_na_base_pair_step.j_auth_seq_id_2 
_ndb_struct_na_base_pair_step.j_PDB_ins_code_2 
1 A DC 1 1_555 B DG 6 1_555 A DC 2 1_555 B DG 5 1_555 -0.579 -2.172 3.017 -3.442 1.815  30.717 -4.389 0.477  2.933 3.409  6.466  
30.957 1  AA_DC1DC2:DG11DG12_BB A 1 ? B 12 ? A 2 ? B 11 ? 
1 A DC 2 1_555 B DG 5 1_555 A DC 3 1_555 B DG 4 1_555 -0.951 -1.952 3.063 0.134  11.283 26.550 -5.988 1.935  2.072 23.277 -0.277 
28.809 2  AA_DC2DC3:DG10DG11_BB A 2 ? B 11 ? A 3 ? B 10 ? 
1 A DC 3 1_555 B DG 4 1_555 A DG 4 1_555 B DC 3 1_555 1.258  -1.645 3.403 1.356  14.190 30.797 -4.985 -1.953 2.480 25.102 -2.399 
33.864 3  AA_DC3DG4:DC9DG10_BB  A 3 ? B 10 ? A 4 ? B 9  ? 
1 A DG 4 1_555 B DC 3 1_555 A DG 5 1_555 B DC 2 1_555 0.056  -1.902 3.587 1.139  2.786  29.846 -4.290 0.143  3.400 5.392  -2.204 
29.994 4  AA_DG4DG5:DC8DC9_BB   A 4 ? B 9  ? A 5 ? B 8  ? 
1 A DG 5 1_555 B DC 2 1_555 A DG 6 1_555 B DC 1 1_555 -0.575 -1.698 3.183 1.047  2.707  35.280 -3.172 1.092  3.030 4.457  -1.724 
35.395 5  AA_DG5DG6:DC7DC8_BB   A 5 ? B 8  ? A 6 ? B 7  ? 
1 C DC 1 1_555 D DG 6 1_555 C DC 2 1_555 D DG 5 1_555 -0.953 -1.877 3.091 -2.304 8.948  26.289 -5.757 1.503  2.407 18.944 4.878  
27.839 6  CC_DC1DC2:DG11DG12_DD C 1 ? D 12 ? C 2 ? D 11 ? 
1 C DC 2 1_555 D DG 5 1_555 C DC 3 1_555 D DG 4 1_555 1.049  -1.330 3.155 2.620  7.808  36.132 -3.074 -1.323 2.882 12.391 -4.158 
37.028 7  CC_DC2DC3:DG10DG11_DD C 2 ? D 11 ? C 3 ? D 10 ? 
1 C DC 3 1_555 D DG 4 1_555 C DG 4 1_555 D DC 3 1_555 0.154  -1.944 3.782 -0.181 4.572  26.731 -5.425 -0.379 3.407 9.798  0.387  
27.113 8  CC_DC3DG4:DC9DG10_DD  C 3 ? D 10 ? C 4 ? D 9  ? 
1 C DG 4 1_555 D DC 3 1_555 C DG 5 1_555 D DC 2 1_555 -0.589 -1.651 3.308 -2.319 2.466  34.108 -3.189 0.635  3.217 4.192  3.941  
34.271 9  CC_DG4DG5:DC8DC9_DD   C 4 ? D 9  ? C 5 ? D 8  ? 
1 C DG 5 1_555 D DC 2 1_555 C DG 6 1_555 D DC 1 1_555 0.428  -1.845 3.060 3.975  0.330  32.272 -3.350 -0.110 3.070 0.590  -7.117 
32.511 10 CC_DG5DG6:DC7DC8_DD   C 5 ? D 8  ? C 6 ? D 7  ? 
# 
_pdbx_audit_support.funding_organization   'European Research Council' 
_pdbx_audit_support.country                France 
_pdbx_audit_support.grant_number           ERC-2012-AdG-320892 
_pdbx_audit_support.ordinal                1 
# 
_pdbx_initial_refinement_model.id               1 
_pdbx_initial_refinement_model.entity_id_list   ? 
_pdbx_initial_refinement_model.type             'experimental model' 
_pdbx_initial_refinement_model.source_name      PDB 
_pdbx_initial_refinement_model.accession_code   1VT5 
_pdbx_initial_refinement_model.details          ? 
# 
_atom_sites.entry_id                    6GN2 
_atom_sites.fract_transf_matrix[1][1]   -0.00374177 
_atom_sites.fract_transf_matrix[1][2]   0.00234789 
_atom_sites.fract_transf_matrix[1][3]   0.01002339 
_atom_sites.fract_transf_matrix[2][1]   -0.00800845 
_atom_sites.fract_transf_matrix[2][2]   -0.00603424 
_atom_sites.fract_transf_matrix[2][3]   0.00440939 
_atom_sites.fract_transf_matrix[3][1]   0.01214468 
_atom_sites.fract_transf_matrix[3][2]   -0.01093367 
_atom_sites.fract_transf_matrix[3][3]   0.00709478 
_atom_sites.fract_transf_vector[1]      1.113776 
_atom_sites.fract_transf_vector[2]      0.758059 
_atom_sites.fract_transf_vector[3]      0.036008 
# 
loop_
_atom_type.symbol 
C 
N 
O 
P 
# 
loop_
_atom_site.group_PDB 
_atom_site.id 
_atom_site.type_symbol 
_atom_site.label_atom_id 
_atom_site.label_alt_id 
_atom_site.label_comp_id 
_atom_site.label_asym_id 
_atom_site.label_entity_id 
_atom_site.label_seq_id 
_atom_site.pdbx_PDB_ins_code 
_atom_site.Cartn_x 
_atom_site.Cartn_y 
_atom_site.Cartn_z 
_atom_site.occupancy 
_atom_site.B_iso_or_equiv 
_atom_site.pdbx_formal_charge 
_atom_site.auth_seq_id 
_atom_site.auth_comp_id 
_atom_site.auth_asym_id 
_atom_site.auth_atom_id 
_atom_site.pdbx_PDB_model_num 
ATOM   1   O "O5'" . DC  A 1 1 ? -4.397  -0.489  9.369   1.00 48.65 ? 1   DC  A "O5'" 1 
ATOM   2   C "C5'" . DC  A 1 1 ? -5.770  -0.135  9.258   1.00 43.82 ? 1   DC  A "C5'" 1 
ATOM   3   C "C4'" . DC  A 1 1 ? -6.134  0.164   7.814   1.00 43.94 ? 1   DC  A "C4'" 1 
ATOM   4   O "O4'" . DC  A 1 1 ? -5.364  1.301   7.345   1.00 42.00 ? 1   DC  A "O4'" 1 
ATOM   5   C "C3'" . DC  A 1 1 ? -5.818  -0.944  6.827   1.00 42.08 ? 1   DC  A "C3'" 1 
ATOM   6   O "O3'" . DC  A 1 1 ? -6.875  -1.892  6.786   1.00 44.23 ? 1   DC  A "O3'" 1 
ATOM   7   C "C2'" . DC  A 1 1 ? -5.719  -0.167  5.524   1.00 41.14 ? 1   DC  A "C2'" 1 
ATOM   8   C "C1'" . DC  A 1 1 ? -5.018  1.111   5.980   1.00 42.28 ? 1   DC  A "C1'" 1 
ATOM   9   N N1    . DC  A 1 1 ? -3.527  1.047   5.862   1.00 41.95 ? 1   DC  A N1    1 
ATOM   10  C C2    . DC  A 1 1 ? -2.930  0.984   4.594   1.00 42.91 ? 1   DC  A C2    1 
ATOM   11  O O2    . DC  A 1 1 ? -3.645  0.987   3.585   1.00 42.87 ? 1   DC  A O2    1 
ATOM   12  N N3    . DC  A 1 1 ? -1.578  0.927   4.509   1.00 40.40 ? 1   DC  A N3    1 
ATOM   13  C C4    . DC  A 1 1 ? -0.837  0.928   5.617   1.00 38.17 ? 1   DC  A C4    1 
ATOM   14  N N4    . DC  A 1 1 ? 0.492   0.869   5.479   1.00 37.19 ? 1   DC  A N4    1 
ATOM   15  C C5    . DC  A 1 1 ? -1.425  0.990   6.915   1.00 38.21 ? 1   DC  A C5    1 
ATOM   16  C C6    . DC  A 1 1 ? -2.759  1.047   6.990   1.00 40.72 ? 1   DC  A C6    1 
ATOM   17  P P     . DC  A 1 2 ? -6.591  -3.391  6.279   1.00 40.99 ? 2   DC  A P     1 
ATOM   18  O OP1   . DC  A 1 2 ? -7.831  -4.174  6.472   1.00 47.32 ? 2   DC  A OP1   1 
ATOM   19  O OP2   . DC  A 1 2 ? -5.331  -3.842  6.909   1.00 41.82 ? 2   DC  A OP2   1 
ATOM   20  O "O5'" . DC  A 1 2 ? -6.320  -3.229  4.710   1.00 42.23 ? 2   DC  A "O5'" 1 
ATOM   21  C "C5'" . DC  A 1 2 ? -7.365  -2.792  3.847   1.00 36.51 ? 2   DC  A "C5'" 1 
ATOM   22  C "C4'" . DC  A 1 2 ? -6.897  -2.765  2.403   1.00 35.15 ? 2   DC  A "C4'" 1 
ATOM   23  O "O4'" . DC  A 1 2 ? -5.880  -1.748  2.235   1.00 37.16 ? 2   DC  A "O4'" 1 
ATOM   24  C "C3'" . DC  A 1 2 ? -6.239  -4.043  1.925   1.00 38.55 ? 2   DC  A "C3'" 1 
ATOM   25  O "O3'" . DC  A 1 2 ? -7.225  -4.964  1.502   1.00 39.46 ? 2   DC  A "O3'" 1 
ATOM   26  C "C2'" . DC  A 1 2 ? -5.401  -3.540  0.756   1.00 32.48 ? 2   DC  A "C2'" 1 
ATOM   27  C "C1'" . DC  A 1 2 ? -4.927  -2.182  1.274   1.00 36.65 ? 2   DC  A "C1'" 1 
ATOM   28  N N1    . DC  A 1 2 ? -3.578  -2.225  1.919   1.00 36.76 ? 2   DC  A N1    1 
ATOM   29  C C2    . DC  A 1 2 ? -2.430  -2.259  1.118   1.00 34.97 ? 2   DC  A C2    1 
ATOM   30  O O2    . DC  A 1 2 ? -2.554  -2.253  -0.113  1.00 34.31 ? 2   DC  A O2    1 
ATOM   31  N N3    . DC  A 1 2 ? -1.214  -2.298  1.715   1.00 36.05 ? 2   DC  A N3    1 
ATOM   32  C C4    . DC  A 1 2 ? -1.123  -2.305  3.045   1.00 35.10 ? 2   DC  A C4    1 
ATOM   33  N N4    . DC  A 1 2 ? 0.098   -2.342  3.587   1.00 32.62 ? 2   DC  A N4    1 
ATOM   34  C C5    . DC  A 1 2 ? -2.280  -2.272  3.879   1.00 35.29 ? 2   DC  A C5    1 
ATOM   35  C C6    . DC  A 1 2 ? -3.474  -2.233  3.280   1.00 34.93 ? 2   DC  A C6    1 
ATOM   36  P P     . DC  A 1 3 ? -6.960  -6.543  1.643   1.00 38.69 ? 3   DC  A P     1 
ATOM   37  O OP1   . DC  A 1 3 ? -8.237  -7.228  1.345   1.00 48.64 ? 3   DC  A OP1   1 
ATOM   38  O OP2   . DC  A 1 3 ? -6.281  -6.777  2.937   1.00 35.17 ? 3   DC  A OP2   1 
ATOM   39  O "O5'" . DC  A 1 3 ? -5.923  -6.860  0.467   1.00 38.47 ? 3   DC  A "O5'" 1 
ATOM   40  C "C5'" . DC  A 1 3 ? -6.305  -6.640  -0.885  1.00 34.41 ? 3   DC  A "C5'" 1 
ATOM   41  C "C4'" . DC  A 1 3 ? -5.149  -6.903  -1.833  1.00 35.24 ? 3   DC  A "C4'" 1 
ATOM   42  O "O4'" . DC  A 1 3 ? -4.187  -5.823  -1.753  1.00 33.68 ? 3   DC  A "O4'" 1 
ATOM   43  C "C3'" . DC  A 1 3 ? -4.329  -8.141  -1.531  1.00 34.68 ? 3   DC  A "C3'" 1 
ATOM   44  O "O3'" . DC  A 1 3 ? -4.969  -9.302  -2.030  1.00 35.39 ? 3   DC  A "O3'" 1 
ATOM   45  C "C2'" . DC  A 1 3 ? -3.049  -7.832  -2.296  1.00 33.00 ? 3   DC  A "C2'" 1 
ATOM   46  C "C1'" . DC  A 1 3 ? -2.889  -6.334  -2.027  1.00 35.69 ? 3   DC  A "C1'" 1 
ATOM   47  N N1    . DC  A 1 3 ? -1.988  -6.039  -0.870  1.00 33.66 ? 3   DC  A N1    1 
ATOM   48  C C2    . DC  A 1 3 ? -0.608  -5.954  -1.081  1.00 31.68 ? 3   DC  A C2    1 
ATOM   49  O O2    . DC  A 1 3 ? -0.164  -6.113  -2.224  1.00 34.68 ? 3   DC  A O2    1 
ATOM   50  N N3    . DC  A 1 3 ? 0.204   -5.694  -0.028  1.00 31.50 ? 3   DC  A N3    1 
ATOM   51  C C4    . DC  A 1 3 ? -0.313  -5.529  1.189   1.00 31.40 ? 3   DC  A C4    1 
ATOM   52  N N4    . DC  A 1 3 ? 0.529   -5.274  2.196   1.00 29.86 ? 3   DC  A N4    1 
ATOM   53  C C5    . DC  A 1 3 ? -1.717  -5.616  1.428   1.00 29.41 ? 3   DC  A C5    1 
ATOM   54  C C6    . DC  A 1 3 ? -2.510  -5.873  0.380   1.00 31.25 ? 3   DC  A C6    1 
ATOM   55  P P     . DG  A 1 4 ? -4.779  -10.709 -1.277  1.00 39.47 ? 4   DG  A P     1 
ATOM   56  O OP1   . DG  A 1 4 ? -5.568  -11.719 -2.018  1.00 45.09 ? 4   DG  A OP1   1 
ATOM   57  O OP2   . DG  A 1 4 ? -5.035  -10.488 0.163   1.00 40.65 ? 4   DG  A OP2   1 
ATOM   58  O "O5'" . DG  A 1 4 ? -3.221  -11.034 -1.452  1.00 33.98 ? 4   DG  A "O5'" 1 
ATOM   59  C "C5'" . DG  A 1 4 ? -2.697  -11.289 -2.749  1.00 39.08 ? 4   DG  A "C5'" 1 
ATOM   60  C "C4'" . DG  A 1 4 ? -1.182  -11.379 -2.725  1.00 38.15 ? 4   DG  A "C4'" 1 
ATOM   61  O "O4'" . DG  A 1 4 ? -0.608  -10.114 -2.317  1.00 34.71 ? 4   DG  A "O4'" 1 
ATOM   62  C "C3'" . DG  A 1 4 ? -0.604  -12.357 -1.728  1.00 37.73 ? 4   DG  A "C3'" 1 
ATOM   63  O "O3'" . DG  A 1 4 ? -0.697  -13.686 -2.213  1.00 46.24 ? 4   DG  A "O3'" 1 
ATOM   64  C "C2'" . DG  A 1 4 ? 0.841   -11.881 -1.663  1.00 32.41 ? 4   DG  A "C2'" 1 
ATOM   65  C "C1'" . DG  A 1 4 ? 0.667   -10.359 -1.735  1.00 34.95 ? 4   DG  A "C1'" 1 
ATOM   66  N N9    . DG  A 1 4 ? 0.730   -9.720  -0.426  1.00 33.30 ? 4   DG  A N9    1 
ATOM   67  C C8    . DG  A 1 4 ? -0.325  -9.336  0.367   1.00 29.71 ? 4   DG  A C8    1 
ATOM   68  N N7    . DG  A 1 4 ? 0.044   -8.800  1.498   1.00 30.23 ? 4   DG  A N7    1 
ATOM   69  C C5    . DG  A 1 4 ? 1.433   -8.840  1.456   1.00 32.39 ? 4   DG  A C5    1 
ATOM   70  C C6    . DG  A 1 4 ? 2.390   -8.402  2.405   1.00 32.27 ? 4   DG  A C6    1 
ATOM   71  O O6    . DG  A 1 4 ? 2.192   -7.873  3.508   1.00 33.39 ? 4   DG  A O6    1 
ATOM   72  N N1    . DG  A 1 4 ? 3.692   -8.628  1.967   1.00 28.38 ? 4   DG  A N1    1 
ATOM   73  C C2    . DG  A 1 4 ? 4.028   -9.205  0.765   1.00 27.20 ? 4   DG  A C2    1 
ATOM   74  N N2    . DG  A 1 4 ? 5.339   -9.340  0.517   1.00 26.55 ? 4   DG  A N2    1 
ATOM   75  N N3    . DG  A 1 4 ? 3.143   -9.620  -0.131  1.00 29.19 ? 4   DG  A N3    1 
ATOM   76  C C4    . DG  A 1 4 ? 1.869   -9.406  0.281   1.00 30.98 ? 4   DG  A C4    1 
ATOM   77  P P     . DG  A 1 5 ? -0.374  -14.911 -1.227  1.00 43.71 ? 5   DG  A P     1 
ATOM   78  O OP1   . DG  A 1 5 ? -1.009  -16.127 -1.782  1.00 46.74 ? 5   DG  A OP1   1 
ATOM   79  O OP2   . DG  A 1 5 ? -0.721  -14.458 0.141   1.00 35.48 ? 5   DG  A OP2   1 
ATOM   80  O "O5'" . DG  A 1 5 ? 1.219   -15.052 -1.311  1.00 40.00 ? 5   DG  A "O5'" 1 
ATOM   81  C "C5'" . DG  A 1 5 ? 1.983   -15.238 -0.129  1.00 33.76 ? 5   DG  A "C5'" 1 
ATOM   82  C "C4'" . DG  A 1 5 ? 3.433   -14.840 -0.352  1.00 29.29 ? 5   DG  A "C4'" 1 
ATOM   83  O "O4'" . DG  A 1 5 ? 3.540   -13.391 -0.361  1.00 30.08 ? 5   DG  A "O4'" 1 
ATOM   84  C "C3'" . DG  A 1 5 ? 4.397   -15.318 0.728   1.00 29.88 ? 5   DG  A "C3'" 1 
ATOM   85  O "O3'" . DG  A 1 5 ? 4.984   -16.547 0.338   1.00 35.30 ? 5   DG  A "O3'" 1 
ATOM   86  C "C2'" . DG  A 1 5 ? 5.432   -14.199 0.776   1.00 30.48 ? 5   DG  A "C2'" 1 
ATOM   87  C "C1'" . DG  A 1 5 ? 4.566   -12.975 0.522   1.00 31.65 ? 5   DG  A "C1'" 1 
ATOM   88  N N9    . DG  A 1 5 ? 3.946   -12.429 1.729   1.00 34.35 ? 5   DG  A N9    1 
ATOM   89  C C8    . DG  A 1 5 ? 2.601   -12.286 1.974   1.00 30.32 ? 5   DG  A C8    1 
ATOM   90  N N7    . DG  A 1 5 ? 2.336   -11.764 3.139   1.00 27.88 ? 5   DG  A N7    1 
ATOM   91  C C5    . DG  A 1 5 ? 3.583   -11.544 3.708   1.00 31.32 ? 5   DG  A C5    1 
ATOM   92  C C6    . DG  A 1 5 ? 3.927   -10.996 4.966   1.00 32.09 ? 5   DG  A C6    1 
ATOM   93  O O6    . DG  A 1 5 ? 3.170   -10.583 5.857   1.00 29.36 ? 5   DG  A O6    1 
ATOM   94  N N1    . DG  A 1 5 ? 5.307   -10.950 5.149   1.00 31.72 ? 5   DG  A N1    1 
ATOM   95  C C2    . DG  A 1 5 ? 6.236   -11.381 4.231   1.00 31.16 ? 5   DG  A C2    1 
ATOM   96  N N2    . DG  A 1 5 ? 7.524   -11.256 4.586   1.00 26.83 ? 5   DG  A N2    1 
ATOM   97  N N3    . DG  A 1 5 ? 5.928   -11.895 3.047   1.00 30.62 ? 5   DG  A N3    1 
ATOM   98  C C4    . DG  A 1 5 ? 4.587   -11.947 2.853   1.00 34.35 ? 5   DG  A C4    1 
ATOM   99  P P     . DG  A 1 6 ? 5.200   -17.718 1.416   1.00 40.26 ? 6   DG  A P     1 
ATOM   100 O OP1   . DG  A 1 6 ? 5.667   -18.913 0.680   1.00 48.09 ? 6   DG  A OP1   1 
ATOM   101 O OP2   . DG  A 1 6 ? 3.977   -17.796 2.244   1.00 41.89 ? 6   DG  A OP2   1 
ATOM   102 O "O5'" . DG  A 1 6 ? 6.387   -17.176 2.342   1.00 38.64 ? 6   DG  A "O5'" 1 
ATOM   103 C "C5'" . DG  A 1 6 ? 7.660   -16.894 1.776   1.00 34.22 ? 6   DG  A "C5'" 1 
ATOM   104 C "C4'" . DG  A 1 6 ? 8.645   -16.476 2.851   1.00 35.30 ? 6   DG  A "C4'" 1 
ATOM   105 O "O4'" . DG  A 1 6 ? 8.351   -15.124 3.277   1.00 35.99 ? 6   DG  A "O4'" 1 
ATOM   106 C "C3'" . DG  A 1 6 ? 8.592   -17.308 4.120   1.00 38.05 ? 6   DG  A "C3'" 1 
ATOM   107 O "O3'" . DG  A 1 6 ? 9.432   -18.448 3.987   1.00 41.15 ? 6   DG  A "O3'" 1 
ATOM   108 C "C2'" . DG  A 1 6 ? 9.127   -16.335 5.165   1.00 38.77 ? 6   DG  A "C2'" 1 
ATOM   109 C "C1'" . DG  A 1 6 ? 8.578   -14.996 4.670   1.00 38.79 ? 6   DG  A "C1'" 1 
ATOM   110 N N9    . DG  A 1 6 ? 7.326   -14.594 5.309   1.00 36.61 ? 6   DG  A N9    1 
ATOM   111 C C8    . DG  A 1 6 ? 6.052   -14.791 4.835   1.00 37.40 ? 6   DG  A C8    1 
ATOM   112 N N7    . DG  A 1 6 ? 5.126   -14.314 5.621   1.00 39.77 ? 6   DG  A N7    1 
ATOM   113 C C5    . DG  A 1 6 ? 5.832   -13.763 6.682   1.00 38.12 ? 6   DG  A C5    1 
ATOM   114 C C6    . DG  A 1 6 ? 5.364   -13.102 7.844   1.00 42.86 ? 6   DG  A C6    1 
ATOM   115 O O6    . DG  A 1 6 ? 4.194   -12.864 8.177   1.00 45.16 ? 6   DG  A O6    1 
ATOM   116 N N1    . DG  A 1 6 ? 6.415   -12.702 8.666   1.00 41.61 ? 6   DG  A N1    1 
ATOM   117 C C2    . DG  A 1 6 ? 7.747   -12.912 8.396   1.00 36.37 ? 6   DG  A C2    1 
ATOM   118 N N2    . DG  A 1 6 ? 8.617   -12.452 9.307   1.00 39.31 ? 6   DG  A N2    1 
ATOM   119 N N3    . DG  A 1 6 ? 8.197   -13.528 7.313   1.00 32.18 ? 6   DG  A N3    1 
ATOM   120 C C4    . DG  A 1 6 ? 7.188   -13.927 6.504   1.00 35.24 ? 6   DG  A C4    1 
ATOM   121 O "O5'" . DC  B 1 1 ? 5.131   -6.468  14.661  1.00 45.93 ? 7   DC  B "O5'" 1 
ATOM   122 C "C5'" . DC  B 1 1 ? 6.320   -6.446  15.442  1.00 42.42 ? 7   DC  B "C5'" 1 
ATOM   123 C "C4'" . DC  B 1 1 ? 7.415   -7.263  14.780  1.00 42.15 ? 7   DC  B "C4'" 1 
ATOM   124 O "O4'" . DC  B 1 1 ? 6.989   -8.644  14.665  1.00 41.63 ? 7   DC  B "O4'" 1 
ATOM   125 C "C3'" . DC  B 1 1 ? 7.752   -6.854  13.359  1.00 38.80 ? 7   DC  B "C3'" 1 
ATOM   126 O "O3'" . DC  B 1 1 ? 8.673   -5.774  13.359  1.00 45.07 ? 7   DC  B "O3'" 1 
ATOM   127 C "C2'" . DC  B 1 1 ? 8.384   -8.129  12.817  1.00 36.74 ? 7   DC  B "C2'" 1 
ATOM   128 C "C1'" . DC  B 1 1 ? 7.529   -9.210  13.479  1.00 39.02 ? 7   DC  B "C1'" 1 
ATOM   129 N N1    . DC  B 1 1 ? 6.410   -9.697  12.614  1.00 37.94 ? 7   DC  B N1    1 
ATOM   130 C C2    . DC  B 1 1 ? 6.681   -10.604 11.584  1.00 35.80 ? 7   DC  B C2    1 
ATOM   131 O O2    . DC  B 1 1 ? 7.843   -10.990 11.411  1.00 39.42 ? 7   DC  B O2    1 
ATOM   132 N N3    . DC  B 1 1 ? 5.660   -11.039 10.805  1.00 39.13 ? 7   DC  B N3    1 
ATOM   133 C C4    . DC  B 1 1 ? 4.421   -10.602 11.025  1.00 38.84 ? 7   DC  B C4    1 
ATOM   134 N N4    . DC  B 1 1 ? 3.448   -11.060 10.230  1.00 38.15 ? 7   DC  B N4    1 
ATOM   135 C C5    . DC  B 1 1 ? 4.123   -9.676  12.067  1.00 38.79 ? 7   DC  B C5    1 
ATOM   136 C C6    . DC  B 1 1 ? 5.138   -9.253  12.829  1.00 40.78 ? 7   DC  B C6    1 
ATOM   137 P P     . DC  B 1 2 ? 8.733   -4.776  12.101  1.00 41.96 ? 8   DC  B P     1 
ATOM   138 O OP1   . DC  B 1 2 ? 9.715   -3.714  12.418  1.00 49.31 ? 8   DC  B OP1   1 
ATOM   139 O OP2   . DC  B 1 2 ? 7.342   -4.414  11.754  1.00 38.33 ? 8   DC  B OP2   1 
ATOM   140 O "O5'" . DC  B 1 2 ? 9.316   -5.681  10.915  1.00 38.00 ? 8   DC  B "O5'" 1 
ATOM   141 C "C5'" . DC  B 1 2 ? 10.661  -6.144  10.968  1.00 33.69 ? 8   DC  B "C5'" 1 
ATOM   142 C "C4'" . DC  B 1 2 ? 10.933  -7.150  9.863   1.00 29.52 ? 8   DC  B "C4'" 1 
ATOM   143 O "O4'" . DC  B 1 2 ? 10.069  -8.303  10.023  1.00 34.13 ? 8   DC  B "O4'" 1 
ATOM   144 C "C3'" . DC  B 1 2 ? 10.639  -6.660  8.461   1.00 33.70 ? 8   DC  B "C3'" 1 
ATOM   145 O "O3'" . DC  B 1 2 ? 11.729  -5.906  7.964   1.00 37.65 ? 8   DC  B "O3'" 1 
ATOM   146 C "C2'" . DC  B 1 2 ? 10.478  -7.976  7.711   1.00 31.83 ? 8   DC  B "C2'" 1 
ATOM   147 C "C1'" . DC  B 1 2 ? 9.735   -8.825  8.743   1.00 31.11 ? 8   DC  B "C1'" 1 
ATOM   148 N N1    . DC  B 1 2 ? 8.250   -8.791  8.579   1.00 31.58 ? 8   DC  B N1    1 
ATOM   149 C C2    . DC  B 1 2 ? 7.649   -9.581  7.591   1.00 29.23 ? 8   DC  B C2    1 
ATOM   150 O O2    . DC  B 1 2 ? 8.360   -10.296 6.875   1.00 30.77 ? 8   DC  B O2    1 
ATOM   151 N N3    . DC  B 1 2 ? 6.301   -9.540  7.449   1.00 29.47 ? 8   DC  B N3    1 
ATOM   152 C C4    . DC  B 1 2 ? 5.569   -8.755  8.240   1.00 36.09 ? 8   DC  B C4    1 
ATOM   153 N N4    . DC  B 1 2 ? 4.244   -8.749  8.062   1.00 29.72 ? 8   DC  B N4    1 
ATOM   154 C C5    . DC  B 1 2 ? 6.163   -7.941  9.250   1.00 29.78 ? 8   DC  B C5    1 
ATOM   155 C C6    . DC  B 1 2 ? 7.493   -7.989  9.382   1.00 29.35 ? 8   DC  B C6    1 
ATOM   156 P P     . DC  B 1 3 ? 11.471  -4.760  6.869   1.00 36.06 ? 9   DC  B P     1 
ATOM   157 O OP1   . DC  B 1 3 ? 12.742  -4.029  6.681   1.00 44.77 ? 9   DC  B OP1   1 
ATOM   158 O OP2   . DC  B 1 3 ? 10.255  -4.021  7.277   1.00 35.83 ? 9   DC  B OP2   1 
ATOM   159 O "O5'" . DC  B 1 3 ? 11.137  -5.574  5.531   1.00 41.25 ? 9   DC  B "O5'" 1 
ATOM   160 C "C5'" . DC  B 1 3 ? 12.143  -6.378  4.920   1.00 27.09 ? 9   DC  B "C5'" 1 
ATOM   161 C "C4'" . DC  B 1 3 ? 11.553  -7.270  3.839   1.00 28.58 ? 9   DC  B "C4'" 1 
ATOM   162 O "O4'" . DC  B 1 3 ? 10.504  -8.092  4.401   1.00 30.54 ? 9   DC  B "O4'" 1 
ATOM   163 C "C3'" . DC  B 1 3 ? 10.886  -6.541  2.690   1.00 28.85 ? 9   DC  B "C3'" 1 
ATOM   164 O "O3'" . DC  B 1 3 ? 11.858  -6.149  1.734   1.00 31.14 ? 9   DC  B "O3'" 1 
ATOM   165 C "C2'" . DC  B 1 3 ? 9.966   -7.621  2.136   1.00 31.33 ? 9   DC  B "C2'" 1 
ATOM   166 C "C1'" . DC  B 1 3 ? 9.520   -8.347  3.409   1.00 32.23 ? 9   DC  B "C1'" 1 
ATOM   167 N N1    . DC  B 1 3 ? 8.192   -7.895  3.919   1.00 33.34 ? 9   DC  B N1    1 
ATOM   168 C C2    . DC  B 1 3 ? 7.027   -8.266  3.238   1.00 29.46 ? 9   DC  B C2    1 
ATOM   169 O O2    . DC  B 1 3 ? 7.120   -8.962  2.220   1.00 29.78 ? 9   DC  B O2    1 
ATOM   170 N N3    . DC  B 1 3 ? 5.827   -7.850  3.712   1.00 29.03 ? 9   DC  B N3    1 
ATOM   171 C C4    . DC  B 1 3 ? 5.768   -7.100  4.812   1.00 30.64 ? 9   DC  B C4    1 
ATOM   172 N N4    . DC  B 1 3 ? 4.561   -6.716  5.242   1.00 26.43 ? 9   DC  B N4    1 
ATOM   173 C C5    . DC  B 1 3 ? 6.942   -6.712  5.521   1.00 27.88 ? 9   DC  B C5    1 
ATOM   174 C C6    . DC  B 1 3 ? 8.122   -7.127  5.045   1.00 29.47 ? 9   DC  B C6    1 
ATOM   175 P P     . DG  B 1 4 ? 11.505  -5.032  0.634   1.00 30.93 ? 10  DG  B P     1 
ATOM   176 O OP1   . DG  B 1 4 ? 12.750  -4.716  -0.098  1.00 37.31 ? 10  DG  B OP1   1 
ATOM   177 O OP2   . DG  B 1 4 ? 10.741  -3.956  1.305   1.00 37.81 ? 10  DG  B OP2   1 
ATOM   178 O "O5'" . DG  B 1 4 ? 10.513  -5.777  -0.373  1.00 34.57 ? 10  DG  B "O5'" 1 
ATOM   179 C "C5'" . DG  B 1 4 ? 11.025  -6.705  -1.319  1.00 25.93 ? 10  DG  B "C5'" 1 
ATOM   180 C "C4'" . DG  B 1 4 ? 10.016  -6.952  -2.423  1.00 25.43 ? 10  DG  B "C4'" 1 
ATOM   181 O "O4'" . DG  B 1 4 ? 8.927   -7.759  -1.909  1.00 31.22 ? 10  DG  B "O4'" 1 
ATOM   182 C "C3'" . DG  B 1 4 ? 9.355   -5.699  -2.973  1.00 24.95 ? 10  DG  B "C3'" 1 
ATOM   183 O "O3'" . DG  B 1 4 ? 10.134  -5.161  -4.028  1.00 28.04 ? 10  DG  B "O3'" 1 
ATOM   184 C "C2'" . DG  B 1 4 ? 8.022   -6.234  -3.478  1.00 24.17 ? 10  DG  B "C2'" 1 
ATOM   185 C "C1'" . DG  B 1 4 ? 7.692   -7.286  -2.423  1.00 27.61 ? 10  DG  B "C1'" 1 
ATOM   186 N N9    . DG  B 1 4 ? 6.895   -6.771  -1.312  1.00 26.06 ? 10  DG  B N9    1 
ATOM   187 C C8    . DG  B 1 4 ? 7.358   -6.337  -0.091  1.00 26.14 ? 10  DG  B C8    1 
ATOM   188 N N7    . DG  B 1 4 ? 6.409   -5.929  0.707   1.00 25.87 ? 10  DG  B N7    1 
ATOM   189 C C5    . DG  B 1 4 ? 5.245   -6.102  -0.029  1.00 27.30 ? 10  DG  B C5    1 
ATOM   190 C C6    . DG  B 1 4 ? 3.898   -5.834  0.316   1.00 28.80 ? 10  DG  B C6    1 
ATOM   191 O O6    . DG  B 1 4 ? 3.455   -5.374  1.378   1.00 23.87 ? 10  DG  B O6    1 
ATOM   192 N N1    . DG  B 1 4 ? 3.026   -6.154  -0.722  1.00 25.11 ? 10  DG  B N1    1 
ATOM   193 C C2    . DG  B 1 4 ? 3.407   -6.669  -1.938  1.00 26.80 ? 10  DG  B C2    1 
ATOM   194 N N2    . DG  B 1 4 ? 2.421   -6.913  -2.813  1.00 22.91 ? 10  DG  B N2    1 
ATOM   195 N N3    . DG  B 1 4 ? 4.665   -6.926  -2.274  1.00 26.79 ? 10  DG  B N3    1 
ATOM   196 C C4    . DG  B 1 4 ? 5.527   -6.621  -1.274  1.00 24.51 ? 10  DG  B C4    1 
ATOM   197 P P     . DG  B 1 5 ? 10.115  -3.581  -4.318  1.00 29.99 ? 11  DG  B P     1 
ATOM   198 O OP1   . DG  B 1 5 ? 11.109  -3.313  -5.381  1.00 28.56 ? 11  DG  B OP1   1 
ATOM   199 O OP2   . DG  B 1 5 ? 10.217  -2.884  -3.018  1.00 31.89 ? 11  DG  B OP2   1 
ATOM   200 O "O5'" . DG  B 1 5 ? 8.649   -3.318  -4.900  1.00 27.03 ? 11  DG  B "O5'" 1 
ATOM   201 C "C5'" . DG  B 1 5 ? 7.787   -2.374  -4.275  1.00 24.48 ? 11  DG  B "C5'" 1 
ATOM   202 C "C4'" . DG  B 1 5 ? 6.354   -2.591  -4.724  1.00 28.91 ? 11  DG  B "C4'" 1 
ATOM   203 O "O4'" . DG  B 1 5 ? 5.748   -3.639  -3.920  1.00 25.39 ? 11  DG  B "O4'" 1 
ATOM   204 C "C3'" . DG  B 1 5 ? 5.426   -1.407  -4.538  1.00 26.73 ? 11  DG  B "C3'" 1 
ATOM   205 O "O3'" . DG  B 1 5 ? 5.556   -0.491  -5.612  1.00 29.99 ? 11  DG  B "O3'" 1 
ATOM   206 C "C2'" . DG  B 1 5 ? 4.074   -2.099  -4.548  1.00 23.74 ? 11  DG  B "C2'" 1 
ATOM   207 C "C1'" . DG  B 1 5 ? 4.380   -3.324  -3.692  1.00 24.99 ? 11  DG  B "C1'" 1 
ATOM   208 N N9    . DG  B 1 5 ? 4.182   -3.080  -2.266  1.00 25.00 ? 11  DG  B N9    1 
ATOM   209 C C8    . DG  B 1 5 ? 5.150   -2.981  -1.296  1.00 25.46 ? 11  DG  B C8    1 
ATOM   210 N N7    . DG  B 1 5 ? 4.670   -2.744  -0.105  1.00 26.86 ? 11  DG  B N7    1 
ATOM   211 C C5    . DG  B 1 5 ? 3.296   -2.675  -0.300  1.00 28.19 ? 11  DG  B C5    1 
ATOM   212 C C6    . DG  B 1 5 ? 2.254   -2.440  0.628   1.00 29.09 ? 11  DG  B C6    1 
ATOM   213 O O6    . DG  B 1 5 ? 2.341   -2.240  1.848   1.00 31.94 ? 11  DG  B O6    1 
ATOM   214 N N1    . DG  B 1 5 ? 1.004   -2.452  0.014   1.00 29.27 ? 11  DG  B N1    1 
ATOM   215 C C2    . DG  B 1 5 ? 0.789   -2.664  -1.326  1.00 28.86 ? 11  DG  B C2    1 
ATOM   216 N N2    . DG  B 1 5 ? -0.489  -2.638  -1.734  1.00 33.73 ? 11  DG  B N2    1 
ATOM   217 N N3    . DG  B 1 5 ? 1.757   -2.886  -2.206  1.00 26.84 ? 11  DG  B N3    1 
ATOM   218 C C4    . DG  B 1 5 ? 2.980   -2.877  -1.625  1.00 27.11 ? 11  DG  B C4    1 
ATOM   219 P P     . DG  B 1 6 ? 5.369   1.083   -5.341  1.00 25.89 ? 12  DG  B P     1 
ATOM   220 O OP1   . DG  B 1 6 ? 5.598   1.788   -6.619  1.00 27.90 ? 12  DG  B OP1   1 
ATOM   221 O OP2   . DG  B 1 6 ? 6.177   1.434   -4.153  1.00 31.23 ? 12  DG  B OP2   1 
ATOM   222 O "O5'" . DG  B 1 6 ? 3.825   1.228   -4.940  1.00 29.98 ? 12  DG  B "O5'" 1 
ATOM   223 C "C5'" . DG  B 1 6 ? 2.815   0.910   -5.888  1.00 22.68 ? 12  DG  B "C5'" 1 
ATOM   224 C "C4'" . DG  B 1 6 ? 1.429   1.106   -5.301  1.00 25.08 ? 12  DG  B "C4'" 1 
ATOM   225 O "O4'" . DG  B 1 6 ? 1.233   0.216   -4.179  1.00 28.69 ? 12  DG  B "O4'" 1 
ATOM   226 C "C3'" . DG  B 1 6 ? 1.157   2.483   -4.731  1.00 24.47 ? 12  DG  B "C3'" 1 
ATOM   227 O "O3'" . DG  B 1 6 ? 0.802   3.379   -5.773  1.00 25.30 ? 12  DG  B "O3'" 1 
ATOM   228 C "C2'" . DG  B 1 6 ? -0.026  2.202   -3.808  1.00 25.01 ? 12  DG  B "C2'" 1 
ATOM   229 C "C1'" . DG  B 1 6 ? 0.295   0.796   -3.284  1.00 26.68 ? 12  DG  B "C1'" 1 
ATOM   230 N N9    . DG  B 1 6 ? 0.867   0.793   -1.942  1.00 27.08 ? 12  DG  B N9    1 
ATOM   231 C C8    . DG  B 1 6 ? 2.199   0.776   -1.611  1.00 25.60 ? 12  DG  B C8    1 
ATOM   232 N N7    . DG  B 1 6 ? 2.415   0.783   -0.326  1.00 30.63 ? 12  DG  B N7    1 
ATOM   233 C C5    . DG  B 1 6 ? 1.144   0.811   0.233   1.00 32.76 ? 12  DG  B C5    1 
ATOM   234 C C6    . DG  B 1 6 ? 0.744   0.829   1.590   1.00 32.76 ? 12  DG  B C6    1 
ATOM   235 O O6    . DG  B 1 6 ? 1.460   0.827   2.601   1.00 33.63 ? 12  DG  B O6    1 
ATOM   236 N N1    . DG  B 1 6 ? -0.641  0.855   1.720   1.00 32.33 ? 12  DG  B N1    1 
ATOM   237 C C2    . DG  B 1 6 ? -1.529  0.862   0.671   1.00 28.60 ? 12  DG  B C2    1 
ATOM   238 N N2    . DG  B 1 6 ? -2.831  0.887   0.994   1.00 27.78 ? 12  DG  B N2    1 
ATOM   239 N N3    . DG  B 1 6 ? -1.169  0.844   -0.607  1.00 26.13 ? 12  DG  B N3    1 
ATOM   240 C C4    . DG  B 1 6 ? 0.178   0.820   -0.749  1.00 27.24 ? 12  DG  B C4    1 
ATOM   241 O "O5'" . DC  C 1 1 ? -13.158 11.467  3.042   1.00 49.67 ? 1   DC  C "O5'" 1 
ATOM   242 C "C5'" . DC  C 1 1 ? -13.767 11.238  4.306   1.00 41.77 ? 1   DC  C "C5'" 1 
ATOM   243 C "C4'" . DC  C 1 1 ? -13.385 9.873   4.846   1.00 42.42 ? 1   DC  C "C4'" 1 
ATOM   244 O "O4'" . DC  C 1 1 ? -13.970 8.843   4.013   1.00 45.11 ? 1   DC  C "O4'" 1 
ATOM   245 C "C3'" . DC  C 1 1 ? -11.898 9.575   4.834   1.00 41.70 ? 1   DC  C "C3'" 1 
ATOM   246 O "O3'" . DC  C 1 1 ? -11.283 10.091  6.004   1.00 45.91 ? 1   DC  C "O3'" 1 
ATOM   247 C "C2'" . DC  C 1 1 ? -11.888 8.052   4.825   1.00 41.23 ? 1   DC  C "C2'" 1 
ATOM   248 C "C1'" . DC  C 1 1 ? -13.085 7.736   3.930   1.00 41.76 ? 1   DC  C "C1'" 1 
ATOM   249 N N1    . DC  C 1 1 ? -12.717 7.518   2.498   1.00 39.97 ? 1   DC  C N1    1 
ATOM   250 C C2    . DC  C 1 1 ? -12.234 6.270   2.094   1.00 36.52 ? 1   DC  C C2    1 
ATOM   251 O O2    . DC  C 1 1 ? -12.123 5.369   2.933   1.00 38.64 ? 1   DC  C O2    1 
ATOM   252 N N3    . DC  C 1 1 ? -11.902 6.084   0.793   1.00 35.93 ? 1   DC  C N3    1 
ATOM   253 C C4    . DC  C 1 1 ? -12.037 7.083   -0.080  1.00 34.42 ? 1   DC  C C4    1 
ATOM   254 N N4    . DC  C 1 1 ? -11.697 6.851   -1.353  1.00 33.78 ? 1   DC  C N4    1 
ATOM   255 C C5    . DC  C 1 1 ? -12.525 8.364   0.312   1.00 34.41 ? 1   DC  C C5    1 
ATOM   256 C C6    . DC  C 1 1 ? -12.850 8.535   1.597   1.00 41.30 ? 1   DC  C C6    1 
ATOM   257 P P     . DC  C 1 2 ? -9.713  10.429  6.005   1.00 43.15 ? 2   DC  C P     1 
ATOM   258 O OP1   . DC  C 1 2 ? -9.414  11.140  7.268   1.00 50.67 ? 2   DC  C OP1   1 
ATOM   259 O OP2   . DC  C 1 2 ? -9.390  11.067  4.709   1.00 43.31 ? 2   DC  C OP2   1 
ATOM   260 O "O5'" . DC  C 1 2 ? -9.009  8.991   6.036   1.00 38.87 ? 2   DC  C "O5'" 1 
ATOM   261 C "C5'" . DC  C 1 2 ? -9.192  8.138   7.159   1.00 37.55 ? 2   DC  C "C5'" 1 
ATOM   262 C "C4'" . DC  C 1 2 ? -8.551  6.783   6.925   1.00 37.54 ? 2   DC  C "C4'" 1 
ATOM   263 O "O4'" . DC  C 1 2 ? -9.255  6.079   5.874   1.00 40.18 ? 2   DC  C "O4'" 1 
ATOM   264 C "C3'" . DC  C 1 2 ? -7.118  6.825   6.440   1.00 34.62 ? 2   DC  C "C3'" 1 
ATOM   265 O "O3'" . DC  C 1 2 ? -6.236  7.005   7.530   1.00 36.09 ? 2   DC  C "O3'" 1 
ATOM   266 C "C2'" . DC  C 1 2 ? -6.967  5.443   5.818   1.00 37.77 ? 2   DC  C "C2'" 1 
ATOM   267 C "C1'" . DC  C 1 2 ? -8.346  5.232   5.186   1.00 38.97 ? 2   DC  C "C1'" 1 
ATOM   268 N N1    . DC  C 1 2 ? -8.389  5.558   3.729   1.00 34.53 ? 2   DC  C N1    1 
ATOM   269 C C2    . DC  C 1 2 ? -7.980  4.600   2.795   1.00 32.67 ? 2   DC  C C2    1 
ATOM   270 O O2    . DC  C 1 2 ? -7.593  3.496   3.195   1.00 33.87 ? 2   DC  C O2    1 
ATOM   271 N N3    . DC  C 1 2 ? -8.021  4.910   1.474   1.00 33.92 ? 2   DC  C N3    1 
ATOM   272 C C4    . DC  C 1 2 ? -8.446  6.112   1.084   1.00 33.56 ? 2   DC  C C4    1 
ATOM   273 N N4    . DC  C 1 2 ? -8.470  6.371   -0.226  1.00 31.13 ? 2   DC  C N4    1 
ATOM   274 C C5    . DC  C 1 2 ? -8.864  7.103   2.021   1.00 34.45 ? 2   DC  C C5    1 
ATOM   275 C C6    . DC  C 1 2 ? -8.818  6.786   3.321   1.00 33.01 ? 2   DC  C C6    1 
ATOM   276 P P     . DC  C 1 3 ? -4.852  7.788   7.312   1.00 39.84 ? 3   DC  C P     1 
ATOM   277 O OP1   . DC  C 1 3 ? -4.165  7.851   8.620   1.00 49.57 ? 3   DC  C OP1   1 
ATOM   278 O OP2   . DC  C 1 3 ? -5.151  9.037   6.577   1.00 39.68 ? 3   DC  C OP2   1 
ATOM   279 O "O5'" . DC  C 1 3 ? -4.015  6.828   6.341   1.00 41.90 ? 3   DC  C "O5'" 1 
ATOM   280 C "C5'" . DC  C 1 3 ? -3.398  5.658   6.867   1.00 37.20 ? 3   DC  C "C5'" 1 
ATOM   281 C "C4'" . DC  C 1 3 ? -2.920  4.733   5.758   1.00 35.39 ? 3   DC  C "C4'" 1 
ATOM   282 O "O4'" . DC  C 1 3 ? -4.011  4.443   4.850   1.00 36.25 ? 3   DC  C "O4'" 1 
ATOM   283 C "C3'" . DC  C 1 3 ? -1.844  5.298   4.853   1.00 35.88 ? 3   DC  C "C3'" 1 
ATOM   284 O "O3'" . DC  C 1 3 ? -0.568  5.205   5.461   1.00 39.05 ? 3   DC  C "O3'" 1 
ATOM   285 C "C2'" . DC  C 1 3 ? -1.964  4.368   3.655   1.00 35.81 ? 3   DC  C "C2'" 1 
ATOM   286 C "C1'" . DC  C 1 3 ? -3.483  4.207   3.550   1.00 36.63 ? 3   DC  C "C1'" 1 
ATOM   287 N N1    . DC  C 1 3 ? -4.102  5.160   2.593   1.00 33.81 ? 3   DC  C N1    1 
ATOM   288 C C2    . DC  C 1 3 ? -4.109  4.854   1.227   1.00 30.69 ? 3   DC  C C2    1 
ATOM   289 O O2    . DC  C 1 3 ? -3.611  3.787   0.846   1.00 35.65 ? 3   DC  C O2    1 
ATOM   290 N N3    . DC  C 1 3 ? -4.665  5.735   0.361   1.00 27.75 ? 3   DC  C N3    1 
ATOM   291 C C4    . DC  C 1 3 ? -5.190  6.874   0.813   1.00 29.15 ? 3   DC  C C4    1 
ATOM   292 N N4    . DC  C 1 3 ? -5.729  7.710   -0.080  1.00 29.05 ? 3   DC  C N4    1 
ATOM   293 C C5    . DC  C 1 3 ? -5.188  7.206   2.200   1.00 26.82 ? 3   DC  C C5    1 
ATOM   294 C C6    . DC  C 1 3 ? -4.637  6.330   3.046   1.00 31.61 ? 3   DC  C C6    1 
ATOM   295 P P     . DG  C 1 4 ? 0.589   6.237   5.038   1.00 38.77 ? 4   DG  C P     1 
ATOM   296 O OP1   . DG  C 1 4 ? 1.744   6.017   5.935   1.00 46.70 ? 4   DG  C OP1   1 
ATOM   297 O OP2   . DG  C 1 4 ? -0.030  7.578   4.946   1.00 42.67 ? 4   DG  C OP2   1 
ATOM   298 O "O5'" . DG  C 1 4 ? 0.990   5.784   3.554   1.00 35.94 ? 4   DG  C "O5'" 1 
ATOM   299 C "C5'" . DG  C 1 4 ? 1.737   4.593   3.360   1.00 32.07 ? 4   DG  C "C5'" 1 
ATOM   300 C "C4'" . DG  C 1 4 ? 1.681   4.130   1.913   1.00 31.24 ? 4   DG  C "C4'" 1 
ATOM   301 O "O4'" . DG  C 1 4 ? 0.320   4.182   1.425   1.00 27.51 ? 4   DG  C "O4'" 1 
ATOM   302 C "C3'" . DG  C 1 4 ? 2.453   4.975   0.924   1.00 28.51 ? 4   DG  C "C3'" 1 
ATOM   303 O "O3'" . DG  C 1 4 ? 3.826   4.638   0.959   1.00 29.61 ? 4   DG  C "O3'" 1 
ATOM   304 C "C2'" . DG  C 1 4 ? 1.808   4.546   -0.386  1.00 30.48 ? 4   DG  C "C2'" 1 
ATOM   305 C "C1'" . DG  C 1 4 ? 0.339   4.417   0.025   1.00 25.33 ? 4   DG  C "C1'" 1 
ATOM   306 N N9    . DG  C 1 4 ? -0.438  5.617   -0.258  1.00 28.48 ? 4   DG  C N9    1 
ATOM   307 C C8    . DG  C 1 4 ? -0.992  6.481   0.654   1.00 23.78 ? 4   DG  C C8    1 
ATOM   308 N N7    . DG  C 1 4 ? -1.629  7.478   0.104   1.00 26.95 ? 4   DG  C N7    1 
ATOM   309 C C5    . DG  C 1 4 ? -1.481  7.263   -1.261  1.00 27.68 ? 4   DG  C C5    1 
ATOM   310 C C6    . DG  C 1 4 ? -1.957  8.017   -2.360  1.00 28.22 ? 4   DG  C C6    1 
ATOM   311 O O6    . DG  C 1 4 ? -2.625  9.059   -2.344  1.00 30.78 ? 4   DG  C O6    1 
ATOM   312 N N1    . DG  C 1 4 ? -1.583  7.448   -3.576  1.00 27.38 ? 4   DG  C N1    1 
ATOM   313 C C2    . DG  C 1 4 ? -0.843  6.296   -3.711  1.00 26.29 ? 4   DG  C C2    1 
ATOM   314 N N2    . DG  C 1 4 ? -0.581  5.901   -4.965  1.00 25.90 ? 4   DG  C N2    1 
ATOM   315 N N3    . DG  C 1 4 ? -0.393  5.581   -2.689  1.00 25.72 ? 4   DG  C N3    1 
ATOM   316 C C4    . DG  C 1 4 ? -0.749  6.123   -1.499  1.00 25.95 ? 4   DG  C C4    1 
ATOM   317 P P     . DG  C 1 5 ? 4.924   5.717   0.504   1.00 30.25 ? 5   DG  C P     1 
ATOM   318 O OP1   . DG  C 1 5 ? 6.260   5.192   0.863   1.00 33.93 ? 5   DG  C OP1   1 
ATOM   319 O OP2   . DG  C 1 5 ? 4.485   7.030   1.026   1.00 34.24 ? 5   DG  C OP2   1 
ATOM   320 O "O5'" . DG  C 1 5 ? 4.794   5.753   -1.091  1.00 31.58 ? 5   DG  C "O5'" 1 
ATOM   321 C "C5'" . DG  C 1 5 ? 5.261   4.656   -1.867  1.00 26.43 ? 5   DG  C "C5'" 1 
ATOM   322 C "C4'" . DG  C 1 5 ? 4.980   4.868   -3.346  1.00 29.95 ? 5   DG  C "C4'" 1 
ATOM   323 O "O4'" . DG  C 1 5 ? 3.552   4.971   -3.569  1.00 30.13 ? 5   DG  C "O4'" 1 
ATOM   324 C "C3'" . DG  C 1 5 ? 5.539   6.148   -3.942  1.00 29.00 ? 5   DG  C "C3'" 1 
ATOM   325 O "O3'" . DG  C 1 5 ? 6.904   5.986   -4.282  1.00 30.58 ? 5   DG  C "O3'" 1 
ATOM   326 C "C2'" . DG  C 1 5 ? 4.669   6.289   -5.182  1.00 28.21 ? 5   DG  C "C2'" 1 
ATOM   327 C "C1'" . DG  C 1 5 ? 3.306   5.892   -4.625  1.00 29.82 ? 5   DG  C "C1'" 1 
ATOM   328 N N9    . DG  C 1 5 ? 2.567   7.030   -4.092  1.00 29.52 ? 5   DG  C N9    1 
ATOM   329 C C8    . DG  C 1 5 ? 2.340   7.327   -2.771  1.00 21.90 ? 5   DG  C C8    1 
ATOM   330 N N7    . DG  C 1 5 ? 1.656   8.424   -2.596  1.00 26.80 ? 5   DG  C N7    1 
ATOM   331 C C5    . DG  C 1 5 ? 1.418   8.886   -3.885  1.00 26.80 ? 5   DG  C C5    1 
ATOM   332 C C6    . DG  C 1 5 ? 0.723   10.037  -4.328  1.00 27.63 ? 5   DG  C C6    1 
ATOM   333 O O6    . DG  C 1 5 ? 0.161   10.904  -3.645  1.00 29.22 ? 5   DG  C O6    1 
ATOM   334 N N1    . DG  C 1 5 ? 0.719   10.135  -5.718  1.00 25.97 ? 5   DG  C N1    1 
ATOM   335 C C2    . DG  C 1 5 ? 1.310   9.234   -6.572  1.00 31.46 ? 5   DG  C C2    1 
ATOM   336 N N2    . DG  C 1 5 ? 1.200   9.496   -7.884  1.00 23.31 ? 5   DG  C N2    1 
ATOM   337 N N3    . DG  C 1 5 ? 1.965   8.151   -6.169  1.00 28.55 ? 5   DG  C N3    1 
ATOM   338 C C4    . DG  C 1 5 ? 1.979   8.042   -4.817  1.00 28.10 ? 5   DG  C C4    1 
ATOM   339 P P     . DG  C 1 6 ? 7.895   7.252   -4.253  1.00 33.38 ? 6   DG  C P     1 
ATOM   340 O OP1   . DG  C 1 6 ? 9.237   6.778   -4.659  1.00 33.57 ? 6   DG  C OP1   1 
ATOM   341 O OP2   . DG  C 1 6 ? 7.714   7.939   -2.954  1.00 35.25 ? 6   DG  C OP2   1 
ATOM   342 O "O5'" . DG  C 1 6 ? 7.328   8.216   -5.399  1.00 32.51 ? 6   DG  C "O5'" 1 
ATOM   343 C "C5'" . DG  C 1 6 ? 7.413   7.823   -6.764  1.00 23.24 ? 6   DG  C "C5'" 1 
ATOM   344 C "C4'" . DG  C 1 6 ? 6.786   8.865   -7.673  1.00 30.61 ? 6   DG  C "C4'" 1 
ATOM   345 O "O4'" . DG  C 1 6 ? 5.409   9.081   -7.296  1.00 25.98 ? 6   DG  C "O4'" 1 
ATOM   346 C "C3'" . DG  C 1 6 ? 7.410   10.242  -7.597  1.00 30.95 ? 6   DG  C "C3'" 1 
ATOM   347 O "O3'" . DG  C 1 6 ? 8.569   10.296  -8.418  1.00 34.98 ? 6   DG  C "O3'" 1 
ATOM   348 C "C2'" . DG  C 1 6 ? 6.290   11.121  -8.148  1.00 29.86 ? 6   DG  C "C2'" 1 
ATOM   349 C "C1'" . DG  C 1 6 ? 5.028   10.400  -7.656  1.00 28.16 ? 6   DG  C "C1'" 1 
ATOM   350 N N9    . DG  C 1 6 ? 4.412   11.044  -6.502  1.00 24.97 ? 6   DG  C N9    1 
ATOM   351 C C8    . DG  C 1 6 ? 4.646   10.770  -5.177  1.00 29.17 ? 6   DG  C C8    1 
ATOM   352 N N7    . DG  C 1 6 ? 3.954   11.517  -4.363  1.00 30.88 ? 6   DG  C N7    1 
ATOM   353 C C5    . DG  C 1 6 ? 3.214   12.341  -5.202  1.00 26.52 ? 6   DG  C C5    1 
ATOM   354 C C6    . DG  C 1 6 ? 2.282   13.358  -4.889  1.00 33.41 ? 6   DG  C C6    1 
ATOM   355 O O6    . DG  C 1 6 ? 1.913   13.743  -3.771  1.00 28.81 ? 6   DG  C O6    1 
ATOM   356 N N1    . DG  C 1 6 ? 1.759   13.950  -6.038  1.00 35.04 ? 6   DG  C N1    1 
ATOM   357 C C2    . DG  C 1 6 ? 2.095   13.603  -7.323  1.00 32.70 ? 6   DG  C C2    1 
ATOM   358 N N2    . DG  C 1 6 ? 1.485   14.289  -8.304  1.00 30.25 ? 6   DG  C N2    1 
ATOM   359 N N3    . DG  C 1 6 ? 2.969   12.650  -7.631  1.00 27.13 ? 6   DG  C N3    1 
ATOM   360 C C4    . DG  C 1 6 ? 3.486   12.064  -6.522  1.00 32.37 ? 6   DG  C C4    1 
ATOM   361 O "O5'" . DC  D 1 1 ? -5.353  18.973  -5.776  1.00 48.91 ? 7   DC  D "O5'" 1 
ATOM   362 C "C5'" . DC  D 1 1 ? -5.332  19.777  -6.948  1.00 35.82 ? 7   DC  D "C5'" 1 
ATOM   363 C "C4'" . DC  D 1 1 ? -4.338  19.229  -7.956  1.00 33.01 ? 7   DC  D "C4'" 1 
ATOM   364 O "O4'" . DC  D 1 1 ? -2.994  19.367  -7.434  1.00 32.31 ? 7   DC  D "O4'" 1 
ATOM   365 C "C3'" . DC  D 1 1 ? -4.478  17.751  -8.258  1.00 31.21 ? 7   DC  D "C3'" 1 
ATOM   366 O "O3'" . DC  D 1 1 ? -5.458  17.544  -9.258  1.00 36.12 ? 7   DC  D "O3'" 1 
ATOM   367 C "C2'" . DC  D 1 1 ? -3.086  17.411  -8.771  1.00 30.81 ? 7   DC  D "C2'" 1 
ATOM   368 C "C1'" . DC  D 1 1 ? -2.199  18.276  -7.873  1.00 32.50 ? 7   DC  D "C1'" 1 
ATOM   369 N N1    . DC  D 1 1 ? -1.676  17.554  -6.673  1.00 35.18 ? 7   DC  D N1    1 
ATOM   370 C C2    . DC  D 1 1 ? -0.727  16.534  -6.834  1.00 31.87 ? 7   DC  D C2    1 
ATOM   371 O O2    . DC  D 1 1 ? -0.334  16.245  -7.970  1.00 31.11 ? 7   DC  D O2    1 
ATOM   372 N N3    . DC  D 1 1 ? -0.264  15.891  -5.734  1.00 33.15 ? 7   DC  D N3    1 
ATOM   373 C C4    . DC  D 1 1 ? -0.711  16.228  -4.524  1.00 32.67 ? 7   DC  D C4    1 
ATOM   374 N N4    . DC  D 1 1 ? -0.224  15.564  -3.471  1.00 28.16 ? 7   DC  D N4    1 
ATOM   375 C C5    . DC  D 1 1 ? -1.676  17.262  -4.339  1.00 32.89 ? 7   DC  D C5    1 
ATOM   376 C C6    . DC  D 1 1 ? -2.125  17.893  -5.431  1.00 36.11 ? 7   DC  D C6    1 
ATOM   377 P P     . DC  D 1 2 ? -6.205  16.126  -9.368  1.00 35.35 ? 8   DC  D P     1 
ATOM   378 O OP1   . DC  D 1 2 ? -7.263  16.260  -10.393 1.00 45.69 ? 8   DC  D OP1   1 
ATOM   379 O OP2   . DC  D 1 2 ? -6.563  15.698  -7.999  1.00 38.29 ? 8   DC  D OP2   1 
ATOM   380 O "O5'" . DC  D 1 2 ? -5.077  15.134  -9.919  1.00 37.65 ? 8   DC  D "O5'" 1 
ATOM   381 C "C5'" . DC  D 1 2 ? -4.593  15.276  -11.250 1.00 29.29 ? 8   DC  D "C5'" 1 
ATOM   382 C "C4'" . DC  D 1 2 ? -3.485  14.276  -11.536 1.00 30.06 ? 8   DC  D "C4'" 1 
ATOM   383 O "O4'" . DC  D 1 2 ? -2.347  14.546  -10.680 1.00 28.21 ? 8   DC  D "O4'" 1 
ATOM   384 C "C3'" . DC  D 1 2 ? -3.836  12.828  -11.249 1.00 28.44 ? 8   DC  D "C3'" 1 
ATOM   385 O "O3'" . DC  D 1 2 ? -4.515  12.262  -12.353 1.00 29.97 ? 8   DC  D "O3'" 1 
ATOM   386 C "C2'" . DC  D 1 2 ? -2.458  12.210  -11.066 1.00 29.39 ? 8   DC  D "C2'" 1 
ATOM   387 C "C1'" . DC  D 1 2 ? -1.719  13.322  -10.323 1.00 29.33 ? 8   DC  D "C1'" 1 
ATOM   388 N N1    . DC  D 1 2 ? -1.760  13.174  -8.835  1.00 29.02 ? 8   DC  D N1    1 
ATOM   389 C C2    . DC  D 1 2 ? -0.915  12.251  -8.208  1.00 27.93 ? 8   DC  D C2    1 
ATOM   390 O O2    . DC  D 1 2 ? -0.144  11.574  -8.898  1.00 31.34 ? 8   DC  D O2    1 
ATOM   391 N N3    . DC  D 1 2 ? -0.963  12.128  -6.859  1.00 27.13 ? 8   DC  D N3    1 
ATOM   392 C C4    . DC  D 1 2 ? -1.809  12.875  -6.150  1.00 29.09 ? 8   DC  D C4    1 
ATOM   393 N N4    . DC  D 1 2 ? -1.821  12.719  -4.823  1.00 29.78 ? 8   DC  D N4    1 
ATOM   394 C C5    . DC  D 1 2 ? -2.682  13.817  -6.770  1.00 26.75 ? 8   DC  D C5    1 
ATOM   395 C C6    . DC  D 1 2 ? -2.624  13.933  -8.101  1.00 27.78 ? 8   DC  D C6    1 
ATOM   396 P P     . DC  D 1 3 ? -5.573  11.077  -12.121 1.00 35.28 ? 9   DC  D P     1 
ATOM   397 O OP1   . DC  D 1 3 ? -6.134  10.730  -13.445 1.00 35.73 ? 9   DC  D OP1   1 
ATOM   398 O OP2   . DC  D 1 3 ? -6.475  11.479  -11.019 1.00 36.31 ? 9   DC  D OP2   1 
ATOM   399 O "O5'" . DC  D 1 3 ? -4.678  9.854   -11.602 1.00 32.58 ? 9   DC  D "O5'" 1 
ATOM   400 C "C5'" . DC  D 1 3 ? -3.832  9.162   -12.512 1.00 30.56 ? 9   DC  D "C5'" 1 
ATOM   401 C "C4'" . DC  D 1 3 ? -2.875  8.232   -11.783 1.00 32.01 ? 9   DC  D "C4'" 1 
ATOM   402 O "O4'" . DC  D 1 3 ? -2.122  8.975   -10.794 1.00 29.36 ? 9   DC  D "O4'" 1 
ATOM   403 C "C3'" . DC  D 1 3 ? -3.523  7.117   -10.984 1.00 29.14 ? 9   DC  D "C3'" 1 
ATOM   404 O "O3'" . DC  D 1 3 ? -3.869  6.034   -11.833 1.00 32.35 ? 9   DC  D "O3'" 1 
ATOM   405 C "C2'" . DC  D 1 3 ? -2.390  6.742   -10.039 1.00 27.06 ? 9   DC  D "C2'" 1 
ATOM   406 C "C1'" . DC  D 1 3 ? -1.799  8.114   -9.709  1.00 27.61 ? 9   DC  D "C1'" 1 
ATOM   407 N N1    . DC  D 1 3 ? -2.344  8.698   -8.452  1.00 26.58 ? 9   DC  D N1    1 
ATOM   408 C C2    . DC  D 1 3 ? -1.895  8.216   -7.215  1.00 26.95 ? 9   DC  D C2    1 
ATOM   409 O O2    . DC  D 1 3 ? -1.045  7.318   -7.188  1.00 28.26 ? 9   DC  D O2    1 
ATOM   410 N N3    . DC  D 1 3 ? -2.405  8.752   -6.080  1.00 27.33 ? 9   DC  D N3    1 
ATOM   411 C C4    . DC  D 1 3 ? -3.320  9.720   -6.150  1.00 27.54 ? 9   DC  D C4    1 
ATOM   412 N N4    . DC  D 1 3 ? -3.792  10.217  -5.001  1.00 28.51 ? 9   DC  D N4    1 
ATOM   413 C C5    . DC  D 1 3 ? -3.793  10.221  -7.399  1.00 23.14 ? 9   DC  D C5    1 
ATOM   414 C C6    . DC  D 1 3 ? -3.284  9.686   -8.513  1.00 23.14 ? 9   DC  D C6    1 
ATOM   415 P P     . DG  D 1 4 ? -5.019  5.003   -11.387 1.00 32.37 ? 10  DG  D P     1 
ATOM   416 O OP1   . DG  D 1 4 ? -5.209  4.046   -12.499 1.00 34.47 ? 10  DG  D OP1   1 
ATOM   417 O OP2   . DG  D 1 4 ? -6.166  5.799   -10.901 1.00 38.14 ? 10  DG  D OP2   1 
ATOM   418 O "O5'" . DG  D 1 4 ? -4.389  4.230   -10.133 1.00 27.28 ? 10  DG  D "O5'" 1 
ATOM   419 C "C5'" . DG  D 1 4 ? -3.443  3.192   -10.346 1.00 27.45 ? 10  DG  D "C5'" 1 
ATOM   420 C "C4'" . DG  D 1 4 ? -2.786  2.759   -9.044  1.00 30.27 ? 10  DG  D "C4'" 1 
ATOM   421 O "O4'" . DG  D 1 4 ? -2.428  3.921   -8.260  1.00 32.02 ? 10  DG  D "O4'" 1 
ATOM   422 C "C3'" . DG  D 1 4 ? -3.657  1.943   -8.110  1.00 26.70 ? 10  DG  D "C3'" 1 
ATOM   423 O "O3'" . DG  D 1 4 ? -3.671  0.585   -8.514  1.00 28.08 ? 10  DG  D "O3'" 1 
ATOM   424 C "C2'" . DG  D 1 4 ? -2.921  2.121   -6.788  1.00 26.25 ? 10  DG  D "C2'" 1 
ATOM   425 C "C1'" . DG  D 1 4 ? -2.447  3.575   -6.882  1.00 27.03 ? 10  DG  D "C1'" 1 
ATOM   426 N N9    . DG  D 1 4 ? -3.313  4.512   -6.172  1.00 27.20 ? 10  DG  D N9    1 
ATOM   427 C C8    . DG  D 1 4 ? -4.091  5.504   -6.720  1.00 22.02 ? 10  DG  D C8    1 
ATOM   428 N N7    . DG  D 1 4 ? -4.765  6.184   -5.832  1.00 23.48 ? 10  DG  D N7    1 
ATOM   429 C C5    . DG  D 1 4 ? -4.412  5.605   -4.620  1.00 29.08 ? 10  DG  D C5    1 
ATOM   430 C C6    . DG  D 1 4 ? -4.824  5.918   -3.301  1.00 28.14 ? 10  DG  D C6    1 
ATOM   431 O O6    . DG  D 1 4 ? -5.609  6.802   -2.931  1.00 28.43 ? 10  DG  D O6    1 
ATOM   432 N N1    . DG  D 1 4 ? -4.226  5.081   -2.362  1.00 27.24 ? 10  DG  D N1    1 
ATOM   433 C C2    . DG  D 1 4 ? -3.343  4.071   -2.659  1.00 27.43 ? 10  DG  D C2    1 
ATOM   434 N N2    . DG  D 1 4 ? -2.871  3.369   -1.619  1.00 28.74 ? 10  DG  D N2    1 
ATOM   435 N N3    . DG  D 1 4 ? -2.950  3.768   -3.887  1.00 30.03 ? 10  DG  D N3    1 
ATOM   436 C C4    . DG  D 1 4 ? -3.521  4.573   -4.814  1.00 25.73 ? 10  DG  D C4    1 
ATOM   437 P P     . DG  D 1 5 ? -4.830  -0.396  -7.991  1.00 31.19 ? 11  DG  D P     1 
ATOM   438 O OP1   . DG  D 1 5 ? -4.683  -1.685  -8.701  1.00 37.37 ? 11  DG  D OP1   1 
ATOM   439 O OP2   . DG  D 1 5 ? -6.110  0.342   -8.071  1.00 35.51 ? 11  DG  D OP2   1 
ATOM   440 O "O5'" . DG  D 1 5 ? -4.481  -0.626  -6.444  1.00 32.17 ? 11  DG  D "O5'" 1 
ATOM   441 C "C5'" . DG  D 1 5 ? -3.448  -1.533  -6.071  1.00 21.53 ? 11  DG  D "C5'" 1 
ATOM   442 C "C4'" . DG  D 1 5 ? -3.554  -1.904  -4.602  1.00 23.14 ? 11  DG  D "C4'" 1 
ATOM   443 O "O4'" . DG  D 1 5 ? -3.190  -0.764  -3.783  1.00 25.79 ? 11  DG  D "O4'" 1 
ATOM   444 C "C3'" . DG  D 1 5 ? -4.949  -2.290  -4.135  1.00 25.57 ? 11  DG  D "C3'" 1 
ATOM   445 O "O3'" . DG  D 1 5 ? -5.178  -3.671  -4.356  1.00 25.13 ? 11  DG  D "O3'" 1 
ATOM   446 C "C2'" . DG  D 1 5 ? -4.882  -1.963  -2.649  1.00 24.93 ? 11  DG  D "C2'" 1 
ATOM   447 C "C1'" . DG  D 1 5 ? -4.055  -0.681  -2.660  1.00 26.38 ? 11  DG  D "C1'" 1 
ATOM   448 N N9    . DG  D 1 5 ? -4.863  0.529   -2.785  1.00 30.40 ? 11  DG  D N9    1 
ATOM   449 C C8    . DG  D 1 5 ? -5.171  1.205   -3.942  1.00 28.63 ? 11  DG  D C8    1 
ATOM   450 N N7    . DG  D 1 5 ? -5.916  2.257   -3.746  1.00 27.13 ? 11  DG  D N7    1 
ATOM   451 C C5    . DG  D 1 5 ? -6.120  2.280   -2.373  1.00 29.39 ? 11  DG  D C5    1 
ATOM   452 C C6    . DG  D 1 5 ? -6.851  3.190   -1.573  1.00 29.23 ? 11  DG  D C6    1 
ATOM   453 O O6    . DG  D 1 5 ? -7.485  4.191   -1.935  1.00 31.42 ? 11  DG  D O6    1 
ATOM   454 N N1    . DG  D 1 5 ? -6.802  2.847   -0.225  1.00 29.16 ? 11  DG  D N1    1 
ATOM   455 C C2    . DG  D 1 5 ? -6.131  1.763   0.287   1.00 29.41 ? 11  DG  D C2    1 
ATOM   456 N N2    . DG  D 1 5 ? -6.198  1.594   1.616   1.00 30.12 ? 11  DG  D N2    1 
ATOM   457 N N3    . DG  D 1 5 ? -5.441  0.902   -0.450  1.00 26.34 ? 11  DG  D N3    1 
ATOM   458 C C4    . DG  D 1 5 ? -5.479  1.221   -1.766  1.00 29.51 ? 11  DG  D C4    1 
ATOM   459 P P     . DG  D 1 6 ? -6.682  -4.228  -4.457  1.00 33.33 ? 12  DG  D P     1 
ATOM   460 O OP1   . DG  D 1 6 ? -6.597  -5.682  -4.724  1.00 35.05 ? 12  DG  D OP1   1 
ATOM   461 O OP2   . DG  D 1 6 ? -7.431  -3.350  -5.383  1.00 33.41 ? 12  DG  D OP2   1 
ATOM   462 O "O5'" . DG  D 1 6 ? -7.268  -4.004  -2.985  1.00 34.66 ? 12  DG  D "O5'" 1 
ATOM   463 C "C5'" . DG  D 1 6 ? -8.602  -3.548  -2.805  1.00 33.10 ? 12  DG  D "C5'" 1 
ATOM   464 C "C4'" . DG  D 1 6 ? -8.830  -3.131  -1.364  1.00 33.60 ? 12  DG  D "C4'" 1 
ATOM   465 O "O4'" . DG  D 1 6 ? -8.121  -1.894  -1.098  1.00 32.05 ? 12  DG  D "O4'" 1 
ATOM   466 C "C3'" . DG  D 1 6 ? -10.274 -2.839  -0.997  1.00 34.88 ? 12  DG  D "C3'" 1 
ATOM   467 O "O3'" . DG  D 1 6 ? -10.929 -4.042  -0.616  1.00 37.24 ? 12  DG  D "O3'" 1 
ATOM   468 C "C2'" . DG  D 1 6 ? -10.109 -1.895  0.187   1.00 35.02 ? 12  DG  D "C2'" 1 
ATOM   469 C "C1'" . DG  D 1 6 ? -8.898  -1.070  -0.245  1.00 33.20 ? 12  DG  D "C1'" 1 
ATOM   470 N N9    . DG  D 1 6 ? -9.257  0.141   -0.974  1.00 34.74 ? 12  DG  D N9    1 
ATOM   471 C C8    . DG  D 1 6 ? -9.106  0.373   -2.319  1.00 31.21 ? 12  DG  D C8    1 
ATOM   472 N N7    . DG  D 1 6 ? -9.522  1.551   -2.692  1.00 34.19 ? 12  DG  D N7    1 
ATOM   473 C C5    . DG  D 1 6 ? -9.982  2.137   -1.519  1.00 38.25 ? 12  DG  D C5    1 
ATOM   474 C C6    . DG  D 1 6 ? -10.549 3.414   -1.300  1.00 38.74 ? 12  DG  D C6    1 
ATOM   475 O O6    . DG  D 1 6 ? -10.763 4.310   -2.129  1.00 36.03 ? 12  DG  D O6    1 
ATOM   476 N N1    . DG  D 1 6 ? -10.878 3.609   0.039   1.00 37.50 ? 12  DG  D N1    1 
ATOM   477 C C2    . DG  D 1 6 ? -10.682 2.686   1.039   1.00 38.62 ? 12  DG  D C2    1 
ATOM   478 N N2    . DG  D 1 6 ? -11.065 3.056   2.271   1.00 39.46 ? 12  DG  D N2    1 
ATOM   479 N N3    . DG  D 1 6 ? -10.152 1.486   0.847   1.00 34.24 ? 12  DG  D N3    1 
ATOM   480 C C4    . DG  D 1 6 ? -9.826  1.281   -0.453  1.00 36.48 ? 12  DG  D C4    1 
HETATM 481 C CAA   . TMO E 2 . ? 0.469   -10.133 8.929   1.00 60.41 ? 101 TMO B CAA   1 
HETATM 482 N NAC   . TMO E 2 . ? 0.371   -9.098  9.942   1.00 64.14 ? 101 TMO B NAC   1 
HETATM 483 C CAD   . TMO E 2 . ? 0.589   -9.684  11.251  1.00 64.27 ? 101 TMO B CAD   1 
HETATM 484 C CAB   . TMO E 2 . ? 1.380   -8.084  9.695   1.00 58.08 ? 101 TMO B CAB   1 
HETATM 485 O OAE   . TMO E 2 . ? -0.901  -8.510  9.894   1.00 77.95 ? 101 TMO B OAE   1 
HETATM 486 C CAA   . TMO F 2 . ? 11.906  -13.497 4.298   0.68 28.51 ? 102 TMO B CAA   1 
HETATM 487 N NAC   . TMO F 2 . ? 12.219  -12.232 4.938   0.68 35.34 ? 102 TMO B NAC   1 
HETATM 488 C CAD   . TMO F 2 . ? 13.312  -12.427 5.876   0.68 33.50 ? 102 TMO B CAD   1 
HETATM 489 C CAB   . TMO F 2 . ? 12.609  -11.265 3.928   0.68 30.68 ? 102 TMO B CAB   1 
HETATM 490 O OAE   . TMO F 2 . ? 11.089  -11.762 5.625   0.68 38.14 ? 102 TMO B OAE   1 
HETATM 491 O O     . HOH G 3 . ? 1.824   -12.576 7.169   1.00 55.85 ? 101 HOH A O     1 
HETATM 492 O O     . HOH G 3 . ? -0.945  -4.617  -4.420  1.00 43.15 ? 102 HOH A O     1 
HETATM 493 O O     . HOH G 3 . ? -1.421  -8.239  3.801   1.00 43.41 ? 103 HOH A O     1 
HETATM 494 O O     . HOH G 3 . ? 0.942   -8.620  5.933   1.00 37.71 ? 104 HOH A O     1 
HETATM 495 O O     . HOH G 3 . ? 10.816  -14.576 7.575   1.00 68.78 ? 105 HOH A O     1 
HETATM 496 O O     . HOH G 3 . ? -0.164  -11.306 4.572   1.00 46.47 ? 106 HOH A O     1 
HETATM 497 O O     . HOH G 3 . ? -4.089  -5.787  5.050   1.00 50.96 ? 107 HOH A O     1 
HETATM 498 O O     . HOH G 3 . ? -4.171  -8.911  2.595   1.00 55.91 ? 108 HOH A O     1 
HETATM 499 O O     . HOH G 3 . ? 2.327   -15.463 5.090   1.00 48.90 ? 109 HOH A O     1 
HETATM 500 O O     . HOH G 3 . ? -0.711  -5.374  5.021   1.00 42.34 ? 110 HOH A O     1 
HETATM 501 O O     . HOH G 3 . ? 11.713  -12.219 9.549   1.00 39.82 ? 111 HOH A O     1 
HETATM 502 O O     . HOH G 3 . ? 0.534   -2.946  6.794   1.00 48.67 ? 112 HOH A O     1 
HETATM 503 O O     . HOH G 3 . ? 2.315   0.532   8.212   1.00 40.12 ? 113 HOH A O     1 
HETATM 504 O O     . HOH G 3 . ? 3.144   -1.490  6.365   1.00 51.43 ? 114 HOH A O     1 
HETATM 505 O O     . HOH H 3 . ? 12.889  -3.181  -2.149  1.00 48.93 ? 201 HOH B O     1 
HETATM 506 O O     . HOH H 3 . ? 7.516   -4.555  2.632   1.00 49.23 ? 202 HOH B O     1 
HETATM 507 O O     . HOH H 3 . ? 10.483  -1.599  -7.257  1.00 47.89 ? 203 HOH B O     1 
HETATM 508 O O     . HOH H 3 . ? 8.843   -2.726  -0.752  1.00 29.16 ? 204 HOH B O     1 
HETATM 509 O O     . HOH H 3 . ? 3.931   -3.845  3.657   1.00 35.63 ? 205 HOH B O     1 
HETATM 510 O O     . HOH H 3 . ? 4.068   0.103   3.583   1.00 34.89 ? 206 HOH B O     1 
HETATM 511 O O     . HOH H 3 . ? 0.991   -3.139  -5.007  1.00 47.88 ? 207 HOH B O     1 
HETATM 512 O O     . HOH H 3 . ? 3.652   -5.373  7.833   1.00 47.83 ? 208 HOH B O     1 
HETATM 513 O O     . HOH H 3 . ? 10.794  -10.789 12.366  1.00 37.34 ? 209 HOH B O     1 
HETATM 514 O O     . HOH H 3 . ? 5.606   0.891   0.258   1.00 36.37 ? 210 HOH B O     1 
HETATM 515 O O     . HOH H 3 . ? 1.742   -4.814  5.653   1.00 43.66 ? 211 HOH B O     1 
HETATM 516 O O     . HOH H 3 . ? 13.416  -10.164 8.890   1.00 42.91 ? 212 HOH B O     1 
HETATM 517 O O     . HOH I 3 . ? -8.509  1.656   4.776   1.00 31.67 ? 101 HOH C O     1 
HETATM 518 O O     . HOH I 3 . ? -8.792  9.045   -0.992  1.00 34.90 ? 102 HOH C O     1 
HETATM 519 O O     . HOH I 3 . ? 5.750   9.407   -1.438  1.00 46.11 ? 103 HOH C O     1 
HETATM 520 O O     . HOH I 3 . ? -2.492  10.007  1.195   1.00 42.58 ? 104 HOH C O     1 
HETATM 521 O O     . HOH I 3 . ? 3.115   7.138   -8.652  1.00 34.85 ? 105 HOH C O     1 
HETATM 522 O O     . HOH I 3 . ? -6.357  10.772  0.675   1.00 46.90 ? 106 HOH C O     1 
HETATM 523 O O     . HOH I 3 . ? -11.716 9.361   -3.552  1.00 37.64 ? 107 HOH C O     1 
HETATM 524 O O     . HOH I 3 . ? 4.742   11.505  -1.086  1.00 51.62 ? 108 HOH C O     1 
HETATM 525 O O     . HOH I 3 . ? 4.548   2.801   5.086   1.00 48.67 ? 109 HOH C O     1 
HETATM 526 O O     . HOH J 3 . ? -6.700  3.202   -6.020  1.00 41.08 ? 101 HOH D O     1 
HETATM 527 O O     . HOH J 3 . ? -6.768  7.944   -6.113  1.00 42.43 ? 102 HOH D O     1 
HETATM 528 O O     . HOH J 3 . ? 0.565   5.933   -8.826  1.00 36.08 ? 103 HOH D O     1 
HETATM 529 O O     . HOH J 3 . ? -7.899  -0.856  -6.337  1.00 35.20 ? 104 HOH D O     1 
HETATM 530 O O     . HOH J 3 . ? -9.325  1.762   -5.394  1.00 47.35 ? 105 HOH D O     1 
HETATM 531 O O     . HOH J 3 . ? -9.427  -0.112  3.071   1.00 35.20 ? 106 HOH D O     1 
HETATM 532 O O     . HOH J 3 . ? -10.758 5.193   -4.823  1.00 51.47 ? 107 HOH D O     1 
HETATM 533 O O     . HOH J 3 . ? -6.547  18.413  -12.128 1.00 41.57 ? 108 HOH D O     1 
HETATM 534 O O     . HOH J 3 . ? -8.335  5.056   -4.552  1.00 47.29 ? 109 HOH D O     1 
HETATM 535 O O     . HOH J 3 . ? -3.790  14.055  -2.924  1.00 44.03 ? 110 HOH D O     1 
HETATM 536 O O     . HOH J 3 . ? -1.710  15.792  -0.746  1.00 47.53 ? 111 HOH D O     1 
HETATM 537 O O     . HOH J 3 . ? -5.524  12.697  -4.191  1.00 38.57 ? 112 HOH D O     1 
HETATM 538 O O     . HOH J 3 . ? -3.361  -5.882  -5.801  1.00 45.44 ? 113 HOH D O     1 
HETATM 539 O O     . HOH J 3 . ? -7.742  7.853   -13.267 1.00 55.24 ? 114 HOH D O     1 
# 
loop_
_atom_site_anisotrop.id 
_atom_site_anisotrop.type_symbol 
_atom_site_anisotrop.pdbx_label_atom_id 
_atom_site_anisotrop.pdbx_label_alt_id 
_atom_site_anisotrop.pdbx_label_comp_id 
_atom_site_anisotrop.pdbx_label_asym_id 
_atom_site_anisotrop.pdbx_label_seq_id 
_atom_site_anisotrop.pdbx_PDB_ins_code 
_atom_site_anisotrop.U[1][1] 
_atom_site_anisotrop.U[2][2] 
_atom_site_anisotrop.U[3][3] 
_atom_site_anisotrop.U[1][2] 
_atom_site_anisotrop.U[1][3] 
_atom_site_anisotrop.U[2][3] 
_atom_site_anisotrop.pdbx_auth_seq_id 
_atom_site_anisotrop.pdbx_auth_comp_id 
_atom_site_anisotrop.pdbx_auth_asym_id 
_atom_site_anisotrop.pdbx_auth_atom_id 
1   O "O5'" . DC A 1 ? 0.5163 0.7422 0.5901 0.1267  0.2548  0.0045  1  DC A "O5'" 
2   C "C5'" . DC A 1 ? 0.4410 0.6803 0.5438 0.1318  0.2627  0.0327  1  DC A "C5'" 
3   C "C4'" . DC A 1 ? 0.4542 0.6306 0.5850 0.1173  0.2688  0.0626  1  DC A "C4'" 
4   O "O4'" . DC A 1 ? 0.4356 0.5634 0.5968 0.1186  0.2766  0.0222  1  DC A "O4'" 
5   C "C3'" . DC A 1 ? 0.4525 0.5876 0.5589 0.0899  0.2529  0.0997  1  DC A "C3'" 
6   O "O3'" . DC A 1 ? 0.4691 0.6320 0.5794 0.0810  0.2476  0.1460  1  DC A "O3'" 
7   C "C2'" . DC A 1 ? 0.4515 0.5305 0.5812 0.0817  0.2506  0.1014  1  DC A "C2'" 
8   C "C1'" . DC A 1 ? 0.4613 0.5265 0.6187 0.0976  0.2685  0.0504  1  DC A "C1'" 
9   N N1    . DC A 1 ? 0.4739 0.5052 0.6148 0.0866  0.2645  0.0161  1  DC A N1    
10  C C2    . DC A 1 ? 0.5056 0.4825 0.6424 0.0689  0.2570  0.0342  1  DC A C2    
11  O O2    . DC A 1 ? 0.5062 0.4714 0.6511 0.0663  0.2531  0.0773  1  DC A O2    
12  N N3    . DC A 1 ? 0.4868 0.4375 0.6106 0.0587  0.2542  0.0022  1  DC A N3    
13  C C4    . DC A 1 ? 0.4516 0.4313 0.5672 0.0665  0.2572  -0.0494 1  DC A C4    
14  N N4    . DC A 1 ? 0.4505 0.4102 0.5524 0.0541  0.2447  -0.0803 1  DC A N4    
15  C C5    . DC A 1 ? 0.4313 0.4767 0.5439 0.0860  0.2532  -0.0678 1  DC A C5    
16  C C6    . DC A 1 ? 0.4507 0.5178 0.5786 0.0964  0.2639  -0.0340 1  DC A C6    
17  P P     . DC A 2 ? 0.4403 0.5811 0.5361 0.0544  0.2275  0.1729  2  DC A P     
18  O OP1   . DC A 2 ? 0.5016 0.6726 0.6236 0.0475  0.2214  0.2047  2  DC A OP1   
19  O OP2   . DC A 2 ? 0.4649 0.6006 0.5238 0.0584  0.2273  0.1550  2  DC A OP2   
20  O "O5'" . DC A 2 ? 0.4693 0.5625 0.5727 0.0368  0.2132  0.1722  2  DC A "O5'" 
21  C "C5'" . DC A 2 ? 0.3827 0.4874 0.5170 0.0379  0.2103  0.1888  2  DC A "C5'" 
22  C "C4'" . DC A 2 ? 0.3762 0.4529 0.5064 0.0287  0.1928  0.1872  2  DC A "C4'" 
23  O "O4'" . DC A 2 ? 0.4197 0.4565 0.5356 0.0388  0.2025  0.1676  2  DC A "O4'" 
24  C "C3'" . DC A 2 ? 0.4274 0.4913 0.5459 0.0054  0.1710  0.1827  2  DC A "C3'" 
25  O "O3'" . DC A 2 ? 0.4142 0.5144 0.5707 -0.0082 0.1581  0.1962  2  DC A "O3'" 
26  C "C2'" . DC A 2 ? 0.3646 0.4037 0.4657 0.0076  0.1613  0.1723  2  DC A "C2'" 
27  C "C1'" . DC A 2 ? 0.4284 0.4399 0.5240 0.0258  0.1859  0.1622  2  DC A "C1'" 
28  N N1    . DC A 2 ? 0.4501 0.4283 0.5185 0.0204  0.1896  0.1317  2  DC A N1    
29  C C2    . DC A 2 ? 0.4436 0.3916 0.4935 0.0120  0.1807  0.1197  2  DC A C2    
30  O O2    . DC A 2 ? 0.4317 0.3862 0.4855 0.0120  0.1706  0.1375  2  DC A O2    
31  N N3    . DC A 2 ? 0.4721 0.3972 0.5003 0.0078  0.1835  0.0874  2  DC A N3    
32  C C4    . DC A 2 ? 0.4570 0.3976 0.4791 0.0158  0.1936  0.0664  2  DC A C4    
33  N N4    . DC A 2 ? 0.4353 0.3681 0.4360 0.0159  0.1944  0.0296  2  DC A N4    
34  C C5    . DC A 2 ? 0.4417 0.4201 0.4794 0.0279  0.2034  0.0812  2  DC A C5    
35  C C6    . DC A 2 ? 0.4248 0.4158 0.4865 0.0275  0.2014  0.1140  2  DC A C6    
36  P P     . DC A 3 ? 0.3997 0.4939 0.5764 -0.0335 0.1460  0.1949  3  DC A P     
37  O OP1   . DC A 3 ? 0.4889 0.6282 0.7309 -0.0463 0.1408  0.2042  3  DC A OP1   
38  O OP2   . DC A 3 ? 0.3717 0.4444 0.5203 -0.0284 0.1620  0.2005  3  DC A OP2   
39  O "O5'" . DC A 3 ? 0.4103 0.4827 0.5685 -0.0426 0.1206  0.1691  3  DC A "O5'" 
40  C "C5'" . DC A 3 ? 0.3420 0.4511 0.5145 -0.0387 0.1017  0.1593  3  DC A "C5'" 
41  C "C4'" . DC A 3 ? 0.3657 0.4616 0.5115 -0.0422 0.0809  0.1358  3  DC A "C4'" 
42  O "O4'" . DC A 3 ? 0.3754 0.4336 0.4708 -0.0274 0.0951  0.1401  3  DC A "O4'" 
43  C "C3'" . DC A 3 ? 0.3678 0.4312 0.5185 -0.0636 0.0696  0.1178  3  DC A "C3'" 
44  O "O3'" . DC A 3 ? 0.3430 0.4413 0.5604 -0.0814 0.0507  0.1003  3  DC A "O3'" 
45  C "C2'" . DC A 3 ? 0.3680 0.4145 0.4713 -0.0578 0.0573  0.0993  3  DC A "C2'" 
46  C "C1'" . DC A 3 ? 0.4199 0.4491 0.4871 -0.0374 0.0818  0.1184  3  DC A "C1'" 
47  N N1    . DC A 3 ? 0.4217 0.4005 0.4567 -0.0374 0.1003  0.1141  3  DC A N1    
48  C C2    . DC A 3 ? 0.4182 0.3672 0.4181 -0.0393 0.0962  0.0940  3  DC A C2    
49  O O2    . DC A 3 ? 0.4539 0.4164 0.4473 -0.0408 0.0789  0.0855  3  DC A O2    
50  N N3    . DC A 3 ? 0.4342 0.3532 0.4095 -0.0367 0.1111  0.0808  3  DC A N3    
51  C C4    . DC A 3 ? 0.4289 0.3542 0.4101 -0.0287 0.1288  0.0880  3  DC A C4    
52  N N4    . DC A 3 ? 0.4203 0.3369 0.3772 -0.0202 0.1409  0.0666  3  DC A N4    
53  C C5    . DC A 3 ? 0.3832 0.3371 0.3972 -0.0262 0.1347  0.1140  3  DC A C5    
54  C C6    . DC A 3 ? 0.3899 0.3659 0.4315 -0.0326 0.1202  0.1257  3  DC A C6    
55  P P     . DG A 4 ? 0.3901 0.4544 0.6551 -0.1044 0.0538  0.1001  4  DG A P     
56  O OP1   . DG A 4 ? 0.4156 0.5238 0.7737 -0.1233 0.0350  0.0715  4  DG A OP1   
57  O OP2   . DG A 4 ? 0.4174 0.4574 0.6696 -0.0982 0.0862  0.1411  4  DG A OP2   
58  O "O5'" . DG A 4 ? 0.3511 0.3719 0.5682 -0.1051 0.0412  0.0802  4  DG A "O5'" 
59  C "C5'" . DG A 4 ? 0.4069 0.4532 0.6248 -0.1071 0.0105  0.0398  4  DG A "C5'" 
60  C "C4'" . DG A 4 ? 0.4288 0.4318 0.5890 -0.1046 0.0043  0.0272  4  DG A "C4'" 
61  O "O4'" . DG A 4 ? 0.4170 0.3977 0.5042 -0.0878 0.0228  0.0460  4  DG A "O4'" 
62  C "C3'" . DG A 4 ? 0.4368 0.3879 0.6089 -0.1137 0.0140  0.0367  4  DG A "C3'" 
63  O "O3'" . DG A 4 ? 0.5172 0.4727 0.7669 -0.1312 -0.0045 0.0095  4  DG A "O3'" 
64  C "C2'" . DG A 4 ? 0.4059 0.3274 0.4981 -0.1026 0.0121  0.0265  4  DG A "C2'" 
65  C "C1'" . DG A 4 ? 0.4491 0.3846 0.4944 -0.0878 0.0259  0.0390  4  DG A "C1'" 
66  N N9    . DG A 4 ? 0.4459 0.3587 0.4608 -0.0765 0.0546  0.0625  4  DG A N9    
67  C C8    . DG A 4 ? 0.3896 0.3157 0.4233 -0.0704 0.0759  0.0904  4  DG A C8    
68  N N7    . DG A 4 ? 0.4106 0.3279 0.4101 -0.0556 0.0971  0.0977  4  DG A N7    
69  C C5    . DG A 4 ? 0.4593 0.3543 0.4169 -0.0534 0.0896  0.0722  4  DG A C5    
70  C C6    . DG A 4 ? 0.4732 0.3646 0.3882 -0.0377 0.1027  0.0572  4  DG A C6    
71  O O6    . DG A 4 ? 0.4833 0.3967 0.3887 -0.0201 0.1233  0.0612  4  DG A O6    
72  N N1    . DG A 4 ? 0.4402 0.3128 0.3254 -0.0416 0.0881  0.0283  4  DG A N1    
73  C C2    . DG A 4 ? 0.4268 0.2871 0.3195 -0.0570 0.0639  0.0170  4  DG A C2    
74  N N2    . DG A 4 ? 0.4337 0.2818 0.2933 -0.0571 0.0530  -0.0116 4  DG A N2    
75  N N3    . DG A 4 ? 0.4347 0.3065 0.3677 -0.0689 0.0500  0.0266  4  DG A N3    
76  C C4    . DG A 4 ? 0.4414 0.3293 0.4063 -0.0670 0.0642  0.0536  4  DG A C4    
77  P P     . DG A 5 ? 0.4872 0.3907 0.7825 -0.1392 0.0116  0.0312  5  DG A P     
78  O OP1   . DG A 5 ? 0.4856 0.4048 0.8854 -0.1554 -0.0007 0.0034  5  DG A OP1   
79  O OP2   . DG A 5 ? 0.3978 0.2864 0.6637 -0.1262 0.0477  0.0876  5  DG A OP2   
80  O "O5'" . DG A 5 ? 0.4733 0.3444 0.7021 -0.1298 -0.0014 0.0116  5  DG A "O5'" 
81  C "C5'" . DG A 5 ? 0.4214 0.2528 0.6086 -0.1151 0.0205  0.0453  5  DG A "C5'" 
82  C "C4'" . DG A 5 ? 0.3966 0.2168 0.4996 -0.1033 0.0064  0.0181  5  DG A "C4'" 
83  O "O4'" . DG A 5 ? 0.4241 0.2626 0.4563 -0.0935 0.0124  0.0165  5  DG A "O4'" 
84  C "C3'" . DG A 5 ? 0.4253 0.2166 0.4935 -0.0848 0.0218  0.0403  5  DG A "C3'" 
85  O "O3'" . DG A 5 ? 0.4873 0.2536 0.6003 -0.0905 0.0061  0.0225  5  DG A "O3'" 
86  C "C2'" . DG A 5 ? 0.4614 0.2619 0.4348 -0.0713 0.0187  0.0175  5  DG A "C2'" 
87  C "C1'" . DG A 5 ? 0.4708 0.2957 0.4359 -0.0755 0.0257  0.0205  5  DG A "C1'" 
88  N N9    . DG A 5 ? 0.5045 0.3418 0.4591 -0.0606 0.0555  0.0556  5  DG A N9    
89  C C8    . DG A 5 ? 0.4338 0.2873 0.4310 -0.0645 0.0698  0.0853  5  DG A C8    
90  N N7    . DG A 5 ? 0.4040 0.2772 0.3783 -0.0450 0.0955  0.1101  5  DG A N7    
91  C C5    . DG A 5 ? 0.4667 0.3417 0.3817 -0.0261 0.0973  0.0916  5  DG A C5    
92  C C6    . DG A 5 ? 0.4786 0.3898 0.3507 0.0036  0.1180  0.0943  5  DG A C6    
93  O O6    . DG A 5 ? 0.4302 0.3795 0.3061 0.0203  0.1395  0.1169  5  DG A O6    
94  N N1    . DG A 5 ? 0.4892 0.4033 0.3126 0.0166  0.1104  0.0607  5  DG A N1    
95  C C2    . DG A 5 ? 0.4966 0.3765 0.3110 0.0015  0.0871  0.0332  5  DG A C2    
96  N N2    . DG A 5 ? 0.4528 0.3467 0.2199 0.0176  0.0834  0.0006  5  DG A N2    
97  N N3    . DG A 5 ? 0.4882 0.3354 0.3398 -0.0249 0.0676  0.0320  5  DG A N3    
98  C C4    . DG A 5 ? 0.5181 0.3671 0.4200 -0.0368 0.0736  0.0598  5  DG A C4    
99  P P     . DG A 6 ? 0.5476 0.2817 0.7005 -0.0751 0.0307  0.0697  6  DG A P     
100 O OP1   . DG A 6 ? 0.6335 0.3432 0.8505 -0.0855 0.0096  0.0374  6  DG A OP1   
101 O OP2   . DG A 6 ? 0.5488 0.2922 0.7508 -0.0735 0.0633  0.1256  6  DG A OP2   
102 O "O5'" . DG A 6 ? 0.5596 0.3034 0.6052 -0.0420 0.0411  0.0802  6  DG A "O5'" 
103 C "C5'" . DG A 6 ? 0.5245 0.2686 0.5071 -0.0392 0.0158  0.0304  6  DG A "C5'" 
104 C "C4'" . DG A 6 ? 0.5588 0.3242 0.4581 -0.0055 0.0305  0.0399  6  DG A "C4'" 
105 O "O4'" . DG A 6 ? 0.5725 0.3724 0.4227 -0.0006 0.0427  0.0353  6  DG A "O4'" 
106 C "C3'" . DG A 6 ? 0.5872 0.3575 0.5012 0.0271  0.0604  0.1015  6  DG A "C3'" 
107 O "O3'" . DG A 6 ? 0.6287 0.3707 0.5641 0.0374  0.0521  0.1020  6  DG A "O3'" 
108 C "C2'" . DG A 6 ? 0.6065 0.4337 0.4328 0.0603  0.0748  0.0992  6  DG A "C2'" 
109 C "C1'" . DG A 6 ? 0.6083 0.4464 0.4192 0.0361  0.0682  0.0645  6  DG A "C1'" 
110 N N9    . DG A 6 ? 0.5649 0.4263 0.3997 0.0398  0.0926  0.1040  6  DG A N9    
111 C C8    . DG A 6 ? 0.5594 0.3998 0.4619 0.0142  0.0957  0.1277  6  DG A C8    
112 N N7    . DG A 6 ? 0.5763 0.4507 0.4840 0.0255  0.1199  0.1608  6  DG A N7    
113 C C5    . DG A 6 ? 0.5606 0.4871 0.4009 0.0626  0.1327  0.1550  6  DG A C5    
114 C C6    . DG A 6 ? 0.6064 0.5996 0.4226 0.0931  0.1575  0.1735  6  DG A C6    
115 O O6    . DG A 6 ? 0.6168 0.6297 0.4693 0.0901  0.1702  0.1999  6  DG A O6    
116 N N1    . DG A 6 ? 0.5889 0.6381 0.3541 0.1253  0.1520  0.1375  6  DG A N1    
117 C C2    . DG A 6 ? 0.5373 0.5768 0.2678 0.1293  0.1344  0.1004  6  DG A C2    
118 N N2    . DG A 6 ? 0.5582 0.6571 0.2785 0.1489  0.1207  0.0620  6  DG A N2    
119 N N3    . DG A 6 ? 0.5055 0.4787 0.2386 0.1059  0.1198  0.0935  6  DG A N3    
120 C C4    . DG A 6 ? 0.5408 0.4611 0.3372 0.0714  0.1159  0.1184  6  DG A C4    
121 O "O5'" . DC B 1 ? 0.6565 0.6644 0.4244 0.0560  0.1387  0.1276  7  DC B "O5'" 
122 C "C5'" . DC B 1 ? 0.6337 0.6088 0.3694 0.0565  0.1206  0.1159  7  DC B "C5'" 
123 C "C4'" . DC B 1 ? 0.6179 0.5845 0.3992 0.0208  0.1068  0.1134  7  DC B "C4'" 
124 O "O4'" . DC B 1 ? 0.5823 0.5869 0.4127 0.0071  0.1179  0.1398  7  DC B "O4'" 
125 C "C3'" . DC B 1 ? 0.5699 0.5229 0.3815 -0.0010 0.0977  0.0978  7  DC B "C3'" 
126 O "O3'" . DC B 1 ? 0.6735 0.5857 0.4535 -0.0027 0.0757  0.0767  7  DC B "O3'" 
127 C "C2'" . DC B 1 ? 0.5220 0.4905 0.3835 -0.0251 0.0930  0.1059  7  DC B "C2'" 
128 C "C1'" . DC B 1 ? 0.5351 0.5349 0.4124 -0.0197 0.1071  0.1332  7  DC B "C1'" 
129 N N1    . DC B 1 ? 0.4979 0.5241 0.4196 -0.0271 0.1173  0.1483  7  DC B N1    
130 C C2    . DC B 1 ? 0.4556 0.4813 0.4232 -0.0466 0.1051  0.1478  7  DC B C2    
131 O O2    . DC B 1 ? 0.5057 0.5160 0.4758 -0.0547 0.0897  0.1355  7  DC B O2    
132 N N3    . DC B 1 ? 0.4793 0.5217 0.4856 -0.0529 0.1081  0.1607  7  DC B N3    
133 C C4    . DC B 1 ? 0.4676 0.5347 0.4735 -0.0431 0.1257  0.1767  7  DC B C4    
134 N N4    . DC B 1 ? 0.4388 0.5226 0.4881 -0.0520 0.1250  0.1912  7  DC B N4    
135 C C5    . DC B 1 ? 0.4797 0.5557 0.4384 -0.0199 0.1421  0.1782  7  DC B C5    
136 C C6    . DC B 1 ? 0.5279 0.5787 0.4430 -0.0115 0.1356  0.1622  7  DC B C6    
137 P P     . DC B 2 ? 0.6358 0.5317 0.4269 -0.0154 0.0665  0.0631  8  DC B P     
138 O OP1   . DC B 2 ? 0.7550 0.6066 0.5118 -0.0186 0.0371  0.0492  8  DC B OP1   
139 O OP2   . DC B 2 ? 0.5868 0.4950 0.3746 0.0004  0.0846  0.0651  8  DC B OP2   
140 O "O5'" . DC B 2 ? 0.5565 0.4797 0.4074 -0.0419 0.0680  0.0686  8  DC B "O5'" 
141 C "C5'" . DC B 2 ? 0.4967 0.4219 0.3616 -0.0568 0.0531  0.0686  8  DC B "C5'" 
142 C "C4'" . DC B 2 ? 0.4169 0.3738 0.3312 -0.0687 0.0575  0.0731  8  DC B "C4'" 
143 O "O4'" . DC B 2 ? 0.4641 0.4367 0.3960 -0.0624 0.0702  0.0835  8  DC B "O4'" 
144 C "C3'" . DC B 2 ? 0.4588 0.4262 0.3952 -0.0744 0.0611  0.0691  8  DC B "C3'" 
145 O "O3'" . DC B 2 ? 0.5073 0.4760 0.4472 -0.0873 0.0463  0.0674  8  DC B "O3'" 
146 C "C2'" . DC B 2 ? 0.4143 0.4073 0.3879 -0.0735 0.0661  0.0728  8  DC B "C2'" 
147 C "C1'" . DC B 2 ? 0.4080 0.3975 0.3767 -0.0667 0.0727  0.0831  8  DC B "C1'" 
148 N N1    . DC B 2 ? 0.4100 0.4042 0.3857 -0.0606 0.0869  0.0908  8  DC B N1    
149 C C2    . DC B 2 ? 0.3642 0.3700 0.3765 -0.0630 0.0859  0.0945  8  DC B C2    
150 O O2    . DC B 2 ? 0.3763 0.3852 0.4077 -0.0653 0.0730  0.0882  8  DC B O2    
151 N N3    . DC B 2 ? 0.3605 0.3745 0.3846 -0.0599 0.0966  0.1048  8  DC B N3    
152 C C4    . DC B 2 ? 0.4518 0.4690 0.4504 -0.0504 0.1112  0.1112  8  DC B C4    
153 N N4    . DC B 2 ? 0.3599 0.3948 0.3745 -0.0459 0.1227  0.1245  8  DC B N4    
154 C C5    . DC B 2 ? 0.3919 0.3941 0.3455 -0.0419 0.1118  0.1041  8  DC B C5    
155 C C6    . DC B 2 ? 0.3941 0.3820 0.3391 -0.0495 0.0978  0.0941  8  DC B C6    
156 P P     . DC B 3 ? 0.4865 0.4530 0.4307 -0.0941 0.0448  0.0656  9  DC B P     
157 O OP1   . DC B 3 ? 0.5934 0.5644 0.5434 -0.1116 0.0246  0.0731  9  DC B OP1   
158 O OP2   . DC B 3 ? 0.5043 0.4397 0.4174 -0.0823 0.0509  0.0587  9  DC B OP2   
159 O "O5'" . DC B 3 ? 0.5281 0.5299 0.5094 -0.0900 0.0580  0.0662  9  DC B "O5'" 
160 C "C5'" . DC B 3 ? 0.3278 0.3657 0.3357 -0.0904 0.0540  0.0701  9  DC B "C5'" 
161 C "C4'" . DC B 3 ? 0.3330 0.3897 0.3631 -0.0767 0.0621  0.0652  9  DC B "C4'" 
162 O "O4'" . DC B 3 ? 0.3651 0.4018 0.3936 -0.0698 0.0670  0.0630  9  DC B "O4'" 
163 C "C3'" . DC B 3 ? 0.3333 0.3938 0.3691 -0.0753 0.0691  0.0630  9  DC B "C3'" 
164 O "O3'" . DC B 3 ? 0.3457 0.4427 0.3948 -0.0772 0.0656  0.0701  9  DC B "O3'" 
165 C "C2'" . DC B 3 ? 0.3605 0.4196 0.4103 -0.0602 0.0725  0.0559  9  DC B "C2'" 
166 C "C1'" . DC B 3 ? 0.3809 0.4190 0.4247 -0.0618 0.0717  0.0590  9  DC B "C1'" 
167 N N1    . DC B 3 ? 0.4045 0.4231 0.4391 -0.0634 0.0825  0.0623  9  DC B N1    
168 C C2    . DC B 3 ? 0.3494 0.3675 0.4024 -0.0580 0.0859  0.0625  9  DC B C2    
169 O O2    . DC B 3 ? 0.3447 0.3698 0.4169 -0.0509 0.0767  0.0569  9  DC B O2    
170 N N3    . DC B 3 ? 0.3478 0.3595 0.3957 -0.0574 0.0971  0.0690  9  DC B N3    
171 C C4    . DC B 3 ? 0.3808 0.3842 0.3991 -0.0566 0.1047  0.0722  9  DC B C4    
172 N N4    . DC B 3 ? 0.3295 0.3349 0.3400 -0.0487 0.1169  0.0793  9  DC B N4    
173 C C5    . DC B 3 ? 0.3572 0.3510 0.3512 -0.0606 0.0975  0.0686  9  DC B C5    
174 C C6    . DC B 3 ? 0.3699 0.3730 0.3767 -0.0667 0.0868  0.0652  9  DC B C6    
175 P P     . DG B 4 ? 0.3397 0.4438 0.3918 -0.0818 0.0699  0.0742  10 DG B P     
176 O OP1   . DG B 4 ? 0.3978 0.5527 0.4673 -0.0860 0.0653  0.0912  10 DG B OP1   
177 O OP2   . DG B 4 ? 0.4495 0.5086 0.4786 -0.0937 0.0683  0.0717  10 DG B OP2   
178 O "O5'" . DG B 4 ? 0.3820 0.4887 0.4430 -0.0608 0.0782  0.0619  10 DG B "O5'" 
179 C "C5'" . DG B 4 ? 0.2561 0.3989 0.3302 -0.0393 0.0759  0.0590  10 DG B "C5'" 
180 C "C4'" . DG B 4 ? 0.2510 0.3870 0.3282 -0.0216 0.0785  0.0477  10 DG B "C4'" 
181 O "O4'" . DG B 4 ? 0.3368 0.4341 0.4153 -0.0191 0.0744  0.0376  10 DG B "O4'" 
182 C "C3'" . DG B 4 ? 0.2491 0.3767 0.3224 -0.0320 0.0870  0.0510  10 DG B "C3'" 
183 O "O3'" . DG B 4 ? 0.2714 0.4436 0.3503 -0.0269 0.0894  0.0624  10 DG B "O3'" 
184 C "C2'" . DG B 4 ? 0.2470 0.3486 0.3230 -0.0181 0.0868  0.0366  10 DG B "C2'" 
185 C "C1'" . DG B 4 ? 0.2971 0.3749 0.3770 -0.0196 0.0799  0.0331  10 DG B "C1'" 
186 N N9    . DG B 4 ? 0.2889 0.3395 0.3618 -0.0366 0.0873  0.0378  10 DG B N9    
187 C C8    . DG B 4 ? 0.2971 0.3403 0.3558 -0.0503 0.0897  0.0447  10 DG B C8    
188 N N7    . DG B 4 ? 0.3044 0.3262 0.3524 -0.0548 0.0967  0.0466  10 DG B N7    
189 C C5    . DG B 4 ? 0.3190 0.3375 0.3807 -0.0473 0.1001  0.0432  10 DG B C5    
190 C C6    . DG B 4 ? 0.3414 0.3500 0.4029 -0.0458 0.1088  0.0465  10 DG B C6    
191 O O6    . DG B 4 ? 0.2870 0.2890 0.3308 -0.0462 0.1168  0.0523  10 DG B O6    
192 N N1    . DG B 4 ? 0.2870 0.2972 0.3698 -0.0392 0.1065  0.0432  10 DG B N1    
193 C C2    . DG B 4 ? 0.3026 0.3176 0.3981 -0.0309 0.0955  0.0345  10 DG B C2    
194 N N2    . DG B 4 ? 0.2496 0.2591 0.3618 -0.0233 0.0905  0.0306  10 DG B N2    
195 N N3    . DG B 4 ? 0.2999 0.3274 0.3904 -0.0267 0.0889  0.0305  10 DG B N3    
196 C C4    . DG B 4 ? 0.2745 0.3058 0.3511 -0.0372 0.0925  0.0366  10 DG B C4    
197 P P     . DG B 5 ? 0.2971 0.4690 0.3733 -0.0491 0.0923  0.0778  11 DG B P     
198 O OP1   . DG B 5 ? 0.2535 0.4886 0.3430 -0.0425 0.0943  0.0979  11 DG B OP1   
199 O OP2   . DG B 5 ? 0.3365 0.4730 0.4021 -0.0751 0.0850  0.0826  11 DG B OP2   
200 O "O5'" . DG B 5 ? 0.2738 0.4111 0.3423 -0.0414 0.0978  0.0627  11 DG B "O5'" 
201 C "C5'" . DG B 5 ? 0.2615 0.3531 0.3156 -0.0579 0.0977  0.0593  11 DG B "C5'" 
202 C "C4'" . DG B 5 ? 0.3262 0.3934 0.3788 -0.0443 0.1036  0.0433  11 DG B "C4'" 
203 O "O4'" . DG B 5 ? 0.2858 0.3359 0.3430 -0.0382 0.1036  0.0343  11 DG B "O4'" 
204 C "C3'" . DG B 5 ? 0.3162 0.3477 0.3518 -0.0533 0.1050  0.0405  11 DG B "C3'" 
205 O "O3'" . DG B 5 ? 0.3548 0.3958 0.3889 -0.0561 0.1037  0.0474  11 DG B "O3'" 
206 C "C2'" . DG B 5 ? 0.2812 0.2973 0.3235 -0.0393 0.1109  0.0272  11 DG B "C2'" 
207 C "C1'" . DG B 5 ? 0.2915 0.3139 0.3442 -0.0375 0.1087  0.0280  11 DG B "C1'" 
208 N N9    . DG B 5 ? 0.3029 0.3061 0.3408 -0.0461 0.1109  0.0312  11 DG B N9    
209 C C8    . DG B 5 ? 0.3132 0.3150 0.3391 -0.0559 0.1060  0.0371  11 DG B C8    
210 N N7    . DG B 5 ? 0.3438 0.3257 0.3510 -0.0557 0.1085  0.0372  11 DG B N7    
211 C C5    . DG B 5 ? 0.3615 0.3383 0.3714 -0.0456 0.1174  0.0337  11 DG B C5    
212 C C6    . DG B 5 ? 0.3807 0.3494 0.3751 -0.0358 0.1257  0.0354  11 DG B C6    
213 O O6    . DG B 5 ? 0.4280 0.3883 0.3973 -0.0312 0.1264  0.0381  11 DG B O6    
214 N N1    . DG B 5 ? 0.3755 0.3515 0.3849 -0.0271 0.1335  0.0348  11 DG B N1    
215 C C2    . DG B 5 ? 0.3607 0.3420 0.3937 -0.0280 0.1308  0.0301  11 DG B C2    
216 N N2    . DG B 5 ? 0.4163 0.4025 0.4626 -0.0196 0.1365  0.0306  11 DG B N2    
217 N N3    . DG B 5 ? 0.3308 0.3166 0.3725 -0.0333 0.1227  0.0263  11 DG B N3    
218 C C4    . DG B 5 ? 0.3375 0.3245 0.3681 -0.0419 0.1177  0.0298  11 DG B C4    
219 P P     . DG B 6 ? 0.3223 0.3275 0.3340 -0.0736 0.0941  0.0529  12 DG B P     
220 O OP1   . DG B 6 ? 0.3392 0.3639 0.3568 -0.0767 0.0922  0.0652  12 DG B OP1   
221 O OP2   . DG B 6 ? 0.3989 0.3885 0.3993 -0.0904 0.0810  0.0610  12 DG B OP2   
222 O "O5'" . DG B 6 ? 0.3924 0.3588 0.3878 -0.0612 0.0999  0.0339  12 DG B "O5'" 
223 C "C5'" . DG B 6 ? 0.2947 0.2663 0.3007 -0.0456 0.1091  0.0242  12 DG B "C5'" 
224 C "C4'" . DG B 6 ? 0.3384 0.2823 0.3322 -0.0357 0.1141  0.0123  12 DG B "C4'" 
225 O "O4'" . DG B 6 ? 0.3804 0.3294 0.3803 -0.0324 0.1193  0.0123  12 DG B "O4'" 
226 C "C3'" . DG B 6 ? 0.3554 0.2608 0.3134 -0.0386 0.1051  0.0092  12 DG B "C3'" 
227 O "O3'" . DG B 6 ? 0.3726 0.2652 0.3234 -0.0382 0.1005  0.0073  12 DG B "O3'" 
228 C "C2'" . DG B 6 ? 0.3673 0.2662 0.3170 -0.0216 0.1150  0.0010  12 DG B "C2'" 
229 C "C1'" . DG B 6 ? 0.3695 0.2978 0.3465 -0.0237 0.1227  0.0079  12 DG B "C1'" 
230 N N9    . DG B 6 ? 0.3840 0.3037 0.3412 -0.0265 0.1192  0.0115  12 DG B N9    
231 C C8    . DG B 6 ? 0.3670 0.2853 0.3203 -0.0411 0.1087  0.0173  12 DG B C8    
232 N N7    . DG B 6 ? 0.4421 0.3481 0.3737 -0.0384 0.1055  0.0180  12 DG B N7    
233 C C5    . DG B 6 ? 0.4736 0.3784 0.3926 -0.0184 0.1167  0.0138  12 DG B C5    
234 C C6    . DG B 6 ? 0.4842 0.3853 0.3753 -0.0015 0.1207  0.0142  12 DG B C6    
235 O O6    . DG B 6 ? 0.5067 0.3956 0.3754 -0.0016 0.1127  0.0153  12 DG B O6    
236 N N1    . DG B 6 ? 0.4736 0.3912 0.3634 0.0199  0.1355  0.0151  12 DG B N1    
237 C C2    . DG B 6 ? 0.4140 0.3443 0.3284 0.0215  0.1429  0.0141  12 DG B C2    
238 N N2    . DG B 6 ? 0.3961 0.3492 0.3100 0.0431  0.1567  0.0190  12 DG B N2    
239 N N3    . DG B 6 ? 0.3764 0.3022 0.3141 0.0057  0.1370  0.0104  12 DG B N3    
240 C C4    . DG B 6 ? 0.3941 0.3094 0.3315 -0.0123 0.1251  0.0110  12 DG B C4    
241 O "O5'" . DC C 1 ? 0.5458 0.6198 0.7216 0.0509  -0.0022 -0.1545 1  DC C "O5'" 
242 C "C5'" . DC C 1 ? 0.4323 0.5392 0.6155 0.0466  0.0083  -0.1684 1  DC C "C5'" 
243 C "C4'" . DC C 1 ? 0.4332 0.5678 0.6107 0.0238  0.0072  -0.1615 1  DC C "C4'" 
244 O "O4'" . DC C 1 ? 0.4544 0.6107 0.6488 0.0208  -0.0002 -0.1497 1  DC C "O4'" 
245 C "C3'" . DC C 1 ? 0.4398 0.5513 0.5935 0.0071  0.0036  -0.1538 1  DC C "C3'" 
246 O "O3'" . DC C 1 ? 0.4970 0.6132 0.6345 -0.0009 0.0124  -0.1680 1  DC C "O3'" 
247 C "C2'" . DC C 1 ? 0.4239 0.5591 0.5834 -0.0058 0.0037  -0.1374 1  DC C "C2'" 
248 C "C1'" . DC C 1 ? 0.4174 0.5674 0.6019 0.0016  -0.0009 -0.1373 1  DC C "C1'" 
249 N N1    . DC C 1 ? 0.4018 0.5322 0.5846 0.0010  -0.0131 -0.1293 1  DC C N1    
250 C C2    . DC C 1 ? 0.3586 0.4869 0.5422 -0.0157 -0.0116 -0.1200 1  DC C C2    
251 O O2    . DC C 1 ? 0.3808 0.5195 0.5679 -0.0271 0.0013  -0.1139 1  DC C O2    
252 N N3    . DC C 1 ? 0.3567 0.4713 0.5373 -0.0173 -0.0213 -0.1168 1  DC C N3    
253 C C4    . DC C 1 ? 0.3414 0.4492 0.5171 -0.0014 -0.0332 -0.1176 1  DC C C4    
254 N N4    . DC C 1 ? 0.3370 0.4395 0.5068 -0.0031 -0.0424 -0.1133 1  DC C N4    
255 C C5    . DC C 1 ? 0.3418 0.4472 0.5184 0.0186  -0.0330 -0.1215 1  DC C C5    
256 C C6    . DC C 1 ? 0.4245 0.5393 0.6054 0.0182  -0.0223 -0.1299 1  DC C C6    
257 P P     . DC C 2 ? 0.4772 0.5711 0.5914 -0.0153 0.0095  -0.1693 2  DC C P     
258 O OP1   . DC C 2 ? 0.5699 0.6830 0.6723 -0.0241 0.0200  -0.1943 2  DC C OP1   
259 O OP2   . DC C 2 ? 0.4949 0.5407 0.6099 -0.0085 0.0028  -0.1646 2  DC C OP2   
260 O "O5'" . DC C 2 ? 0.4171 0.5344 0.5254 -0.0263 0.0051  -0.1445 2  DC C "O5'" 
261 C "C5'" . DC C 2 ? 0.3852 0.5491 0.4924 -0.0304 0.0136  -0.1365 2  DC C "C5'" 
262 C "C4'" . DC C 2 ? 0.3828 0.5534 0.4901 -0.0350 0.0143  -0.1069 2  DC C "C4'" 
263 O "O4'" . DC C 2 ? 0.4171 0.5654 0.5441 -0.0325 0.0131  -0.0981 2  DC C "O4'" 
264 C "C3'" . DC C 2 ? 0.3559 0.5108 0.4485 -0.0410 0.0068  -0.0984 2  DC C "C3'" 
265 O "O3'" . DC C 2 ? 0.3665 0.5631 0.4414 -0.0472 0.0093  -0.0996 2  DC C "O3'" 
266 C "C2'" . DC C 2 ? 0.3956 0.5407 0.4987 -0.0401 0.0111  -0.0710 2  DC C "C2'" 
267 C "C1'" . DC C 2 ? 0.4085 0.5389 0.5332 -0.0371 0.0124  -0.0788 2  DC C "C1'" 
268 N N1    . DC C 2 ? 0.3629 0.4576 0.4913 -0.0359 0.0006  -0.0856 2  DC C N1    
269 C C2    . DC C 2 ? 0.3438 0.4203 0.4774 -0.0408 0.0019  -0.0734 2  DC C C2    
270 O O2    . DC C 2 ? 0.3556 0.4378 0.4936 -0.0447 0.0153  -0.0558 2  DC C O2    
271 N N3    . DC C 2 ? 0.3670 0.4214 0.5006 -0.0396 -0.0091 -0.0801 2  DC C N3    
272 C C4    . DC C 2 ? 0.3658 0.4138 0.4957 -0.0303 -0.0200 -0.0920 2  DC C C4    
273 N N4    . DC C 2 ? 0.3404 0.3739 0.4685 -0.0262 -0.0297 -0.0928 2  DC C N4    
274 C C5    . DC C 2 ? 0.3746 0.4316 0.5027 -0.0234 -0.0183 -0.1029 2  DC C C5    
275 C C6    . DC C 2 ? 0.3488 0.4300 0.4756 -0.0282 -0.0085 -0.1024 2  DC C C6    
276 P P     . DC C 3 ? 0.4208 0.6128 0.4803 -0.0581 0.0010  -0.1103 3  DC C P     
277 O OP1   . DC C 3 ? 0.5271 0.7856 0.5708 -0.0656 0.0041  -0.1145 3  DC C OP1   
278 O OP2   . DC C 3 ? 0.4346 0.5763 0.4969 -0.0600 -0.0025 -0.1360 3  DC C OP2   
279 O "O5'" . DC C 3 ? 0.4523 0.6249 0.5148 -0.0555 -0.0026 -0.0807 3  DC C "O5'" 
280 C "C5'" . DC C 3 ? 0.3803 0.5917 0.4414 -0.0503 0.0043  -0.0497 3  DC C "C5'" 
281 C "C4'" . DC C 3 ? 0.3660 0.5423 0.4364 -0.0453 0.0060  -0.0259 3  DC C "C4'" 
282 O "O4'" . DC C 3 ? 0.3869 0.5178 0.4727 -0.0434 0.0076  -0.0311 3  DC C "O4'" 
283 C "C3'" . DC C 3 ? 0.3820 0.5360 0.4452 -0.0520 -0.0044 -0.0320 3  DC C "C3'" 
284 O "O3'" . DC C 3 ? 0.4091 0.6120 0.4628 -0.0538 -0.0049 -0.0200 3  DC C "O3'" 
285 C "C2'" . DC C 3 ? 0.3915 0.5023 0.4669 -0.0464 -0.0001 -0.0166 3  DC C "C2'" 
286 C "C1'" . DC C 3 ? 0.4035 0.4964 0.4918 -0.0445 0.0034  -0.0268 3  DC C "C1'" 
287 N N1    . DC C 3 ? 0.3789 0.4382 0.4672 -0.0468 -0.0082 -0.0493 3  DC C N1    
288 C C2    . DC C 3 ? 0.3488 0.3759 0.4415 -0.0468 -0.0116 -0.0480 3  DC C C2    
289 O O2    . DC C 3 ? 0.4119 0.4329 0.5097 -0.0473 -0.0033 -0.0331 3  DC C O2    
290 N N3    . DC C 3 ? 0.3188 0.3253 0.4101 -0.0444 -0.0218 -0.0623 3  DC C N3    
291 C C4    . DC C 3 ? 0.3372 0.3445 0.4260 -0.0406 -0.0256 -0.0764 3  DC C C4    
292 N N4    . DC C 3 ? 0.3427 0.3294 0.4319 -0.0328 -0.0325 -0.0833 3  DC C N4    
293 C C5    . DC C 3 ? 0.3002 0.3329 0.3860 -0.0433 -0.0202 -0.0834 3  DC C C5    
294 C C6    . DC C 3 ? 0.3515 0.4140 0.4355 -0.0471 -0.0132 -0.0699 3  DC C C6    
295 P P     . DG C 4 ? 0.4084 0.6119 0.4527 -0.0687 -0.0153 -0.0380 4  DG C P     
296 O OP1   . DG C 4 ? 0.4860 0.7649 0.5235 -0.0703 -0.0154 -0.0261 4  DG C OP1   
297 O OP2   . DG C 4 ? 0.4693 0.6417 0.5104 -0.0806 -0.0193 -0.0739 4  DG C OP2   
298 O "O5'" . DG C 4 ? 0.3877 0.5391 0.4387 -0.0643 -0.0160 -0.0239 4  DG C "O5'" 
299 C "C5'" . DG C 4 ? 0.3319 0.4974 0.3890 -0.0526 -0.0085 0.0077  4  DG C "C5'" 
300 C "C4'" . DG C 4 ? 0.3383 0.4461 0.4023 -0.0493 -0.0063 0.0127  4  DG C "C4'" 
301 O "O4'" . DG C 4 ? 0.3031 0.3701 0.3722 -0.0495 -0.0068 -0.0014 4  DG C "O4'" 
302 C "C3'" . DG C 4 ? 0.3137 0.3992 0.3704 -0.0596 -0.0152 0.0006  4  DG C "C3'" 
303 O "O3'" . DG C 4 ? 0.3163 0.4352 0.3735 -0.0580 -0.0128 0.0174  4  DG C "O3'" 
304 C "C2'" . DG C 4 ? 0.3548 0.3875 0.4159 -0.0553 -0.0133 -0.0001 4  DG C "C2'" 
305 C "C1'" . DG C 4 ? 0.2901 0.3149 0.3576 -0.0524 -0.0120 -0.0092 4  DG C "C1'" 
306 N N9    . DG C 4 ? 0.3385 0.3430 0.4005 -0.0569 -0.0221 -0.0311 4  DG C N9    
307 C C8    . DG C 4 ? 0.2754 0.2926 0.3355 -0.0595 -0.0247 -0.0464 4  DG C C8    
308 N N7    . DG C 4 ? 0.3258 0.3140 0.3841 -0.0587 -0.0297 -0.0610 4  DG C N7    
309 C C5    . DG C 4 ? 0.3444 0.3061 0.4011 -0.0554 -0.0330 -0.0533 4  DG C C5    
310 C C6    . DG C 4 ? 0.3621 0.2949 0.4153 -0.0493 -0.0383 -0.0567 4  DG C C6    
311 O O6    . DG C 4 ? 0.3991 0.3173 0.4530 -0.0432 -0.0392 -0.0652 4  DG C O6    
312 N N1    . DG C 4 ? 0.3559 0.2796 0.4050 -0.0481 -0.0402 -0.0470 4  DG C N1    
313 C C2    . DG C 4 ? 0.3384 0.2714 0.3891 -0.0524 -0.0351 -0.0379 4  DG C C2    
314 N N2    . DG C 4 ? 0.3387 0.2611 0.3844 -0.0515 -0.0356 -0.0340 4  DG C N2    
315 N N3    . DG C 4 ? 0.3221 0.2760 0.3792 -0.0550 -0.0278 -0.0313 4  DG C N3    
316 C C4    . DG C 4 ? 0.3189 0.2897 0.3774 -0.0562 -0.0284 -0.0382 4  DG C C4    
317 P P     . DG C 5 ? 0.3247 0.4496 0.3749 -0.0748 -0.0207 0.0036  5  DG C P     
318 O OP1   . DG C 5 ? 0.3506 0.5333 0.4054 -0.0706 -0.0175 0.0235  5  DG C OP1   
319 O OP2   . DG C 5 ? 0.3782 0.5011 0.4216 -0.0914 -0.0268 -0.0262 5  DG C OP2   
320 O "O5'" . DG C 5 ? 0.3629 0.4258 0.4114 -0.0739 -0.0206 0.0026  5  DG C "O5'" 
321 C "C5'" . DG C 5 ? 0.2988 0.3521 0.3531 -0.0621 -0.0122 0.0222  5  DG C "C5'" 
322 C "C4'" . DG C 5 ? 0.3622 0.3655 0.4102 -0.0641 -0.0139 0.0147  5  DG C "C4'" 
323 O "O4'" . DG C 5 ? 0.3748 0.3486 0.4216 -0.0620 -0.0175 0.0023  5  DG C "O4'" 
324 C "C3'" . DG C 5 ? 0.3577 0.3486 0.3956 -0.0777 -0.0204 0.0043  5  DG C "C3'" 
325 O "O3'" . DG C 5 ? 0.3699 0.3821 0.4098 -0.0808 -0.0160 0.0151  5  DG C "O3'" 
326 C "C2'" . DG C 5 ? 0.3650 0.3117 0.3950 -0.0731 -0.0228 -0.0006 5  DG C "C2'" 
327 C "C1'" . DG C 5 ? 0.3845 0.3282 0.4203 -0.0662 -0.0246 -0.0073 5  DG C "C1'" 
328 N N9    . DG C 5 ? 0.3842 0.3200 0.4176 -0.0698 -0.0307 -0.0205 5  DG C N9    
329 C C8    . DG C 5 ? 0.2789 0.2364 0.3168 -0.0736 -0.0308 -0.0287 5  DG C C8    
330 N N7    . DG C 5 ? 0.3479 0.2870 0.3836 -0.0756 -0.0330 -0.0430 5  DG C N7    
331 C C5    . DG C 5 ? 0.3614 0.2658 0.3911 -0.0701 -0.0348 -0.0390 5  DG C C5    
332 C C6    . DG C 5 ? 0.3833 0.2561 0.4103 -0.0639 -0.0344 -0.0435 5  DG C C6    
333 O O6    . DG C 5 ? 0.4056 0.2677 0.4369 -0.0636 -0.0306 -0.0560 5  DG C O6    
334 N N1    . DG C 5 ? 0.3712 0.2255 0.3898 -0.0554 -0.0362 -0.0305 5  DG C N1    
335 C C2    . DG C 5 ? 0.4394 0.3040 0.4520 -0.0560 -0.0381 -0.0207 5  DG C C2    
336 N N2    . DG C 5 ? 0.3438 0.1965 0.3453 -0.0474 -0.0396 -0.0100 5  DG C N2    
337 N N3    . DG C 5 ? 0.3935 0.2804 0.4108 -0.0625 -0.0362 -0.0197 5  DG C N3    
338 C C4    . DG C 5 ? 0.3786 0.2846 0.4047 -0.0677 -0.0347 -0.0265 5  DG C C4    
339 P P     . DG C 6 ? 0.4020 0.4273 0.4391 -0.1012 -0.0181 0.0054  6  DG C P     
340 O OP1   . DG C 6 ? 0.3924 0.4479 0.4352 -0.1009 -0.0125 0.0196  6  DG C OP1   
341 O OP2   . DG C 6 ? 0.4154 0.4689 0.4552 -0.1134 -0.0219 -0.0109 6  DG C OP2   
342 O "O5'" . DG C 6 ? 0.4141 0.3814 0.4396 -0.1054 -0.0188 -0.0021 6  DG C "O5'" 
343 C "C5'" . DG C 6 ? 0.3073 0.2508 0.3248 -0.0968 -0.0160 0.0089  6  DG C "C5'" 
344 C "C4'" . DG C 6 ? 0.4193 0.3193 0.4246 -0.0971 -0.0167 0.0067  6  DG C "C4'" 
345 O "O4'" . DG C 6 ? 0.3663 0.2498 0.3712 -0.0884 -0.0226 -0.0013 6  DG C "O4'" 
346 C "C3'" . DG C 6 ? 0.4283 0.3133 0.4343 -0.1147 -0.0099 0.0019  6  DG C "C3'" 
347 O "O3'" . DG C 6 ? 0.4783 0.3688 0.4818 -0.1223 -0.0027 0.0123  6  DG C "O3'" 
348 C "C2'" . DG C 6 ? 0.4326 0.2721 0.4299 -0.1046 -0.0090 0.0036  6  DG C "C2'" 
349 C "C1'" . DG C 6 ? 0.4073 0.2557 0.4068 -0.0896 -0.0193 -0.0023 6  DG C "C1'" 
350 N N9    . DG C 6 ? 0.3658 0.2092 0.3737 -0.0938 -0.0188 -0.0180 6  DG C N9    
351 C C8    . DG C 6 ? 0.4050 0.2811 0.4223 -0.1043 -0.0202 -0.0318 6  DG C C8    
352 N N7    . DG C 6 ? 0.4286 0.2941 0.4504 -0.1069 -0.0178 -0.0479 6  DG C N7    
353 C C5    . DG C 6 ? 0.3903 0.2093 0.4081 -0.0949 -0.0133 -0.0417 6  DG C C5    
354 C C6    . DG C 6 ? 0.4868 0.2733 0.5094 -0.0882 -0.0058 -0.0511 6  DG C C6    
355 O O6    . DG C 6 ? 0.4244 0.2154 0.4548 -0.0949 -0.0017 -0.0721 6  DG C O6    
356 N N1    . DG C 6 ? 0.5216 0.2709 0.5388 -0.0696 -0.0012 -0.0320 6  DG C N1    
357 C C2    . DG C 6 ? 0.4959 0.2454 0.5013 -0.0612 -0.0051 -0.0094 6  DG C C2    
358 N N2    . DG C 6 ? 0.4758 0.1983 0.4754 -0.0402 0.0001  0.0109  6  DG C N2    
359 N N3    . DG C 6 ? 0.4176 0.1958 0.4175 -0.0707 -0.0117 -0.0057 6  DG C N3    
360 C C4    . DG C 6 ? 0.4710 0.2800 0.4790 -0.0863 -0.0148 -0.0216 6  DG C C4    
361 O "O5'" . DC D 1 ? 0.5904 0.5356 0.7324 0.0495  0.0942  0.0312  7  DC D "O5'" 
362 C "C5'" . DC D 1 ? 0.4129 0.3757 0.5723 0.0504  0.0649  0.0375  7  DC D "C5'" 
363 C "C4'" . DC D 1 ? 0.3841 0.3635 0.5065 0.0311  0.0212  0.0246  7  DC D "C4'" 
364 O "O4'" . DC D 1 ? 0.4101 0.3599 0.4573 0.0217  0.0261  0.0067  7  DC D "O4'" 
365 C "C3'" . DC D 1 ? 0.3433 0.3524 0.4903 0.0193  0.0013  0.0240  7  DC D "C3'" 
366 O "O3'" . DC D 1 ? 0.3778 0.4109 0.5834 0.0157  -0.0298 0.0424  7  DC D "O3'" 
367 C "C2'" . DC D 1 ? 0.3631 0.3603 0.4472 0.0043  -0.0145 0.0066  7  DC D "C2'" 
368 C "C1'" . DC D 1 ? 0.4101 0.3774 0.4473 0.0072  0.0055  -0.0021 7  DC D "C1'" 
369 N N1    . DC D 1 ? 0.4559 0.4103 0.4704 0.0017  0.0169  -0.0085 7  DC D N1    
370 C C2    . DC D 1 ? 0.4111 0.3778 0.4218 -0.0103 0.0027  -0.0144 7  DC D C2    
371 O O2    . DC D 1 ? 0.3945 0.3749 0.4128 -0.0152 -0.0093 -0.0164 7  DC D O2    
372 N N3    . DC D 1 ? 0.4382 0.3899 0.4314 -0.0166 0.0051  -0.0159 7  DC D N3    
373 C C4    . DC D 1 ? 0.4569 0.3685 0.4159 -0.0143 0.0225  -0.0145 7  DC D C4    
374 N N4    . DC D 1 ? 0.4209 0.3027 0.3462 -0.0252 0.0179  -0.0149 7  DC D N4    
375 C C5    . DC D 1 ? 0.4694 0.3578 0.4224 -0.0011 0.0485  -0.0108 7  DC D C5    
376 C C6    . DC D 1 ? 0.4871 0.4054 0.4794 0.0080  0.0438  -0.0065 7  DC D C6    
377 P P     . DC D 2 ? 0.3417 0.4027 0.5986 0.0052  -0.0474 0.0520  8  DC D P     
378 O OP1   . DC D 2 ? 0.4472 0.5218 0.7668 -0.0022 -0.0909 0.0787  8  DC D OP1   
379 O OP2   . DC D 2 ? 0.3665 0.4347 0.6537 0.0168  -0.0045 0.0517  8  DC D OP2   
380 O "O5'" . DC D 2 ? 0.4025 0.4456 0.5822 -0.0137 -0.0637 0.0310  8  DC D "O5'" 
381 C "C5'" . DC D 2 ? 0.3258 0.3378 0.4494 -0.0286 -0.0934 0.0273  8  DC D "C5'" 
382 C "C4'" . DC D 2 ? 0.3647 0.3524 0.4251 -0.0406 -0.0857 0.0087  8  DC D "C4'" 
383 O "O4'" . DC D 2 ? 0.3447 0.3368 0.3903 -0.0306 -0.0534 -0.0049 8  DC D "O4'" 
384 C "C3'" . DC D 2 ? 0.3346 0.3336 0.4123 -0.0489 -0.0882 0.0089  8  DC D "C3'" 
385 O "O3'" . DC D 2 ? 0.3699 0.3404 0.4285 -0.0698 -0.1269 0.0191  8  DC D "O3'" 
386 C "C2'" . DC D 2 ? 0.3669 0.3496 0.4003 -0.0493 -0.0616 -0.0090 8  DC D "C2'" 
387 C "C1'" . DC D 2 ? 0.3607 0.3545 0.3993 -0.0354 -0.0415 -0.0133 8  DC D "C1'" 
388 N N1    . DC D 2 ? 0.3397 0.3561 0.4068 -0.0261 -0.0249 -0.0134 8  DC D N1    
389 C C2    . DC D 2 ? 0.3275 0.3440 0.3896 -0.0290 -0.0152 -0.0191 8  DC D C2    
390 O O2    . DC D 2 ? 0.3789 0.3843 0.4278 -0.0354 -0.0133 -0.0232 8  DC D O2    
391 N N3    . DC D 2 ? 0.3155 0.3331 0.3822 -0.0251 -0.0058 -0.0182 8  DC D N3    
392 C C4    . DC D 2 ? 0.3413 0.3524 0.4116 -0.0171 0.0055  -0.0138 8  DC D C4    
393 N N4    . DC D 2 ? 0.3654 0.3519 0.4143 -0.0165 0.0202  -0.0141 8  DC D N4    
394 C C5    . DC D 2 ? 0.3020 0.3201 0.3942 -0.0098 0.0045  -0.0068 8  DC D C5    
395 C C6    . DC D 2 ? 0.3126 0.3372 0.4056 -0.0154 -0.0165 -0.0058 8  DC D C6    
396 P P     . DC D 3 ? 0.4134 0.4046 0.5225 -0.0812 -0.1473 0.0322  9  DC D P     
397 O OP1   . DC D 3 ? 0.4510 0.3901 0.5163 -0.1105 -0.2003 0.0451  9  DC D OP1   
398 O OP2   . DC D 3 ? 0.3726 0.4220 0.5851 -0.0627 -0.1322 0.0471  9  DC D OP2   
399 O "O5'" . DC D 3 ? 0.3935 0.3777 0.4666 -0.0810 -0.1153 0.0124  9  DC D "O5'" 
400 C "C5'" . DC D 3 ? 0.4181 0.3405 0.4025 -0.0958 -0.1120 -0.0005 9  DC D "C5'" 
401 C "C4'" . DC D 3 ? 0.4350 0.3651 0.4159 -0.0867 -0.0733 -0.0146 9  DC D "C4'" 
402 O "O4'" . DC D 3 ? 0.3774 0.3451 0.3931 -0.0661 -0.0472 -0.0193 9  DC D "O4'" 
403 C "C3'" . DC D 3 ? 0.3749 0.3345 0.3976 -0.0887 -0.0748 -0.0110 9  DC D "C3'" 
404 O "O3'" . DC D 3 ? 0.4484 0.3590 0.4218 -0.1117 -0.0937 -0.0099 9  DC D "O3'" 
405 C "C2'" . DC D 3 ? 0.3409 0.3159 0.3715 -0.0734 -0.0384 -0.0218 9  DC D "C2'" 
406 C "C1'" . DC D 3 ? 0.3384 0.3297 0.3811 -0.0595 -0.0293 -0.0226 9  DC D "C1'" 
407 N N1    . DC D 3 ? 0.2980 0.3262 0.3859 -0.0477 -0.0256 -0.0174 9  DC D N1    
408 C C2    . DC D 3 ? 0.2974 0.3332 0.3935 -0.0420 -0.0100 -0.0200 9  DC D C2    
409 O O2    . DC D 3 ? 0.3205 0.3470 0.4064 -0.0448 -0.0041 -0.0238 9  DC D O2    
410 N N3    . DC D 3 ? 0.2961 0.3372 0.4052 -0.0343 0.0003  -0.0164 9  DC D N3    
411 C C4    . DC D 3 ? 0.2888 0.3372 0.4204 -0.0279 0.0026  -0.0093 9  DC D C4    
412 N N4    . DC D 3 ? 0.3044 0.3402 0.4387 -0.0190 0.0266  -0.0057 9  DC D N4    
413 C C5    . DC D 3 ? 0.2255 0.2820 0.3717 -0.0314 -0.0178 -0.0032 9  DC D C5    
414 C C6    . DC D 3 ? 0.2409 0.2825 0.3557 -0.0435 -0.0349 -0.0082 9  DC D C6    
415 P P     . DG D 4 ? 0.4251 0.3596 0.4454 -0.1237 -0.1149 0.0014  10 DG D P     
416 O OP1   . DG D 4 ? 0.5041 0.3627 0.4430 -0.1537 -0.1406 0.0020  10 DG D OP1   
417 O OP2   . DG D 4 ? 0.4481 0.4394 0.5617 -0.1176 -0.1341 0.0209  10 DG D OP2   
418 O "O5'" . DG D 4 ? 0.3419 0.3074 0.3872 -0.1063 -0.0742 -0.0097 10 DG D "O5'" 
419 C "C5'" . DG D 4 ? 0.3763 0.3001 0.3666 -0.1088 -0.0512 -0.0219 10 DG D "C5'" 
420 C "C4'" . DG D 4 ? 0.3878 0.3467 0.4157 -0.0904 -0.0215 -0.0268 10 DG D "C4'" 
421 O "O4'" . DG D 4 ? 0.3862 0.3811 0.4491 -0.0734 -0.0140 -0.0256 10 DG D "O4'" 
422 C "C3'" . DG D 4 ? 0.3203 0.3068 0.3873 -0.0929 -0.0245 -0.0219 10 DG D "C3'" 
423 O "O3'" . DG D 4 ? 0.3620 0.3120 0.3930 -0.1068 -0.0240 -0.0251 10 DG D "O3'" 
424 C "C2'" . DG D 4 ? 0.2996 0.3089 0.3886 -0.0746 -0.0020 -0.0247 10 DG D "C2'" 
425 C "C1'" . DG D 4 ? 0.3054 0.3241 0.3976 -0.0648 -0.0027 -0.0245 10 DG D "C1'" 
426 N N9    . DG D 4 ? 0.2888 0.3314 0.4132 -0.0584 -0.0030 -0.0182 10 DG D N9    
427 C C8    . DG D 4 ? 0.2117 0.2665 0.3585 -0.0583 -0.0147 -0.0108 10 DG D C8    
428 N N7    . DG D 4 ? 0.2142 0.2830 0.3948 -0.0482 0.0003  -0.0040 10 DG D N7    
429 C C5    . DG D 4 ? 0.2962 0.3508 0.4578 -0.0446 0.0211  -0.0091 10 DG D C5    
430 C C6    . DG D 4 ? 0.2917 0.3276 0.4498 -0.0366 0.0501  -0.0066 10 DG D C6    
431 O O6    . DG D 4 ? 0.2887 0.3207 0.4709 -0.0274 0.0721  0.0013  10 DG D O6    
432 N N1    . DG D 4 ? 0.3042 0.3109 0.4199 -0.0402 0.0569  -0.0123 10 DG D N1    
433 C C2    . DG D 4 ? 0.3109 0.3195 0.4117 -0.0471 0.0390  -0.0172 10 DG D C2    
434 N N2    . DG D 4 ? 0.3495 0.3267 0.4157 -0.0502 0.0427  -0.0180 10 DG D N2    
435 N N3    . DG D 4 ? 0.3338 0.3611 0.4460 -0.0510 0.0222  -0.0194 10 DG D N3    
436 C C4    . DG D 4 ? 0.2668 0.3110 0.3999 -0.0510 0.0138  -0.0165 10 DG D C4    
437 P P     . DG D 5 ? 0.3857 0.3510 0.4486 -0.1192 -0.0355 -0.0177 11 DG D P     
438 O OP1   . DG D 5 ? 0.5033 0.4117 0.5046 -0.1371 -0.0374 -0.0226 11 DG D OP1   
439 O OP2   . DG D 5 ? 0.4094 0.4082 0.5315 -0.1263 -0.0620 -0.0017 11 DG D OP2   
440 O "O5'" . DG D 5 ? 0.3771 0.3725 0.4727 -0.1002 -0.0071 -0.0206 11 DG D "O5'" 
441 C "C5'" . DG D 5 ? 0.2587 0.2324 0.3267 -0.0939 0.0120  -0.0278 11 DG D "C5'" 
442 C "C4'" . DG D 5 ? 0.2674 0.2556 0.3562 -0.0860 0.0246  -0.0259 11 DG D "C4'" 
443 O "O4'" . DG D 5 ? 0.2937 0.2942 0.3918 -0.0733 0.0289  -0.0241 11 DG D "O4'" 
444 C "C3'" . DG D 5 ? 0.2832 0.2853 0.4029 -0.0952 0.0251  -0.0198 11 DG D "C3'" 
445 O "O3'" . DG D 5 ? 0.2898 0.2717 0.3933 -0.1083 0.0235  -0.0211 11 DG D "O3'" 
446 C "C2'" . DG D 5 ? 0.2756 0.2751 0.3964 -0.0833 0.0462  -0.0189 11 DG D "C2'" 
447 C "C1'" . DG D 5 ? 0.2973 0.2987 0.4063 -0.0723 0.0419  -0.0204 11 DG D "C1'" 
448 N N9    . DG D 5 ? 0.3315 0.3521 0.4714 -0.0684 0.0452  -0.0151 11 DG D N9    
449 C C8    . DG D 5 ? 0.2939 0.3359 0.4580 -0.0713 0.0274  -0.0117 11 DG D C8    
450 N N7    . DG D 5 ? 0.2578 0.3148 0.4584 -0.0646 0.0356  -0.0034 11 DG D N7    
451 C C5    . DG D 5 ? 0.2969 0.3322 0.4877 -0.0568 0.0682  -0.0031 11 DG D C5    
452 C C6    . DG D 5 ? 0.2927 0.3154 0.5027 -0.0460 0.1022  0.0044  11 DG D C6    
453 O O6    . DG D 5 ? 0.2975 0.3397 0.5565 -0.0387 0.1078  0.0146  11 DG D O6    
454 N N1    . DG D 5 ? 0.3260 0.2964 0.4853 -0.0442 0.1354  0.0007  11 DG D N1    
455 C C2    . DG D 5 ? 0.3560 0.2991 0.4623 -0.0524 0.1270  -0.0072 11 DG D C2    
456 N N2    . DG D 5 ? 0.4077 0.2842 0.4526 -0.0530 0.1580  -0.0086 11 DG D N2    
457 N N3    . DG D 5 ? 0.3089 0.2762 0.4156 -0.0596 0.0940  -0.0120 11 DG D N3    
458 C C4    . DG D 5 ? 0.3217 0.3312 0.4683 -0.0610 0.0703  -0.0105 11 DG D C4    
459 P P     . DG D 6 ? 0.3756 0.3700 0.5208 -0.1273 0.0127  -0.0102 12 DG D P     
460 O OP1   . DG D 6 ? 0.4219 0.3816 0.5284 -0.1418 0.0102  -0.0145 12 DG D OP1   
461 O OP2   . DG D 6 ? 0.3582 0.3716 0.5397 -0.1374 -0.0155 0.0014  12 DG D OP2   
462 O "O5'" . DG D 6 ? 0.3729 0.3848 0.5591 -0.1156 0.0433  -0.0047 12 DG D "O5'" 
463 C "C5'" . DG D 6 ? 0.3167 0.3587 0.5823 -0.1191 0.0497  0.0120  12 DG D "C5'" 
464 C "C4'" . DG D 6 ? 0.3246 0.3546 0.5973 -0.1028 0.0966  0.0131  12 DG D "C4'" 
465 O "O4'" . DG D 6 ? 0.3195 0.3395 0.5588 -0.0867 0.1039  0.0067  12 DG D "O4'" 
466 C "C3'" . DG D 6 ? 0.3046 0.3561 0.6648 -0.0994 0.1209  0.0331  12 DG D "C3'" 
467 O "O3'" . DG D 6 ? 0.3330 0.3770 0.7047 -0.1075 0.1293  0.0376  12 DG D "O3'" 
468 C "C2'" . DG D 6 ? 0.3283 0.3435 0.6586 -0.0798 0.1707  0.0291  12 DG D "C2'" 
469 C "C1'" . DG D 6 ? 0.3260 0.3370 0.5985 -0.0754 0.1456  0.0163  12 DG D "C1'" 
470 N N9    . DG D 6 ? 0.3151 0.3610 0.6440 -0.0691 0.1347  0.0264  12 DG D N9    
471 C C8    . DG D 6 ? 0.2518 0.3324 0.6019 -0.0775 0.0869  0.0290  12 DG D C8    
472 N N7    . DG D 6 ? 0.2660 0.3681 0.6652 -0.0696 0.0848  0.0406  12 DG D N7    
473 C C5    . DG D 6 ? 0.3227 0.4004 0.7304 -0.0515 0.1382  0.0449  12 DG D C5    
474 C C6    . DG D 6 ? 0.3193 0.3919 0.7609 -0.0325 0.1627  0.0560  12 DG D C6    
475 O O6    . DG D 6 ? 0.2620 0.3621 0.7447 -0.0286 0.1380  0.0663  12 DG D O6    
476 N N1    . DG D 6 ? 0.3325 0.3478 0.7444 -0.0180 0.2229  0.0546  12 DG D N1    
477 C C2    . DG D 6 ? 0.3830 0.3509 0.7336 -0.0226 0.2513  0.0438  12 DG D C2    
478 N N2    . DG D 6 ? 0.4337 0.3256 0.7398 -0.0088 0.3081  0.0423  12 DG D N2    
479 N N3    . DG D 6 ? 0.3317 0.3122 0.6571 -0.0403 0.2259  0.0351  12 DG D N3    
480 C C4    . DG D 6 ? 0.3293 0.3669 0.6899 -0.0533 0.1715  0.0361  12 DG D C4    
# 
